data_3MME
#
_entry.id   3MME
#
_cell.length_a   191.961
_cell.length_b   230.804
_cell.length_c   82.096
_cell.angle_alpha   90.00
_cell.angle_beta   90.00
_cell.angle_gamma   90.00
#
_symmetry.space_group_name_H-M   'C 2 2 2'
#
loop_
_entity.id
_entity.type
_entity.pdbx_description
1 polymer 'PG16 HEAVY CHAIN FAB'
2 polymer 'PG16 LIGHT CHAIN FAB'
3 branched beta-D-mannopyranose-(1-4)-2-acetamido-2-deoxy-beta-D-glucopyranose-(1-4)-2-acetamido-2-deoxy-beta-D-glucopyranose
4 branched 2-acetamido-2-deoxy-beta-D-glucopyranose-(1-4)-2-acetamido-2-deoxy-beta-D-glucopyranose
5 non-polymer 2-acetamido-2-deoxy-beta-D-glucopyranose
#
loop_
_entity_poly.entity_id
_entity_poly.type
_entity_poly.pdbx_seq_one_letter_code
_entity_poly.pdbx_strand_id
1 'polypeptide(L)'
;QEQLVESGGGVVQPGGSLRLSCLASGFTFHKYGMHWVRQAPGKGLEWVALISDDGMRKYHSDSMWGRVTISRDNSKNTLY
LQFSSLKVEDTAMFFCAREAGGPIWHDDVKYYDFNDGYYNYHYMDVWGKGTTVTVSSASTKGPSVFPLAPSSKSTSGGTA
ALGCLVKDYFPEPVTVSWNSGALTSGVHTFPAVLQSSGLYSLSSVVTVPSSSLGTQTYICNVNHKPSNTKVDKRVEPK
;
H,A,C
2 'polypeptide(L)'
;QSALTQPASVSGSPGQTITISCNGTSSDVGGFDSVSWYQQSPGKAPKVMVFDVSHRPSGISNRFSGSKSGNTASLTISGL
HIEDEGDYFCSSLTDRSHRIFGGGTKVTVLGQPKAAPSVTLFPPSSEELQANKATLVCLISDFYPGAVTVAWKADSSPVK
AGVETTTPSKQSNNKYAASSYLSLTPEQWKSHKSYSCQVTHEGSTVEKTVAPTECS
;
L,B,D
#
loop_
_chem_comp.id
_chem_comp.type
_chem_comp.name
_chem_comp.formula
BMA D-saccharide, beta linking beta-D-mannopyranose 'C6 H12 O6'
NAG D-saccharide, beta linking 2-acetamido-2-deoxy-beta-D-glucopyranose 'C8 H15 N O6'
#
# COMPACT_ATOMS: atom_id res chain seq x y z
N GLN A 1 -4.38 -47.50 28.60
CA GLN A 1 -4.49 -48.05 27.25
C GLN A 1 -3.31 -47.62 26.39
N GLU A 2 -3.55 -47.51 25.09
CA GLU A 2 -2.51 -47.08 24.15
C GLU A 2 -1.82 -45.82 24.66
N GLN A 3 -0.54 -45.93 24.95
CA GLN A 3 0.20 -44.83 25.57
C GLN A 3 1.70 -44.87 25.24
N LEU A 4 2.30 -43.70 25.11
CA LEU A 4 3.73 -43.58 24.93
C LEU A 4 4.28 -42.58 25.92
N VAL A 5 5.43 -42.92 26.52
CA VAL A 5 6.10 -42.01 27.45
C VAL A 5 7.53 -41.74 26.99
N GLU A 6 7.85 -40.46 26.83
CA GLU A 6 9.19 -40.04 26.42
C GLU A 6 10.08 -39.69 27.63
N SER A 7 11.34 -40.15 27.59
CA SER A 7 12.28 -39.94 28.70
C SER A 7 13.73 -39.99 28.25
N GLY A 8 14.63 -39.44 29.07
CA GLY A 8 16.04 -39.39 28.75
C GLY A 8 16.47 -37.99 28.37
N GLY A 9 15.60 -37.04 28.65
CA GLY A 9 15.83 -35.66 28.27
C GLY A 9 16.50 -34.82 29.34
N GLY A 10 16.85 -33.59 28.98
CA GLY A 10 17.50 -32.67 29.90
C GLY A 10 18.36 -31.65 29.18
N VAL A 11 19.44 -31.23 29.83
CA VAL A 11 20.41 -30.33 29.22
C VAL A 11 21.71 -31.08 28.94
N VAL A 12 22.27 -30.86 27.76
CA VAL A 12 23.44 -31.60 27.32
C VAL A 12 24.46 -30.73 26.60
N GLN A 13 25.71 -31.21 26.53
CA GLN A 13 26.79 -30.49 25.90
C GLN A 13 26.78 -30.67 24.38
N PRO A 14 27.16 -29.61 23.65
CA PRO A 14 27.37 -29.74 22.20
C PRO A 14 28.52 -30.69 21.91
N GLY A 15 28.46 -31.40 20.80
CA GLY A 15 29.51 -32.35 20.44
C GLY A 15 29.44 -33.65 21.23
N GLY A 16 28.56 -33.69 22.23
CA GLY A 16 28.38 -34.89 23.03
C GLY A 16 27.41 -35.87 22.39
N SER A 17 27.26 -37.04 22.99
CA SER A 17 26.33 -38.04 22.51
C SER A 17 25.15 -38.21 23.45
N LEU A 18 23.97 -38.43 22.88
CA LEU A 18 22.76 -38.61 23.68
C LEU A 18 21.90 -39.75 23.15
N ARG A 19 21.09 -40.33 24.03
CA ARG A 19 20.22 -41.43 23.64
C ARG A 19 18.88 -41.35 24.37
N LEU A 20 17.82 -41.08 23.62
CA LEU A 20 16.47 -40.99 24.15
C LEU A 20 15.80 -42.36 24.16
N SER A 21 14.76 -42.51 24.97
CA SER A 21 14.08 -43.80 25.10
C SER A 21 12.57 -43.63 25.29
N CYS A 22 11.80 -44.22 24.38
CA CYS A 22 10.35 -44.17 24.43
C CYS A 22 9.81 -45.50 24.97
N LEU A 23 8.78 -45.44 25.79
CA LEU A 23 8.19 -46.66 26.38
C LEU A 23 6.69 -46.74 26.09
N ALA A 24 6.28 -47.87 25.50
CA ALA A 24 4.89 -48.04 25.09
C ALA A 24 4.14 -48.97 26.04
N SER A 25 2.84 -49.11 25.78
CA SER A 25 1.97 -49.94 26.59
C SER A 25 0.53 -49.77 26.14
N GLY A 26 -0.26 -50.83 26.30
CA GLY A 26 -1.64 -50.80 25.90
C GLY A 26 -1.85 -51.23 24.47
N PHE A 27 -0.80 -51.75 23.82
CA PHE A 27 -0.92 -52.26 22.46
C PHE A 27 0.24 -53.17 22.06
N THR A 28 0.01 -54.00 21.04
CA THR A 28 1.04 -54.90 20.55
C THR A 28 2.16 -54.10 19.89
N PHE A 29 3.24 -53.92 20.64
CA PHE A 29 4.35 -53.08 20.20
C PHE A 29 4.99 -53.56 18.90
N HIS A 30 5.34 -54.83 18.84
CA HIS A 30 6.08 -55.39 17.70
C HIS A 30 5.29 -55.48 16.38
N LYS A 31 4.10 -54.89 16.35
CA LYS A 31 3.28 -54.92 15.14
C LYS A 31 3.21 -53.59 14.40
N TYR A 32 3.62 -52.51 15.06
CA TYR A 32 3.52 -51.19 14.45
C TYR A 32 4.88 -50.55 14.17
N GLY A 33 4.89 -49.58 13.26
CA GLY A 33 6.07 -48.80 12.98
C GLY A 33 6.11 -47.63 13.94
N MET A 34 7.29 -47.02 14.08
CA MET A 34 7.44 -45.95 15.06
C MET A 34 8.17 -44.74 14.49
N HIS A 35 7.81 -43.57 15.02
CA HIS A 35 8.37 -42.32 14.52
C HIS A 35 9.01 -41.50 15.65
N TRP A 36 9.96 -40.66 15.26
CA TRP A 36 10.43 -39.58 16.12
C TRP A 36 10.08 -38.27 15.43
N VAL A 37 9.40 -37.38 16.15
CA VAL A 37 9.09 -36.04 15.64
C VAL A 37 9.58 -34.97 16.60
N ARG A 38 10.32 -34.00 16.08
CA ARG A 38 10.89 -32.94 16.93
C ARG A 38 10.19 -31.61 16.71
N GLN A 39 10.31 -30.73 17.71
CA GLN A 39 9.64 -29.44 17.64
C GLN A 39 10.44 -28.38 18.42
N ALA A 40 11.30 -27.67 17.70
CA ALA A 40 12.06 -26.58 18.28
C ALA A 40 11.10 -25.59 18.92
N PRO A 41 11.53 -24.94 20.00
CA PRO A 41 10.71 -23.99 20.76
C PRO A 41 9.96 -23.01 19.86
N GLY A 42 8.63 -22.98 19.99
CA GLY A 42 7.79 -22.07 19.23
C GLY A 42 7.78 -22.30 17.73
N LYS A 43 8.43 -23.37 17.29
CA LYS A 43 8.48 -23.69 15.86
C LYS A 43 7.42 -24.71 15.48
N GLY A 44 7.53 -25.25 14.28
CA GLY A 44 6.60 -26.25 13.79
C GLY A 44 7.14 -27.66 13.93
N LEU A 45 6.28 -28.64 13.73
CA LEU A 45 6.70 -30.04 13.79
C LEU A 45 7.68 -30.38 12.68
N GLU A 46 8.61 -31.29 12.97
CA GLU A 46 9.60 -31.71 11.99
C GLU A 46 9.86 -33.21 12.09
N TRP A 47 9.80 -33.89 10.95
CA TRP A 47 10.01 -35.34 10.90
C TRP A 47 11.47 -35.70 11.08
N VAL A 48 11.74 -36.71 11.92
CA VAL A 48 13.11 -37.11 12.23
C VAL A 48 13.45 -38.48 11.66
N ALA A 49 12.70 -39.51 12.05
CA ALA A 49 12.94 -40.87 11.59
C ALA A 49 11.74 -41.79 11.75
N LEU A 50 11.73 -42.85 10.95
CA LEU A 50 10.69 -43.88 10.99
C LEU A 50 11.33 -45.27 10.96
N ILE A 51 10.95 -46.12 11.90
CA ILE A 51 11.46 -47.49 11.96
C ILE A 51 10.34 -48.52 11.75
N SER A 52 10.63 -49.54 10.95
CA SER A 52 9.65 -50.59 10.68
C SER A 52 9.41 -51.49 11.89
N ASP A 53 8.27 -52.17 11.89
CA ASP A 53 7.85 -53.03 12.99
C ASP A 53 8.95 -53.96 13.53
N ASP A 54 9.61 -54.70 12.64
CA ASP A 54 10.63 -55.65 13.05
C ASP A 54 12.00 -54.98 13.23
N GLY A 55 12.09 -53.70 12.86
CA GLY A 55 13.30 -52.93 13.10
C GLY A 55 14.43 -53.26 12.15
N MET A 56 14.11 -53.98 11.08
CA MET A 56 15.09 -54.33 10.06
C MET A 56 15.02 -53.34 8.90
N ARG A 57 14.21 -52.29 9.07
CA ARG A 57 14.14 -51.21 8.08
C ARG A 57 14.05 -49.84 8.77
N LYS A 58 14.93 -48.93 8.37
CA LYS A 58 14.95 -47.59 8.95
C LYS A 58 14.92 -46.48 7.89
N TYR A 59 14.33 -45.35 8.25
CA TYR A 59 14.27 -44.20 7.37
C TYR A 59 14.60 -42.94 8.16
N HIS A 60 15.50 -42.11 7.62
CA HIS A 60 15.91 -40.90 8.31
C HIS A 60 15.68 -39.66 7.46
N SER A 61 15.61 -38.51 8.12
CA SER A 61 15.45 -37.23 7.44
C SER A 61 16.76 -36.84 6.77
N ASP A 62 16.66 -36.38 5.53
CA ASP A 62 17.83 -36.01 4.76
C ASP A 62 18.54 -34.80 5.37
N SER A 63 17.82 -34.08 6.23
CA SER A 63 18.36 -32.88 6.86
C SER A 63 19.02 -33.18 8.21
N MET A 64 18.93 -34.42 8.65
CA MET A 64 19.61 -34.85 9.87
C MET A 64 21.07 -35.16 9.59
N TRP A 65 21.41 -35.16 8.30
CA TRP A 65 22.77 -35.37 7.84
C TRP A 65 23.38 -36.64 8.42
N GLY A 66 22.52 -37.60 8.75
CA GLY A 66 22.95 -38.86 9.31
C GLY A 66 23.58 -38.74 10.69
N ARG A 67 23.17 -37.71 11.43
CA ARG A 67 23.66 -37.50 12.79
C ARG A 67 22.80 -38.26 13.79
N VAL A 68 21.72 -38.85 13.31
CA VAL A 68 20.81 -39.58 14.17
C VAL A 68 20.69 -41.04 13.73
N THR A 69 20.48 -41.94 14.70
CA THR A 69 20.24 -43.35 14.41
C THR A 69 19.07 -43.86 15.26
N ILE A 70 18.08 -44.45 14.60
CA ILE A 70 16.89 -44.96 15.28
C ILE A 70 16.97 -46.48 15.44
N SER A 71 16.54 -46.96 16.61
CA SER A 71 16.59 -48.38 16.92
C SER A 71 15.45 -48.75 17.86
N ARG A 72 15.28 -50.05 18.09
CA ARG A 72 14.21 -50.52 18.95
C ARG A 72 14.52 -51.88 19.57
N ASP A 73 13.94 -52.12 20.73
CA ASP A 73 14.09 -53.40 21.42
C ASP A 73 12.70 -53.94 21.72
N ASN A 74 12.12 -54.64 20.75
CA ASN A 74 10.74 -55.13 20.84
C ASN A 74 10.43 -55.97 22.08
N SER A 75 11.47 -56.59 22.65
CA SER A 75 11.29 -57.39 23.86
C SER A 75 11.08 -56.51 25.08
N LYS A 76 11.39 -55.22 24.95
CA LYS A 76 11.22 -54.28 26.04
C LYS A 76 10.09 -53.30 25.77
N ASN A 77 9.44 -53.43 24.61
CA ASN A 77 8.44 -52.46 24.19
C ASN A 77 8.99 -51.04 24.30
N THR A 78 10.22 -50.84 23.85
CA THR A 78 10.89 -49.55 23.96
C THR A 78 11.56 -49.09 22.65
N LEU A 79 11.38 -47.81 22.33
CA LEU A 79 11.95 -47.22 21.12
C LEU A 79 13.12 -46.31 21.47
N TYR A 80 14.18 -46.35 20.67
CA TYR A 80 15.37 -45.55 20.96
C TYR A 80 15.74 -44.59 19.84
N LEU A 81 16.30 -43.44 20.23
CA LEU A 81 16.94 -42.52 19.29
C LEU A 81 18.28 -42.14 19.89
N GLN A 82 19.28 -41.97 19.04
CA GLN A 82 20.62 -41.68 19.52
C GLN A 82 21.29 -40.61 18.68
N PHE A 83 22.08 -39.77 19.35
CA PHE A 83 22.71 -38.63 18.70
C PHE A 83 24.22 -38.71 18.73
N SER A 84 24.86 -37.80 18.00
CA SER A 84 26.30 -37.63 18.03
C SER A 84 26.61 -36.24 17.50
N SER A 85 27.62 -35.61 18.10
CA SER A 85 27.96 -34.23 17.75
C SER A 85 26.70 -33.38 17.75
N LEU A 86 26.05 -33.30 18.90
CA LEU A 86 24.86 -32.47 19.03
C LEU A 86 25.18 -31.03 18.66
N LYS A 87 24.15 -30.26 18.35
CA LYS A 87 24.32 -28.84 18.07
C LYS A 87 23.29 -28.04 18.85
N VAL A 88 23.58 -26.76 19.08
CA VAL A 88 22.66 -25.91 19.82
C VAL A 88 21.32 -25.81 19.08
N GLU A 89 21.36 -25.95 17.76
CA GLU A 89 20.16 -25.85 16.95
C GLU A 89 19.34 -27.14 17.05
N ASP A 90 19.89 -28.12 17.76
CA ASP A 90 19.21 -29.38 17.99
C ASP A 90 18.28 -29.28 19.21
N THR A 91 18.15 -28.07 19.75
CA THR A 91 17.22 -27.80 20.84
C THR A 91 15.77 -27.90 20.33
N ALA A 92 14.99 -28.79 20.94
CA ALA A 92 13.62 -29.03 20.49
C ALA A 92 12.86 -29.99 21.41
N MET A 93 11.58 -30.17 21.13
CA MET A 93 10.77 -31.20 21.80
C MET A 93 10.77 -32.46 20.95
N PHE A 94 10.98 -33.61 21.59
CA PHE A 94 11.10 -34.86 20.86
C PHE A 94 9.93 -35.79 21.15
N PHE A 95 9.00 -35.88 20.20
CA PHE A 95 7.80 -36.70 20.36
C PHE A 95 8.02 -38.14 19.87
N CYS A 96 7.33 -39.06 20.52
CA CYS A 96 7.29 -40.45 20.09
C CYS A 96 5.91 -40.71 19.49
N ALA A 97 5.87 -41.25 18.27
CA ALA A 97 4.62 -41.42 17.55
C ALA A 97 4.49 -42.74 16.81
N ARG A 98 3.42 -43.48 17.09
CA ARG A 98 3.15 -44.74 16.43
C ARG A 98 2.64 -44.52 15.00
N GLU A 99 2.99 -45.44 14.11
CA GLU A 99 2.52 -45.41 12.73
C GLU A 99 1.25 -46.25 12.59
N ALA A 100 0.14 -45.63 12.24
CA ALA A 100 -1.12 -46.35 12.07
C ALA A 100 -0.91 -47.52 11.11
N GLY A 101 -1.73 -48.56 11.23
CA GLY A 101 -1.58 -49.74 10.40
C GLY A 101 -2.57 -50.83 10.71
N GLY A 102 -2.63 -51.81 9.81
CA GLY A 102 -3.55 -52.92 9.94
C GLY A 102 -3.73 -53.64 8.63
N PRO A 103 -4.65 -54.63 8.62
CA PRO A 103 -4.96 -55.41 7.42
C PRO A 103 -5.42 -54.52 6.27
N ILE A 104 -5.36 -55.06 5.06
CA ILE A 104 -5.96 -54.39 3.91
C ILE A 104 -6.95 -55.35 3.25
N TRP A 105 -8.13 -54.84 2.92
CA TRP A 105 -9.24 -55.68 2.45
C TRP A 105 -9.60 -55.41 1.00
N HIS A 106 -9.78 -56.48 0.24
CA HIS A 106 -10.38 -56.37 -1.09
C HIS A 106 -11.54 -57.37 -1.20
N ASP A 107 -12.71 -56.84 -1.55
CA ASP A 107 -13.97 -57.58 -1.45
C ASP A 107 -14.41 -57.61 0.01
N ASP A 108 -14.37 -58.78 0.64
CA ASP A 108 -14.76 -58.88 2.04
C ASP A 108 -13.68 -59.59 2.87
N VAL A 109 -12.64 -60.06 2.19
CA VAL A 109 -11.53 -60.73 2.85
C VAL A 109 -10.37 -59.77 3.05
N LYS A 110 -9.62 -59.94 4.14
CA LYS A 110 -8.50 -59.08 4.46
C LYS A 110 -7.18 -59.80 4.27
N TYR A 111 -6.22 -59.12 3.64
CA TYR A 111 -4.91 -59.71 3.39
C TYR A 111 -3.82 -59.03 4.21
N TYR A 112 -2.87 -59.84 4.69
CA TYR A 112 -1.72 -59.33 5.41
C TYR A 112 -0.48 -59.56 4.56
N ASP A 113 0.69 -59.45 5.17
CA ASP A 113 1.92 -59.88 4.54
C ASP A 113 2.38 -61.15 5.22
N PHE A 114 3.58 -61.61 4.88
CA PHE A 114 4.18 -62.77 5.56
C PHE A 114 4.27 -62.48 7.06
N ASN A 115 3.96 -63.48 7.88
CA ASN A 115 3.98 -63.35 9.33
C ASN A 115 2.70 -62.76 9.92
N ASP A 116 1.82 -62.27 9.04
CA ASP A 116 0.58 -61.63 9.45
C ASP A 116 0.81 -60.22 10.00
N GLY A 117 1.90 -59.59 9.57
CA GLY A 117 2.21 -58.23 9.98
C GLY A 117 1.37 -57.21 9.24
N TYR A 118 1.07 -56.10 9.90
CA TYR A 118 0.21 -55.07 9.32
C TYR A 118 0.91 -54.35 8.17
N TYR A 119 0.14 -54.01 7.13
CA TYR A 119 0.61 -53.04 6.16
C TYR A 119 0.57 -51.68 6.84
N ASN A 120 1.42 -50.77 6.39
CA ASN A 120 1.45 -49.43 6.96
C ASN A 120 0.36 -48.53 6.42
N TYR A 121 0.06 -47.46 7.15
CA TYR A 121 -1.16 -46.68 6.91
C TYR A 121 -0.99 -45.20 6.53
N HIS A 122 0.03 -44.56 7.11
CA HIS A 122 0.37 -43.17 6.76
C HIS A 122 -0.37 -42.10 7.58
N TYR A 123 -0.29 -42.20 8.92
CA TYR A 123 -0.74 -41.16 9.85
C TYR A 123 -0.51 -41.58 11.31
N MET A 124 0.27 -40.78 12.02
CA MET A 124 0.64 -41.10 13.39
C MET A 124 -0.53 -40.94 14.34
N ASP A 125 -1.13 -42.06 14.72
CA ASP A 125 -2.36 -42.07 15.50
C ASP A 125 -2.15 -41.95 17.00
N VAL A 126 -0.93 -42.24 17.46
CA VAL A 126 -0.63 -42.17 18.89
C VAL A 126 0.59 -41.30 19.18
N TRP A 127 0.44 -40.41 20.15
CA TRP A 127 1.51 -39.51 20.52
C TRP A 127 1.77 -39.57 22.03
N GLY A 128 3.01 -39.32 22.42
CA GLY A 128 3.36 -39.19 23.82
C GLY A 128 4.06 -37.87 24.02
N LYS A 129 3.61 -37.09 25.00
CA LYS A 129 4.25 -35.82 25.31
C LYS A 129 5.77 -35.99 25.24
N GLY A 130 6.40 -35.25 24.35
CA GLY A 130 7.82 -35.41 24.12
C GLY A 130 8.64 -35.05 25.34
N THR A 131 9.84 -35.61 25.44
CA THR A 131 10.78 -35.16 26.46
C THR A 131 11.55 -34.00 25.82
N THR A 132 11.97 -33.04 26.64
CA THR A 132 12.68 -31.88 26.11
C THR A 132 14.20 -32.02 26.16
N VAL A 133 14.86 -31.46 25.16
CA VAL A 133 16.32 -31.49 25.06
C VAL A 133 16.90 -30.10 24.85
N THR A 134 17.86 -29.73 25.68
CA THR A 134 18.50 -28.41 25.59
C THR A 134 20.00 -28.56 25.38
N VAL A 135 20.52 -27.89 24.35
CA VAL A 135 21.96 -27.94 24.08
C VAL A 135 22.62 -26.60 24.36
N SER A 136 23.40 -26.55 25.44
CA SER A 136 24.18 -25.36 25.79
C SER A 136 25.37 -25.73 26.69
N SER A 137 26.50 -25.07 26.50
CA SER A 137 27.69 -25.39 27.29
C SER A 137 27.93 -24.38 28.41
N ALA A 138 27.49 -23.15 28.21
CA ALA A 138 27.76 -22.06 29.15
C ALA A 138 27.52 -22.45 30.60
N SER A 139 28.59 -22.47 31.39
CA SER A 139 28.47 -22.65 32.84
C SER A 139 27.59 -21.54 33.41
N THR A 140 27.07 -21.73 34.61
CA THR A 140 26.23 -20.72 35.26
C THR A 140 26.85 -19.34 35.21
N LYS A 141 26.07 -18.36 34.72
CA LYS A 141 26.55 -16.99 34.53
C LYS A 141 25.47 -15.97 34.91
N GLY A 142 25.90 -14.79 35.37
CA GLY A 142 24.98 -13.72 35.69
C GLY A 142 24.58 -12.90 34.47
N PRO A 143 23.42 -12.24 34.54
CA PRO A 143 22.84 -11.47 33.43
C PRO A 143 23.29 -10.00 33.41
N SER A 144 23.34 -9.42 32.21
CA SER A 144 23.67 -8.01 32.05
C SER A 144 22.37 -7.23 31.84
N VAL A 145 22.21 -6.10 32.52
CA VAL A 145 20.95 -5.35 32.46
C VAL A 145 21.08 -4.00 31.76
N PHE A 146 20.49 -3.89 30.57
CA PHE A 146 20.53 -2.64 29.81
C PHE A 146 19.17 -1.96 29.80
N PRO A 147 19.17 -0.62 29.91
CA PRO A 147 17.95 0.21 29.95
C PRO A 147 17.33 0.40 28.57
N LEU A 148 16.02 0.18 28.50
CA LEU A 148 15.25 0.48 27.29
C LEU A 148 14.47 1.77 27.54
N ALA A 149 15.10 2.90 27.23
CA ALA A 149 14.57 4.22 27.59
C ALA A 149 13.37 4.65 26.75
N PRO A 150 12.48 5.46 27.36
CA PRO A 150 11.28 5.97 26.69
C PRO A 150 11.61 6.73 25.42
N SER A 151 11.14 6.24 24.27
CA SER A 151 11.32 6.92 23.00
C SER A 151 10.86 8.36 23.13
N SER A 152 11.47 9.25 22.34
CA SER A 152 11.16 10.67 22.38
C SER A 152 9.80 10.94 21.76
N LYS A 153 9.24 9.94 21.09
CA LYS A 153 7.98 10.08 20.38
C LYS A 153 6.85 10.50 21.32
N SER A 154 6.87 9.94 22.53
CA SER A 154 5.86 10.26 23.54
C SER A 154 6.47 11.09 24.66
N GLY A 157 3.62 12.89 24.91
CA GLY A 157 2.20 12.84 25.21
C GLY A 157 1.62 11.45 25.07
N GLY A 158 0.44 11.25 25.64
CA GLY A 158 -0.21 9.95 25.60
C GLY A 158 0.29 9.04 26.70
N THR A 159 0.77 7.87 26.29
CA THR A 159 1.36 6.93 27.24
C THR A 159 2.72 6.45 26.73
N ALA A 160 3.71 6.37 27.62
CA ALA A 160 5.05 5.96 27.22
C ALA A 160 5.37 4.54 27.64
N ALA A 161 6.26 3.90 26.90
CA ALA A 161 6.70 2.55 27.21
C ALA A 161 8.21 2.51 27.45
N LEU A 162 8.61 1.78 28.48
CA LEU A 162 10.03 1.65 28.83
C LEU A 162 10.24 0.36 29.59
N GLY A 163 11.43 -0.22 29.48
CA GLY A 163 11.72 -1.46 30.19
C GLY A 163 13.21 -1.78 30.25
N CYS A 164 13.51 -2.99 30.71
CA CYS A 164 14.88 -3.46 30.87
C CYS A 164 15.16 -4.61 29.92
N LEU A 165 16.34 -4.59 29.30
CA LEU A 165 16.77 -5.71 28.47
C LEU A 165 17.80 -6.53 29.24
N VAL A 166 17.33 -7.58 29.91
CA VAL A 166 18.22 -8.46 30.65
C VAL A 166 18.74 -9.56 29.74
N LYS A 167 19.99 -9.45 29.32
CA LYS A 167 20.56 -10.40 28.37
C LYS A 167 21.85 -11.06 28.83
N ASP A 168 22.05 -12.28 28.33
CA ASP A 168 23.29 -13.03 28.55
C ASP A 168 23.36 -13.72 29.91
N TYR A 169 22.37 -14.54 30.23
CA TYR A 169 22.39 -15.29 31.49
C TYR A 169 22.19 -16.79 31.25
N PHE A 170 22.46 -17.58 32.28
CA PHE A 170 22.33 -19.03 32.21
C PHE A 170 22.57 -19.63 33.59
N PRO A 171 21.70 -20.56 34.03
CA PRO A 171 20.52 -21.03 33.31
C PRO A 171 19.29 -20.23 33.72
N GLU A 172 18.12 -20.59 33.20
CA GLU A 172 16.87 -20.00 33.67
C GLU A 172 16.62 -20.44 35.11
N PRO A 173 15.76 -19.72 35.83
CA PRO A 173 14.98 -18.56 35.39
C PRO A 173 15.55 -17.26 35.93
N VAL A 174 14.86 -16.16 35.64
CA VAL A 174 15.19 -14.86 36.21
C VAL A 174 13.91 -14.15 36.62
N THR A 175 13.92 -13.51 37.78
CA THR A 175 12.75 -12.81 38.27
C THR A 175 12.92 -11.30 38.11
N VAL A 176 11.90 -10.65 37.56
CA VAL A 176 12.00 -9.21 37.29
C VAL A 176 10.86 -8.42 37.91
N SER A 177 11.20 -7.55 38.84
CA SER A 177 10.22 -6.67 39.47
C SER A 177 10.45 -5.21 39.07
N TRP A 178 9.52 -4.35 39.44
CA TRP A 178 9.64 -2.92 39.14
C TRP A 178 9.40 -2.08 40.38
N ASN A 179 10.29 -1.13 40.63
CA ASN A 179 10.23 -0.31 41.84
C ASN A 179 9.98 -1.13 43.09
N SER A 180 10.53 -2.35 43.10
CA SER A 180 10.48 -3.21 44.27
C SER A 180 9.08 -3.80 44.49
N GLY A 181 8.41 -4.12 43.38
CA GLY A 181 7.09 -4.75 43.44
C GLY A 181 5.95 -3.75 43.48
N ALA A 182 6.26 -2.52 43.87
CA ALA A 182 5.23 -1.48 44.01
C ALA A 182 4.53 -1.21 42.67
N LEU A 183 5.23 -1.48 41.58
CA LEU A 183 4.69 -1.24 40.24
C LEU A 183 4.25 -2.55 39.59
N THR A 184 2.95 -2.65 39.30
CA THR A 184 2.37 -3.90 38.79
C THR A 184 1.54 -3.72 37.53
N SER A 185 0.70 -2.68 37.50
CA SER A 185 -0.19 -2.46 36.36
C SER A 185 0.55 -1.99 35.11
N GLY A 186 0.23 -2.60 33.98
CA GLY A 186 0.88 -2.25 32.72
C GLY A 186 2.21 -2.96 32.58
N VAL A 187 2.45 -3.92 33.47
CA VAL A 187 3.71 -4.67 33.47
C VAL A 187 3.62 -5.99 32.68
N HIS A 188 4.47 -6.11 31.67
CA HIS A 188 4.54 -7.33 30.86
C HIS A 188 5.97 -7.86 30.83
N THR A 189 6.19 -9.02 31.46
CA THR A 189 7.49 -9.68 31.42
C THR A 189 7.45 -10.80 30.39
N PHE A 190 8.26 -10.67 29.35
CA PHE A 190 8.24 -11.61 28.23
C PHE A 190 9.00 -12.89 28.53
N PRO A 191 8.66 -13.97 27.78
CA PRO A 191 9.38 -15.23 27.91
C PRO A 191 10.78 -15.12 27.34
N ALA A 192 11.71 -15.88 27.93
CA ALA A 192 13.11 -15.83 27.55
C ALA A 192 13.37 -16.49 26.22
N VAL A 193 14.38 -16.01 25.52
CA VAL A 193 14.81 -16.60 24.27
C VAL A 193 16.21 -17.16 24.42
N LEU A 194 16.47 -18.30 23.79
CA LEU A 194 17.82 -18.82 23.74
C LEU A 194 18.49 -18.46 22.42
N GLN A 195 19.31 -17.41 22.44
CA GLN A 195 20.04 -16.97 21.26
C GLN A 195 21.14 -17.96 20.88
N SER A 196 21.72 -17.76 19.71
CA SER A 196 22.82 -18.59 19.21
C SER A 196 23.92 -18.72 20.25
N SER A 197 24.11 -17.67 21.04
CA SER A 197 25.13 -17.64 22.09
C SER A 197 25.09 -18.88 22.99
N GLY A 198 23.90 -19.38 23.26
CA GLY A 198 23.75 -20.48 24.20
C GLY A 198 23.46 -19.91 25.57
N LEU A 199 23.05 -18.63 25.56
CA LEU A 199 22.71 -17.90 26.76
C LEU A 199 21.32 -17.31 26.59
N TYR A 200 20.67 -17.00 27.70
CA TYR A 200 19.28 -16.54 27.68
C TYR A 200 19.13 -15.03 27.72
N SER A 201 18.08 -14.55 27.07
CA SER A 201 17.74 -13.13 27.08
C SER A 201 16.24 -12.98 27.28
N LEU A 202 15.84 -11.91 27.95
CA LEU A 202 14.41 -11.60 28.10
C LEU A 202 14.21 -10.10 28.27
N SER A 203 12.95 -9.66 28.28
CA SER A 203 12.66 -8.25 28.44
C SER A 203 11.36 -8.00 29.21
N SER A 204 11.45 -7.09 30.17
CA SER A 204 10.28 -6.68 30.94
C SER A 204 10.01 -5.20 30.67
N VAL A 205 8.75 -4.89 30.38
CA VAL A 205 8.38 -3.51 30.08
C VAL A 205 7.16 -3.04 30.86
N VAL A 206 7.09 -1.74 31.08
CA VAL A 206 5.97 -1.14 31.81
C VAL A 206 5.44 0.10 31.09
N THR A 207 4.12 0.15 30.93
CA THR A 207 3.45 1.30 30.34
C THR A 207 3.06 2.32 31.39
N VAL A 208 3.35 3.59 31.09
CA VAL A 208 3.09 4.67 32.01
C VAL A 208 2.60 5.91 31.26
N PRO A 209 1.97 6.86 31.98
CA PRO A 209 1.61 8.16 31.40
C PRO A 209 2.87 8.97 31.13
N SER A 210 3.07 9.41 29.89
CA SER A 210 4.25 10.19 29.53
C SER A 210 4.44 11.38 30.45
N SER A 211 3.37 11.74 31.15
CA SER A 211 3.42 12.82 32.14
C SER A 211 4.35 12.47 33.29
N SER A 212 4.37 11.20 33.66
CA SER A 212 5.17 10.73 34.79
C SER A 212 6.67 10.79 34.54
N LEU A 213 7.06 11.01 33.28
CA LEU A 213 8.48 11.02 32.92
C LEU A 213 9.23 12.20 33.51
N GLY A 214 10.19 11.90 34.39
CA GLY A 214 10.99 12.93 35.02
C GLY A 214 10.50 13.29 36.40
N THR A 215 9.29 12.87 36.72
CA THR A 215 8.72 13.09 38.04
C THR A 215 8.57 11.77 38.78
N GLN A 216 8.77 10.67 38.07
CA GLN A 216 8.63 9.35 38.66
C GLN A 216 9.82 8.47 38.27
N THR A 217 10.48 7.91 39.27
CA THR A 217 11.68 7.10 39.04
C THR A 217 11.35 5.63 38.85
N TYR A 218 11.71 5.11 37.70
CA TYR A 218 11.46 3.71 37.39
C TYR A 218 12.74 2.88 37.54
N ILE A 219 12.66 1.83 38.35
CA ILE A 219 13.82 0.98 38.60
C ILE A 219 13.44 -0.49 38.52
N CYS A 220 14.03 -1.18 37.56
CA CYS A 220 13.76 -2.61 37.37
C CYS A 220 14.66 -3.45 38.26
N ASN A 221 14.07 -4.35 39.03
CA ASN A 221 14.83 -5.20 39.92
C ASN A 221 14.95 -6.63 39.37
N VAL A 222 16.16 -7.03 39.02
CA VAL A 222 16.38 -8.35 38.43
C VAL A 222 17.10 -9.31 39.37
N ASN A 223 16.50 -10.48 39.59
CA ASN A 223 17.08 -11.49 40.45
C ASN A 223 17.33 -12.79 39.72
N HIS A 224 18.61 -13.12 39.57
CA HIS A 224 19.00 -14.34 38.88
C HIS A 224 19.53 -15.36 39.89
N LYS A 225 18.59 -15.94 40.64
CA LYS A 225 18.91 -16.87 41.74
C LYS A 225 20.11 -17.80 41.48
N PRO A 226 20.13 -18.46 40.31
CA PRO A 226 21.24 -19.38 40.00
C PRO A 226 22.61 -18.79 40.29
N SER A 227 22.90 -17.63 39.74
CA SER A 227 24.21 -17.00 39.90
C SER A 227 24.24 -16.13 41.16
N ASN A 228 23.15 -16.16 41.92
CA ASN A 228 23.03 -15.36 43.13
C ASN A 228 23.34 -13.89 42.86
N THR A 229 22.74 -13.36 41.81
CA THR A 229 22.96 -11.97 41.42
C THR A 229 21.65 -11.17 41.45
N LYS A 230 21.66 -10.06 42.19
CA LYS A 230 20.52 -9.14 42.17
C LYS A 230 20.97 -7.77 41.65
N VAL A 231 20.19 -7.19 40.75
CA VAL A 231 20.57 -5.93 40.10
C VAL A 231 19.45 -4.89 40.13
N ASP A 232 19.85 -3.61 40.20
CA ASP A 232 18.88 -2.51 40.15
C ASP A 232 19.29 -1.45 39.13
N LYS A 233 18.43 -1.24 38.13
CA LYS A 233 18.70 -0.27 37.08
C LYS A 233 17.61 0.78 36.99
N ARG A 234 18.01 2.05 36.88
CA ARG A 234 17.06 3.13 36.69
C ARG A 234 16.86 3.43 35.21
N VAL A 235 15.61 3.44 34.77
CA VAL A 235 15.29 3.72 33.37
C VAL A 235 14.70 5.13 33.21
N GLU A 236 15.34 5.96 32.40
CA GLU A 236 14.92 7.35 32.24
C GLU A 236 15.15 7.91 30.84
N PRO A 237 14.34 8.92 30.45
CA PRO A 237 14.44 9.57 29.14
C PRO A 237 15.82 10.16 28.91
N ALA B 3 9.49 -28.05 3.05
CA ALA B 3 8.38 -27.83 3.97
C ALA B 3 7.10 -27.47 3.22
N LEU B 4 5.97 -28.00 3.68
CA LEU B 4 4.67 -27.67 3.10
C LEU B 4 4.25 -26.25 3.48
N THR B 5 3.38 -25.65 2.68
CA THR B 5 3.01 -24.25 2.87
C THR B 5 1.59 -24.05 3.40
N GLN B 6 1.50 -23.57 4.64
CA GLN B 6 0.24 -23.24 5.29
C GLN B 6 0.25 -21.76 5.66
N PRO B 7 -0.93 -21.12 5.67
CA PRO B 7 -1.03 -19.73 6.12
C PRO B 7 -0.63 -19.65 7.60
N ALA B 8 0.05 -18.58 8.00
CA ALA B 8 0.52 -18.45 9.38
C ALA B 8 -0.62 -18.48 10.38
N SER B 9 -1.78 -17.95 9.99
CA SER B 9 -2.91 -17.85 10.92
C SER B 9 -4.25 -17.60 10.24
N VAL B 10 -5.29 -18.22 10.78
CA VAL B 10 -6.65 -17.98 10.30
C VAL B 10 -7.59 -17.71 11.49
N SER B 11 -8.47 -16.73 11.33
CA SER B 11 -9.37 -16.35 12.42
C SER B 11 -10.82 -16.27 11.96
N GLY B 12 -11.73 -16.47 12.89
CA GLY B 12 -13.15 -16.40 12.62
C GLY B 12 -13.97 -16.37 13.90
N SER B 13 -15.29 -16.35 13.75
CA SER B 13 -16.20 -16.34 14.89
C SER B 13 -16.75 -17.75 15.13
N PRO B 14 -17.27 -18.01 16.33
CA PRO B 14 -17.91 -19.29 16.60
C PRO B 14 -19.07 -19.54 15.64
N GLY B 15 -19.31 -20.80 15.28
CA GLY B 15 -20.36 -21.13 14.35
C GLY B 15 -19.99 -20.87 12.90
N GLN B 16 -18.98 -20.03 12.71
CA GLN B 16 -18.52 -19.70 11.36
C GLN B 16 -17.73 -20.86 10.79
N THR B 17 -17.65 -20.94 9.47
CA THR B 17 -16.95 -22.03 8.84
C THR B 17 -15.60 -21.55 8.27
N ILE B 18 -14.59 -22.41 8.34
CA ILE B 18 -13.24 -22.01 7.99
C ILE B 18 -12.51 -23.05 7.11
N THR B 19 -11.45 -22.61 6.45
CA THR B 19 -10.69 -23.49 5.56
C THR B 19 -9.19 -23.18 5.52
N ILE B 20 -8.37 -24.10 6.02
CA ILE B 20 -6.92 -23.97 5.93
C ILE B 20 -6.38 -24.68 4.69
N SER B 21 -5.58 -23.96 3.91
CA SER B 21 -4.95 -24.53 2.72
C SER B 21 -3.55 -25.07 3.02
N CYS B 22 -3.08 -25.98 2.17
CA CYS B 22 -1.78 -26.63 2.36
C CYS B 22 -1.11 -26.92 1.02
N ASN B 23 -0.61 -25.89 0.38
CA ASN B 23 0.07 -26.04 -0.89
C ASN B 23 1.33 -26.90 -0.83
N GLY B 24 1.51 -27.76 -1.83
CA GLY B 24 2.66 -28.64 -1.88
C GLY B 24 3.11 -28.85 -3.32
N THR B 25 3.82 -29.95 -3.56
CA THR B 25 4.38 -30.24 -4.89
C THR B 25 3.86 -31.57 -5.42
N SER B 26 4.40 -31.99 -6.56
CA SER B 26 4.02 -33.25 -7.19
C SER B 26 4.78 -34.43 -6.60
N SER B 27 5.59 -34.14 -5.58
CA SER B 27 6.44 -35.14 -4.96
C SER B 27 5.85 -35.64 -3.64
N ASP B 28 4.68 -35.11 -3.29
CA ASP B 28 4.02 -35.46 -2.04
C ASP B 28 2.49 -35.33 -2.10
N VAL B 29 1.98 -34.15 -1.75
CA VAL B 29 0.56 -33.89 -1.78
C VAL B 29 -0.06 -34.25 -3.14
N GLY B 30 0.58 -33.78 -4.21
CA GLY B 30 0.09 -34.04 -5.55
C GLY B 30 0.49 -35.40 -6.09
N GLY B 31 1.41 -36.07 -5.39
CA GLY B 31 1.90 -37.37 -5.82
C GLY B 31 1.22 -38.53 -5.12
N PHE B 32 0.55 -38.25 -4.00
CA PHE B 32 -0.08 -39.29 -3.20
C PHE B 32 -1.34 -38.79 -2.51
N ASP B 33 -2.26 -39.70 -2.20
CA ASP B 33 -3.46 -39.35 -1.45
C ASP B 33 -3.30 -39.82 0.00
N SER B 34 -2.20 -39.41 0.62
CA SER B 34 -1.89 -39.85 1.98
C SER B 34 -1.71 -38.66 2.92
N VAL B 35 -2.48 -37.59 2.69
CA VAL B 35 -2.36 -36.39 3.53
C VAL B 35 -3.06 -36.59 4.87
N SER B 36 -2.40 -36.15 5.94
CA SER B 36 -2.97 -36.22 7.29
C SER B 36 -3.01 -34.83 7.92
N TRP B 37 -3.95 -34.63 8.84
CA TRP B 37 -4.04 -33.37 9.55
C TRP B 37 -3.98 -33.59 11.06
N TYR B 38 -3.17 -32.77 11.74
CA TYR B 38 -3.00 -32.89 13.19
C TYR B 38 -3.33 -31.60 13.92
N GLN B 39 -4.07 -31.73 15.01
CA GLN B 39 -4.36 -30.60 15.89
C GLN B 39 -3.49 -30.65 17.14
N GLN B 40 -2.86 -29.53 17.47
CA GLN B 40 -2.04 -29.45 18.67
C GLN B 40 -2.49 -28.31 19.58
N SER B 41 -3.29 -28.65 20.58
CA SER B 41 -3.75 -27.68 21.56
C SER B 41 -2.64 -27.35 22.55
N PRO B 42 -2.59 -26.09 23.00
CA PRO B 42 -1.52 -25.50 23.83
C PRO B 42 -0.98 -26.49 24.86
N GLY B 43 0.34 -26.59 24.97
CA GLY B 43 0.98 -27.39 26.00
C GLY B 43 0.60 -28.86 25.97
N LYS B 44 0.03 -29.30 24.86
CA LYS B 44 -0.37 -30.70 24.70
C LYS B 44 0.33 -31.34 23.51
N ALA B 45 -0.04 -32.57 23.20
CA ALA B 45 0.56 -33.30 22.09
C ALA B 45 -0.41 -33.50 20.93
N PRO B 46 0.12 -33.49 19.70
CA PRO B 46 -0.68 -33.60 18.47
C PRO B 46 -1.80 -34.64 18.53
N LYS B 47 -2.81 -34.41 17.71
CA LYS B 47 -3.94 -35.31 17.60
C LYS B 47 -4.32 -35.44 16.13
N VAL B 48 -4.57 -36.67 15.68
CA VAL B 48 -4.95 -36.91 14.29
C VAL B 48 -6.40 -36.49 14.07
N MET B 49 -6.65 -35.65 13.08
CA MET B 49 -8.00 -35.18 12.79
C MET B 49 -8.48 -35.77 11.46
N VAL B 50 -7.57 -35.83 10.49
CA VAL B 50 -7.87 -36.33 9.15
C VAL B 50 -6.69 -37.10 8.59
N PHE B 51 -6.98 -38.09 7.76
CA PHE B 51 -5.93 -38.86 7.11
C PHE B 51 -6.37 -39.35 5.74
N ASP B 52 -5.40 -39.65 4.87
CA ASP B 52 -5.71 -39.97 3.48
C ASP B 52 -6.63 -38.92 2.86
N VAL B 53 -6.36 -37.66 3.16
CA VAL B 53 -7.06 -36.52 2.56
C VAL B 53 -8.38 -36.12 3.26
N SER B 54 -9.35 -37.03 3.34
CA SER B 54 -10.70 -36.66 3.77
C SER B 54 -11.25 -37.45 4.96
N HIS B 55 -10.62 -38.59 5.25
CA HIS B 55 -11.15 -39.53 6.24
C HIS B 55 -10.99 -39.07 7.68
N ARG B 56 -12.00 -39.39 8.49
CA ARG B 56 -12.01 -39.01 9.89
C ARG B 56 -11.90 -40.23 10.77
N PRO B 57 -10.86 -40.29 11.61
CA PRO B 57 -10.71 -41.39 12.57
C PRO B 57 -11.96 -41.54 13.44
N SER B 58 -12.14 -42.73 14.02
CA SER B 58 -13.32 -43.01 14.85
C SER B 58 -13.36 -42.09 16.07
N GLY B 59 -14.47 -41.39 16.25
CA GLY B 59 -14.64 -40.50 17.38
C GLY B 59 -14.20 -39.08 17.09
N ILE B 60 -14.20 -38.70 15.82
CA ILE B 60 -13.83 -37.35 15.45
C ILE B 60 -14.96 -36.57 14.76
N SER B 61 -15.20 -35.38 15.28
CA SER B 61 -16.36 -34.58 14.90
C SER B 61 -16.65 -34.56 13.41
N ASN B 62 -17.93 -34.40 13.09
CA ASN B 62 -18.39 -34.29 11.72
C ASN B 62 -18.07 -32.91 11.16
N ARG B 63 -17.52 -32.04 11.99
CA ARG B 63 -17.23 -30.68 11.56
C ARG B 63 -15.87 -30.56 10.89
N PHE B 64 -15.05 -31.59 11.05
CA PHE B 64 -13.74 -31.60 10.40
C PHE B 64 -13.78 -32.26 9.04
N SER B 65 -13.55 -31.46 8.00
CA SER B 65 -13.56 -31.97 6.63
C SER B 65 -12.24 -31.74 5.92
N GLY B 66 -11.88 -32.66 5.03
CA GLY B 66 -10.64 -32.55 4.28
C GLY B 66 -10.81 -32.87 2.81
N SER B 67 -10.05 -32.17 1.97
CA SER B 67 -10.08 -32.39 0.53
C SER B 67 -8.70 -32.22 -0.08
N LYS B 68 -8.63 -32.27 -1.40
CA LYS B 68 -7.37 -32.08 -2.11
C LYS B 68 -7.59 -31.73 -3.58
N SER B 69 -6.66 -30.98 -4.15
CA SER B 69 -6.73 -30.59 -5.54
C SER B 69 -5.34 -30.32 -6.09
N GLY B 70 -4.90 -31.19 -7.00
CA GLY B 70 -3.57 -31.06 -7.56
C GLY B 70 -2.52 -31.23 -6.49
N ASN B 71 -1.75 -30.19 -6.23
CA ASN B 71 -0.69 -30.25 -5.23
C ASN B 71 -1.08 -29.55 -3.93
N THR B 72 -2.37 -29.28 -3.77
CA THR B 72 -2.83 -28.49 -2.64
C THR B 72 -4.04 -29.12 -1.96
N ALA B 73 -3.89 -29.48 -0.69
CA ALA B 73 -4.98 -30.07 0.07
C ALA B 73 -5.54 -29.04 1.04
N SER B 74 -6.66 -29.37 1.68
CA SER B 74 -7.32 -28.41 2.55
C SER B 74 -7.90 -29.04 3.81
N LEU B 75 -8.08 -28.22 4.83
CA LEU B 75 -8.77 -28.63 6.05
C LEU B 75 -9.88 -27.62 6.36
N THR B 76 -11.12 -28.10 6.36
CA THR B 76 -12.28 -27.23 6.55
C THR B 76 -13.07 -27.52 7.83
N ILE B 77 -12.96 -26.62 8.79
CA ILE B 77 -13.75 -26.68 10.02
C ILE B 77 -15.08 -25.96 9.87
N SER B 78 -16.18 -26.70 9.98
CA SER B 78 -17.52 -26.12 9.91
C SER B 78 -18.10 -25.88 11.29
N GLY B 79 -18.53 -24.64 11.55
CA GLY B 79 -19.09 -24.29 12.84
C GLY B 79 -18.05 -24.28 13.94
N LEU B 80 -17.14 -23.32 13.87
CA LEU B 80 -16.04 -23.22 14.81
C LEU B 80 -16.51 -23.21 16.26
N HIS B 81 -16.01 -24.15 17.06
CA HIS B 81 -16.16 -24.09 18.51
C HIS B 81 -14.84 -23.56 19.07
N ILE B 82 -14.89 -22.96 20.26
CA ILE B 82 -13.68 -22.47 20.92
C ILE B 82 -12.66 -23.59 21.09
N GLU B 83 -13.17 -24.76 21.46
CA GLU B 83 -12.34 -25.95 21.68
C GLU B 83 -11.59 -26.40 20.43
N ASP B 84 -11.79 -25.70 19.32
CA ASP B 84 -11.02 -25.98 18.12
C ASP B 84 -9.73 -25.19 18.10
N GLU B 85 -9.57 -24.29 19.06
CA GLU B 85 -8.38 -23.46 19.10
C GLU B 85 -7.11 -24.30 19.20
N GLY B 86 -6.04 -23.78 18.62
CA GLY B 86 -4.76 -24.47 18.64
C GLY B 86 -4.06 -24.44 17.29
N ASP B 87 -2.92 -25.10 17.20
CA ASP B 87 -2.15 -25.14 15.97
C ASP B 87 -2.47 -26.38 15.14
N TYR B 88 -2.43 -26.24 13.83
CA TYR B 88 -2.76 -27.34 12.93
C TYR B 88 -1.65 -27.62 11.92
N PHE B 89 -1.27 -28.89 11.81
CA PHE B 89 -0.20 -29.27 10.89
C PHE B 89 -0.69 -30.28 9.86
N CYS B 90 -0.41 -30.01 8.58
CA CYS B 90 -0.64 -30.98 7.52
C CYS B 90 0.63 -31.77 7.24
N SER B 91 0.50 -33.05 6.95
CA SER B 91 1.66 -33.88 6.63
C SER B 91 1.34 -34.80 5.46
N SER B 92 2.34 -35.07 4.63
CA SER B 92 2.16 -35.88 3.43
C SER B 92 3.25 -36.92 3.29
N LEU B 93 2.95 -37.99 2.56
CA LEU B 93 3.95 -38.97 2.19
C LEU B 93 4.74 -38.35 1.05
N THR B 94 6.01 -38.73 0.92
CA THR B 94 6.84 -38.21 -0.16
C THR B 94 7.36 -39.36 -1.02
N ASP B 95 7.76 -39.03 -2.24
CA ASP B 95 8.24 -40.05 -3.18
C ASP B 95 9.62 -40.53 -2.79
N ARG B 96 10.07 -40.13 -1.60
CA ARG B 96 11.31 -40.64 -1.04
C ARG B 96 11.00 -41.54 0.14
N SER B 97 9.72 -41.80 0.36
CA SER B 97 9.28 -42.60 1.48
C SER B 97 9.57 -41.89 2.81
N HIS B 98 9.55 -40.56 2.78
CA HIS B 98 9.67 -39.76 3.99
C HIS B 98 8.34 -39.12 4.31
N ARG B 99 8.23 -38.56 5.52
CA ARG B 99 7.05 -37.77 5.89
C ARG B 99 7.45 -36.31 6.01
N ILE B 100 6.55 -35.41 5.62
CA ILE B 100 6.84 -33.99 5.68
C ILE B 100 5.73 -33.24 6.40
N PHE B 101 6.08 -32.17 7.10
CA PHE B 101 5.11 -31.37 7.83
C PHE B 101 5.01 -29.95 7.30
N GLY B 102 3.83 -29.35 7.45
CA GLY B 102 3.63 -27.97 7.08
C GLY B 102 4.13 -27.07 8.19
N GLY B 103 4.26 -25.78 7.88
CA GLY B 103 4.74 -24.81 8.85
C GLY B 103 3.84 -24.69 10.06
N GLY B 104 2.57 -25.06 9.90
CA GLY B 104 1.60 -25.00 10.97
C GLY B 104 0.75 -23.75 10.90
N THR B 105 -0.52 -23.87 11.30
CA THR B 105 -1.43 -22.72 11.27
C THR B 105 -2.14 -22.50 12.60
N LYS B 106 -1.84 -21.37 13.25
CA LYS B 106 -2.58 -21.01 14.46
C LYS B 106 -4.00 -20.60 14.10
N VAL B 107 -4.96 -21.38 14.59
CA VAL B 107 -6.37 -21.08 14.36
C VAL B 107 -6.97 -20.38 15.57
N THR B 108 -7.51 -19.19 15.36
CA THR B 108 -8.15 -18.45 16.45
C THR B 108 -9.66 -18.29 16.28
N VAL B 109 -10.40 -18.72 17.31
CA VAL B 109 -11.83 -18.45 17.40
C VAL B 109 -12.04 -17.36 18.44
N LEU B 110 -12.59 -16.22 18.03
CA LEU B 110 -12.74 -15.08 18.94
C LEU B 110 -13.40 -15.45 20.25
N GLY B 111 -12.84 -14.97 21.35
CA GLY B 111 -13.42 -15.16 22.67
C GLY B 111 -13.55 -13.81 23.34
N GLN B 112 -12.78 -12.85 22.83
CA GLN B 112 -12.89 -11.47 23.27
C GLN B 112 -12.70 -10.52 22.10
N PRO B 113 -13.37 -9.35 22.16
CA PRO B 113 -13.33 -8.39 21.06
C PRO B 113 -11.92 -8.11 20.57
N LYS B 114 -11.74 -8.05 19.26
CA LYS B 114 -10.42 -7.84 18.67
C LYS B 114 -9.69 -6.64 19.29
N ALA B 115 -8.39 -6.78 19.49
CA ALA B 115 -7.57 -5.70 20.02
C ALA B 115 -6.29 -5.54 19.20
N ALA B 116 -6.13 -4.37 18.59
CA ALA B 116 -4.93 -4.05 17.83
C ALA B 116 -3.73 -3.93 18.78
N PRO B 117 -2.57 -4.47 18.36
CA PRO B 117 -1.37 -4.51 19.20
C PRO B 117 -0.79 -3.12 19.51
N SER B 118 -0.07 -3.02 20.61
CA SER B 118 0.67 -1.82 20.96
C SER B 118 2.16 -2.11 20.82
N VAL B 119 2.80 -1.49 19.84
CA VAL B 119 4.18 -1.82 19.50
C VAL B 119 5.15 -0.67 19.75
N THR B 120 6.29 -1.00 20.34
CA THR B 120 7.35 -0.04 20.61
C THR B 120 8.69 -0.60 20.16
N LEU B 121 9.53 0.28 19.62
CA LEU B 121 10.84 -0.14 19.13
C LEU B 121 11.97 0.60 19.83
N PHE B 122 12.88 -0.17 20.42
CA PHE B 122 14.04 0.39 21.09
C PHE B 122 15.30 0.27 20.24
N PRO B 123 16.13 1.31 20.21
CA PRO B 123 17.46 1.25 19.61
C PRO B 123 18.41 0.60 20.60
N PRO B 124 19.65 0.30 20.20
CA PRO B 124 20.59 -0.21 21.20
C PRO B 124 20.88 0.89 22.23
N SER B 125 21.04 0.52 23.50
CA SER B 125 21.43 1.49 24.51
C SER B 125 22.89 1.89 24.31
N SER B 126 23.28 3.06 24.81
CA SER B 126 24.66 3.50 24.70
C SER B 126 25.57 2.47 25.36
N GLU B 127 25.08 1.91 26.47
CA GLU B 127 25.84 0.95 27.26
C GLU B 127 26.22 -0.31 26.49
N GLU B 128 25.25 -0.91 25.81
CA GLU B 128 25.52 -2.08 24.97
C GLU B 128 26.51 -1.73 23.87
N LEU B 129 26.42 -0.50 23.38
CA LEU B 129 27.27 -0.05 22.27
C LEU B 129 28.69 0.22 22.72
N GLN B 130 28.87 0.47 24.01
CA GLN B 130 30.20 0.57 24.60
C GLN B 130 30.73 -0.83 24.87
N ALA B 131 29.80 -1.79 24.96
CA ALA B 131 30.15 -3.20 25.10
C ALA B 131 30.28 -3.86 23.74
N ASN B 132 30.42 -3.04 22.71
CA ASN B 132 30.68 -3.50 21.35
C ASN B 132 29.59 -4.40 20.77
N LYS B 133 28.36 -4.21 21.23
CA LYS B 133 27.24 -5.00 20.73
C LYS B 133 26.03 -4.11 20.45
N ALA B 134 25.00 -4.68 19.84
CA ALA B 134 23.81 -3.93 19.50
C ALA B 134 22.59 -4.84 19.39
N THR B 135 21.46 -4.39 19.95
CA THR B 135 20.24 -5.18 19.93
C THR B 135 19.00 -4.31 19.91
N LEU B 136 18.25 -4.35 18.82
CA LEU B 136 16.98 -3.65 18.73
C LEU B 136 15.87 -4.49 19.35
N VAL B 137 15.19 -3.93 20.34
CA VAL B 137 14.09 -4.64 20.99
C VAL B 137 12.74 -4.16 20.46
N CYS B 138 11.98 -5.08 19.90
CA CYS B 138 10.65 -4.77 19.38
C CYS B 138 9.61 -5.50 20.22
N LEU B 139 8.83 -4.74 20.98
CA LEU B 139 7.88 -5.34 21.94
C LEU B 139 6.43 -5.06 21.56
N ILE B 140 5.62 -6.12 21.62
CA ILE B 140 4.23 -6.06 21.18
C ILE B 140 3.29 -6.54 22.29
N SER B 141 2.25 -5.78 22.55
CA SER B 141 1.33 -6.10 23.65
C SER B 141 -0.14 -5.74 23.40
N ASP B 142 -1.03 -6.45 24.07
CA ASP B 142 -2.46 -6.13 24.10
C ASP B 142 -3.21 -6.47 22.81
N PHE B 143 -2.72 -7.44 22.06
CA PHE B 143 -3.38 -7.83 20.81
C PHE B 143 -4.16 -9.13 20.91
N TYR B 144 -5.33 -9.14 20.30
CA TYR B 144 -6.16 -10.33 20.21
C TYR B 144 -6.87 -10.33 18.86
N PRO B 145 -6.91 -11.49 18.19
CA PRO B 145 -6.34 -12.78 18.61
C PRO B 145 -4.83 -12.78 18.89
N GLY B 146 -4.35 -13.90 19.41
CA GLY B 146 -2.95 -14.07 19.76
C GLY B 146 -2.07 -14.53 18.61
N ALA B 147 -2.18 -13.88 17.47
CA ALA B 147 -1.34 -14.22 16.32
C ALA B 147 -0.86 -12.98 15.59
N VAL B 148 0.46 -12.87 15.43
CA VAL B 148 1.05 -11.71 14.77
C VAL B 148 2.19 -12.11 13.83
N THR B 149 2.59 -11.19 12.96
CA THR B 149 3.67 -11.43 12.02
C THR B 149 4.73 -10.35 12.12
N VAL B 150 5.91 -10.72 12.58
CA VAL B 150 6.98 -9.77 12.82
C VAL B 150 7.92 -9.70 11.62
N ALA B 151 8.05 -8.52 11.05
CA ALA B 151 8.90 -8.32 9.88
C ALA B 151 9.87 -7.16 10.09
N TRP B 152 11.16 -7.46 9.99
CA TRP B 152 12.20 -6.45 10.14
C TRP B 152 12.64 -5.90 8.79
N LYS B 153 13.05 -4.64 8.78
CA LYS B 153 13.50 -3.99 7.55
C LYS B 153 14.64 -3.01 7.81
N ALA B 154 15.75 -3.20 7.12
CA ALA B 154 16.87 -2.26 7.17
C ALA B 154 16.69 -1.22 6.08
N ASP B 155 16.25 -0.02 6.47
CA ASP B 155 15.92 1.03 5.52
C ASP B 155 14.65 0.67 4.76
N SER B 156 14.83 0.18 3.53
CA SER B 156 13.70 -0.20 2.68
C SER B 156 13.67 -1.71 2.51
N SER B 157 14.85 -2.33 2.58
CA SER B 157 15.01 -3.75 2.35
C SER B 157 14.72 -4.58 3.59
N PRO B 158 14.10 -5.76 3.41
CA PRO B 158 13.78 -6.68 4.50
C PRO B 158 15.03 -7.34 5.08
N VAL B 159 14.93 -7.77 6.33
CA VAL B 159 16.06 -8.40 7.02
C VAL B 159 15.59 -9.61 7.80
N LYS B 160 16.22 -10.75 7.55
CA LYS B 160 15.82 -12.00 8.19
C LYS B 160 16.87 -12.55 9.14
N ALA B 161 18.13 -12.23 8.90
CA ALA B 161 19.24 -12.75 9.69
C ALA B 161 19.35 -12.06 11.06
N GLY B 162 19.64 -12.86 12.09
CA GLY B 162 19.80 -12.35 13.43
C GLY B 162 18.51 -11.97 14.13
N VAL B 163 17.38 -12.36 13.55
CA VAL B 163 16.08 -11.99 14.11
C VAL B 163 15.49 -13.10 14.98
N GLU B 164 15.18 -12.77 16.23
CA GLU B 164 14.54 -13.71 17.13
C GLU B 164 13.16 -13.21 17.54
N THR B 165 12.18 -14.12 17.54
CA THR B 165 10.82 -13.75 17.92
C THR B 165 10.21 -14.80 18.84
N THR B 166 9.71 -14.35 19.98
CA THR B 166 9.10 -15.25 20.97
C THR B 166 7.66 -15.57 20.58
N THR B 167 7.12 -16.65 21.14
CA THR B 167 5.74 -17.03 20.91
C THR B 167 4.81 -16.20 21.79
N PRO B 168 3.72 -15.68 21.20
CA PRO B 168 2.75 -14.88 21.94
C PRO B 168 2.29 -15.55 23.22
N SER B 169 2.16 -14.77 24.30
CA SER B 169 1.76 -15.30 25.59
C SER B 169 0.63 -14.46 26.19
N LYS B 170 -0.11 -15.02 27.13
CA LYS B 170 -1.27 -14.34 27.69
C LYS B 170 -0.85 -13.39 28.81
N GLN B 171 -1.51 -12.23 28.88
CA GLN B 171 -1.23 -11.27 29.95
C GLN B 171 -2.20 -11.45 31.11
N SER B 172 -2.13 -10.56 32.08
CA SER B 172 -3.05 -10.59 33.20
C SER B 172 -4.44 -10.20 32.73
N ASN B 173 -4.50 -9.33 31.73
CA ASN B 173 -5.77 -8.89 31.16
C ASN B 173 -6.22 -9.76 29.98
N ASN B 174 -5.57 -10.91 29.83
CA ASN B 174 -6.01 -11.94 28.89
C ASN B 174 -5.80 -11.59 27.43
N LYS B 175 -5.09 -10.49 27.19
CA LYS B 175 -4.67 -10.12 25.85
C LYS B 175 -3.34 -10.84 25.57
N TYR B 176 -2.78 -10.64 24.39
CA TYR B 176 -1.53 -11.33 24.04
C TYR B 176 -0.34 -10.40 23.82
N ALA B 177 0.83 -10.89 24.20
CA ALA B 177 2.07 -10.13 24.04
C ALA B 177 3.16 -10.98 23.39
N ALA B 178 4.10 -10.31 22.71
CA ALA B 178 5.21 -10.99 22.06
C ALA B 178 6.42 -10.07 21.93
N SER B 179 7.62 -10.64 21.94
CA SER B 179 8.85 -9.86 21.82
C SER B 179 9.73 -10.34 20.67
N SER B 180 10.32 -9.39 19.95
CA SER B 180 11.19 -9.72 18.83
C SER B 180 12.50 -8.96 18.90
N TYR B 181 13.61 -9.68 18.89
CA TYR B 181 14.94 -9.08 18.97
C TYR B 181 15.63 -9.10 17.62
N LEU B 182 16.41 -8.06 17.34
CA LEU B 182 17.25 -8.02 16.14
C LEU B 182 18.68 -7.65 16.52
N SER B 183 19.52 -8.66 16.69
CA SER B 183 20.90 -8.43 17.10
C SER B 183 21.71 -7.84 15.95
N LEU B 184 22.53 -6.84 16.26
CA LEU B 184 23.37 -6.21 15.26
C LEU B 184 24.77 -5.95 15.79
N THR B 185 25.70 -5.69 14.87
CA THR B 185 27.02 -5.23 15.24
C THR B 185 26.96 -3.71 15.33
N PRO B 186 27.84 -3.10 16.12
CA PRO B 186 27.84 -1.64 16.23
C PRO B 186 27.98 -0.98 14.87
N GLU B 187 28.70 -1.63 13.95
CA GLU B 187 28.91 -1.09 12.61
C GLU B 187 27.64 -1.16 11.76
N GLN B 188 27.09 -2.35 11.57
CA GLN B 188 25.85 -2.50 10.83
C GLN B 188 24.83 -1.46 11.28
N TRP B 189 24.78 -1.25 12.59
CA TRP B 189 23.83 -0.33 13.18
C TRP B 189 24.10 1.13 12.79
N LYS B 190 25.36 1.46 12.51
CA LYS B 190 25.73 2.83 12.14
C LYS B 190 25.62 3.11 10.65
N SER B 191 25.68 2.05 9.84
CA SER B 191 25.77 2.22 8.39
C SER B 191 24.44 2.58 7.72
N HIS B 192 23.33 2.07 8.26
CA HIS B 192 22.04 2.25 7.64
C HIS B 192 21.31 3.49 8.13
N LYS B 193 20.51 4.10 7.24
CA LYS B 193 19.71 5.26 7.60
C LYS B 193 18.81 4.95 8.80
N SER B 194 18.04 3.88 8.69
CA SER B 194 17.07 3.53 9.73
C SER B 194 16.72 2.04 9.72
N TYR B 195 15.94 1.61 10.72
CA TYR B 195 15.47 0.23 10.79
C TYR B 195 13.98 0.19 11.13
N SER B 196 13.27 -0.74 10.50
CA SER B 196 11.83 -0.81 10.64
C SER B 196 11.34 -2.11 11.25
N CYS B 197 10.52 -1.99 12.28
CA CYS B 197 9.83 -3.13 12.85
C CYS B 197 8.38 -3.15 12.38
N GLN B 198 7.98 -4.22 11.72
CA GLN B 198 6.64 -4.29 11.16
C GLN B 198 5.85 -5.51 11.64
N VAL B 199 4.95 -5.30 12.59
CA VAL B 199 4.08 -6.38 13.04
C VAL B 199 2.76 -6.39 12.27
N THR B 200 2.39 -7.54 11.72
CA THR B 200 1.13 -7.68 11.01
C THR B 200 0.12 -8.47 11.84
N HIS B 201 -1.01 -7.83 12.13
CA HIS B 201 -2.02 -8.41 12.99
C HIS B 201 -3.43 -8.23 12.43
N GLU B 202 -4.05 -9.34 12.06
CA GLU B 202 -5.41 -9.34 11.51
C GLU B 202 -5.57 -8.39 10.32
N GLY B 203 -4.74 -8.59 9.30
CA GLY B 203 -4.81 -7.78 8.10
C GLY B 203 -4.16 -6.41 8.24
N SER B 204 -4.15 -5.87 9.45
CA SER B 204 -3.60 -4.54 9.69
C SER B 204 -2.13 -4.58 10.11
N THR B 205 -1.35 -3.61 9.65
CA THR B 205 0.08 -3.56 9.95
C THR B 205 0.52 -2.23 10.57
N VAL B 206 1.04 -2.30 11.79
CA VAL B 206 1.64 -1.13 12.42
C VAL B 206 3.13 -1.13 12.11
N GLU B 207 3.76 0.04 12.24
CA GLU B 207 5.18 0.16 11.93
C GLU B 207 5.85 1.28 12.73
N LYS B 208 6.85 0.90 13.54
CA LYS B 208 7.70 1.86 14.21
C LYS B 208 9.11 1.79 13.63
N THR B 209 9.91 2.83 13.86
CA THR B 209 11.23 2.91 13.24
C THR B 209 12.27 3.57 14.14
N VAL B 210 13.40 2.90 14.32
CA VAL B 210 14.51 3.48 15.08
C VAL B 210 15.61 3.99 14.15
N ALA B 211 16.11 5.18 14.42
CA ALA B 211 17.23 5.74 13.66
C ALA B 211 18.47 5.85 14.55
N PRO B 212 19.60 5.30 14.08
CA PRO B 212 20.85 5.35 14.85
C PRO B 212 21.25 6.79 15.13
N THR B 213 20.89 7.67 14.20
CA THR B 213 21.20 9.09 14.30
C THR B 213 21.03 9.61 15.72
N GLN C 1 -24.50 15.72 32.46
CA GLN C 1 -25.38 14.79 31.75
C GLN C 1 -24.67 14.18 30.54
N GLU C 2 -25.44 13.90 29.49
CA GLU C 2 -24.91 13.32 28.27
C GLU C 2 -23.81 14.21 27.74
N GLN C 3 -22.58 13.70 27.76
CA GLN C 3 -21.44 14.49 27.38
C GLN C 3 -20.31 13.61 26.85
N LEU C 4 -19.56 14.15 25.89
CA LEU C 4 -18.43 13.46 25.31
C LEU C 4 -17.24 14.39 25.22
N VAL C 5 -16.06 13.87 25.56
CA VAL C 5 -14.82 14.63 25.50
C VAL C 5 -13.72 13.87 24.79
N GLU C 6 -13.33 14.35 23.60
CA GLU C 6 -12.27 13.72 22.80
C GLU C 6 -10.90 14.25 23.20
N SER C 7 -9.90 13.37 23.19
CA SER C 7 -8.54 13.74 23.56
C SER C 7 -7.50 12.82 22.93
N GLY C 8 -6.23 13.21 23.01
CA GLY C 8 -5.15 12.44 22.41
C GLY C 8 -4.73 13.01 21.07
N GLY C 9 -5.29 14.17 20.74
CA GLY C 9 -5.01 14.81 19.47
C GLY C 9 -3.87 15.81 19.53
N GLY C 10 -3.42 16.26 18.36
CA GLY C 10 -2.37 17.24 18.28
C GLY C 10 -1.58 17.12 16.98
N VAL C 11 -0.31 17.50 17.01
CA VAL C 11 0.54 17.39 15.84
C VAL C 11 1.21 16.03 15.81
N VAL C 12 1.18 15.38 14.66
CA VAL C 12 1.80 14.05 14.52
C VAL C 12 2.53 13.93 13.18
N GLN C 13 3.40 12.92 13.09
CA GLN C 13 4.22 12.70 11.90
C GLN C 13 3.56 11.73 10.93
N PRO C 14 3.60 12.05 9.62
CA PRO C 14 3.15 11.14 8.57
C PRO C 14 3.90 9.81 8.68
N GLY C 15 3.16 8.70 8.61
CA GLY C 15 3.76 7.39 8.77
C GLY C 15 3.65 6.85 10.18
N GLY C 16 3.68 7.75 11.16
CA GLY C 16 3.59 7.35 12.55
C GLY C 16 2.20 6.88 12.94
N SER C 17 2.08 6.27 14.11
CA SER C 17 0.78 5.81 14.59
C SER C 17 0.15 6.73 15.63
N LEU C 18 -1.17 6.75 15.67
CA LEU C 18 -1.88 7.59 16.61
C LEU C 18 -3.06 6.83 17.21
N ARG C 19 -3.48 7.27 18.40
CA ARG C 19 -4.61 6.65 19.06
C ARG C 19 -5.40 7.68 19.85
N LEU C 20 -6.57 8.03 19.32
CA LEU C 20 -7.46 9.00 19.96
C LEU C 20 -8.34 8.31 21.02
N SER C 21 -8.99 9.11 21.86
CA SER C 21 -9.86 8.58 22.90
C SER C 21 -11.02 9.53 23.22
N CYS C 22 -12.16 8.98 23.62
CA CYS C 22 -13.37 9.75 23.91
C CYS C 22 -14.07 9.20 25.15
N LEU C 23 -14.21 10.02 26.19
CA LEU C 23 -14.80 9.55 27.44
C LEU C 23 -16.25 9.97 27.58
N ALA C 24 -17.09 9.05 28.06
CA ALA C 24 -18.52 9.31 28.16
C ALA C 24 -18.96 9.47 29.61
N SER C 25 -20.07 10.17 29.80
CA SER C 25 -20.63 10.40 31.12
C SER C 25 -22.03 10.99 30.99
N GLY C 26 -22.89 10.68 31.95
CA GLY C 26 -24.25 11.17 31.95
C GLY C 26 -25.23 10.16 31.40
N PHE C 27 -24.74 9.03 30.95
CA PHE C 27 -25.61 7.98 30.40
C PHE C 27 -24.94 6.60 30.45
N THR C 28 -25.76 5.56 30.43
CA THR C 28 -25.25 4.19 30.43
C THR C 28 -24.47 3.93 29.15
N PHE C 29 -23.15 3.90 29.26
CA PHE C 29 -22.28 3.86 28.09
C PHE C 29 -22.42 2.58 27.25
N HIS C 30 -22.39 1.42 27.90
CA HIS C 30 -22.35 0.16 27.17
C HIS C 30 -23.65 -0.20 26.44
N LYS C 31 -24.65 0.67 26.50
CA LYS C 31 -25.93 0.37 25.86
C LYS C 31 -26.05 0.93 24.45
N TYR C 32 -25.35 2.01 24.17
CA TYR C 32 -25.46 2.65 22.86
C TYR C 32 -24.30 2.32 21.94
N GLY C 33 -24.48 2.60 20.66
CA GLY C 33 -23.43 2.46 19.66
C GLY C 33 -22.70 3.78 19.51
N MET C 34 -21.47 3.73 19.01
CA MET C 34 -20.65 4.93 18.96
C MET C 34 -20.00 5.16 17.60
N HIS C 35 -19.85 6.42 17.24
CA HIS C 35 -19.29 6.81 15.94
C HIS C 35 -18.02 7.61 16.09
N TRP C 36 -17.29 7.73 14.98
CA TRP C 36 -16.22 8.71 14.87
C TRP C 36 -16.50 9.54 13.62
N VAL C 37 -16.63 10.85 13.79
CA VAL C 37 -16.88 11.74 12.66
C VAL C 37 -15.76 12.76 12.50
N ARG C 38 -15.18 12.81 11.30
CA ARG C 38 -14.06 13.72 11.03
C ARG C 38 -14.48 14.93 10.20
N GLN C 39 -13.75 16.03 10.37
CA GLN C 39 -14.05 17.26 9.65
C GLN C 39 -12.80 18.04 9.29
N ALA C 40 -12.27 17.79 8.09
CA ALA C 40 -11.10 18.52 7.61
C ALA C 40 -11.35 20.02 7.72
N PRO C 41 -10.29 20.80 7.94
CA PRO C 41 -10.41 22.25 8.10
C PRO C 41 -11.21 22.86 6.95
N GLY C 42 -12.27 23.59 7.27
CA GLY C 42 -13.08 24.26 6.27
C GLY C 42 -13.79 23.32 5.32
N LYS C 43 -13.81 22.03 5.66
CA LYS C 43 -14.47 21.04 4.84
C LYS C 43 -15.74 20.51 5.50
N GLY C 44 -16.36 19.51 4.87
CA GLY C 44 -17.61 18.98 5.35
C GLY C 44 -17.45 17.82 6.31
N LEU C 45 -18.51 17.50 7.03
CA LEU C 45 -18.49 16.37 7.95
C LEU C 45 -18.32 15.06 7.17
N GLU C 46 -17.42 14.21 7.67
CA GLU C 46 -17.13 12.94 7.02
C GLU C 46 -17.21 11.79 8.02
N TRP C 47 -18.01 10.78 7.68
CA TRP C 47 -18.17 9.59 8.52
C TRP C 47 -16.90 8.74 8.50
N VAL C 48 -16.52 8.22 9.67
CA VAL C 48 -15.32 7.41 9.82
C VAL C 48 -15.62 5.95 10.16
N ALA C 49 -16.22 5.72 11.33
CA ALA C 49 -16.48 4.36 11.80
C ALA C 49 -17.59 4.28 12.85
N LEU C 50 -18.22 3.10 12.93
CA LEU C 50 -19.27 2.81 13.91
C LEU C 50 -19.00 1.50 14.62
N ILE C 51 -19.01 1.53 15.95
CA ILE C 51 -18.80 0.32 16.72
C ILE C 51 -20.03 -0.01 17.56
N SER C 52 -20.29 -1.30 17.75
CA SER C 52 -21.50 -1.73 18.44
C SER C 52 -21.42 -1.53 19.95
N ASP C 53 -22.55 -1.72 20.61
CA ASP C 53 -22.63 -1.57 22.06
C ASP C 53 -21.66 -2.47 22.82
N ASP C 54 -21.72 -3.77 22.55
CA ASP C 54 -20.82 -4.70 23.23
C ASP C 54 -19.45 -4.72 22.56
N GLY C 55 -19.35 -4.04 21.43
CA GLY C 55 -18.07 -3.82 20.78
C GLY C 55 -17.51 -4.97 19.96
N MET C 56 -18.38 -5.86 19.49
CA MET C 56 -17.94 -6.98 18.66
C MET C 56 -18.23 -6.74 17.19
N ARG C 57 -18.86 -5.62 16.87
CA ARG C 57 -19.23 -5.32 15.49
C ARG C 57 -18.76 -3.94 15.07
N LYS C 58 -17.87 -3.89 14.08
CA LYS C 58 -17.31 -2.63 13.63
C LYS C 58 -17.52 -2.43 12.15
N TYR C 59 -18.06 -1.27 11.79
CA TYR C 59 -18.17 -0.87 10.40
C TYR C 59 -17.21 0.29 10.17
N HIS C 60 -16.43 0.22 9.09
CA HIS C 60 -15.53 1.32 8.76
C HIS C 60 -15.91 1.96 7.43
N SER C 61 -15.56 3.24 7.28
CA SER C 61 -15.79 3.93 6.02
C SER C 61 -14.84 3.40 4.95
N ASP C 62 -15.40 3.02 3.81
CA ASP C 62 -14.63 2.45 2.71
C ASP C 62 -13.50 3.38 2.27
N SER C 63 -13.67 4.68 2.51
CA SER C 63 -12.69 5.67 2.10
C SER C 63 -11.55 5.85 3.12
N MET C 64 -11.56 5.03 4.18
CA MET C 64 -10.46 5.03 5.14
C MET C 64 -9.44 3.95 4.77
N TRP C 65 -9.78 3.17 3.75
CA TRP C 65 -8.93 2.12 3.23
C TRP C 65 -8.43 1.22 4.37
N GLY C 66 -9.28 1.06 5.39
CA GLY C 66 -8.94 0.28 6.56
C GLY C 66 -7.63 0.73 7.20
N ARG C 67 -7.44 2.03 7.31
CA ARG C 67 -6.27 2.58 7.98
C ARG C 67 -6.59 2.88 9.45
N VAL C 68 -7.88 2.99 9.75
CA VAL C 68 -8.33 3.26 11.11
C VAL C 68 -9.01 2.03 11.72
N THR C 69 -8.86 1.87 13.04
CA THR C 69 -9.51 0.79 13.77
C THR C 69 -10.20 1.35 14.99
N ILE C 70 -11.51 1.16 15.06
CA ILE C 70 -12.31 1.71 16.16
C ILE C 70 -12.53 0.66 17.24
N SER C 71 -12.40 1.06 18.49
CA SER C 71 -12.60 0.15 19.62
C SER C 71 -13.13 0.89 20.84
N ARG C 72 -13.49 0.14 21.88
CA ARG C 72 -14.05 0.74 23.08
C ARG C 72 -13.82 -0.14 24.31
N ASP C 73 -13.70 0.51 25.46
CA ASP C 73 -13.60 -0.19 26.74
C ASP C 73 -14.77 0.18 27.63
N ASN C 74 -15.78 -0.68 27.67
CA ASN C 74 -17.00 -0.40 28.42
C ASN C 74 -16.80 -0.40 29.93
N SER C 75 -15.66 -0.92 30.38
CA SER C 75 -15.32 -0.90 31.79
C SER C 75 -14.74 0.46 32.14
N LYS C 76 -14.55 1.30 31.12
CA LYS C 76 -13.96 2.61 31.31
C LYS C 76 -14.82 3.72 30.69
N ASN C 77 -15.97 3.35 30.16
CA ASN C 77 -16.82 4.31 29.46
C ASN C 77 -16.02 5.08 28.41
N THR C 78 -15.21 4.37 27.65
CA THR C 78 -14.30 5.02 26.72
C THR C 78 -14.38 4.46 25.30
N LEU C 79 -14.22 5.34 24.31
CA LEU C 79 -14.19 4.97 22.91
C LEU C 79 -12.87 5.41 22.29
N TYR C 80 -12.25 4.54 21.50
CA TYR C 80 -10.96 4.85 20.90
C TYR C 80 -11.00 4.86 19.37
N LEU C 81 -10.00 5.47 18.76
CA LEU C 81 -9.78 5.39 17.31
C LEU C 81 -8.27 5.36 17.06
N GLN C 82 -7.80 4.33 16.39
CA GLN C 82 -6.36 4.15 16.19
C GLN C 82 -5.97 4.28 14.71
N PHE C 83 -4.75 4.76 14.49
CA PHE C 83 -4.27 5.04 13.13
C PHE C 83 -3.02 4.25 12.76
N SER C 84 -2.59 4.44 11.52
CA SER C 84 -1.37 3.85 11.00
C SER C 84 -1.09 4.46 9.63
N SER C 85 0.18 4.60 9.28
CA SER C 85 0.58 5.28 8.06
C SER C 85 -0.28 6.53 7.83
N LEU C 86 -0.30 7.42 8.80
CA LEU C 86 -1.04 8.67 8.68
C LEU C 86 -0.65 9.41 7.41
N LYS C 87 -1.52 10.32 6.96
CA LYS C 87 -1.21 11.16 5.81
C LYS C 87 -1.58 12.60 6.11
N VAL C 88 -0.98 13.55 5.39
CA VAL C 88 -1.25 14.95 5.64
C VAL C 88 -2.71 15.26 5.34
N GLU C 89 -3.33 14.42 4.51
CA GLU C 89 -4.73 14.57 4.18
C GLU C 89 -5.63 14.12 5.32
N ASP C 90 -5.02 13.54 6.35
CA ASP C 90 -5.76 13.05 7.51
C ASP C 90 -6.00 14.14 8.55
N THR C 91 -5.46 15.31 8.28
CA THR C 91 -5.64 16.46 9.15
C THR C 91 -7.10 16.86 9.18
N ALA C 92 -7.66 16.96 10.38
CA ALA C 92 -9.07 17.30 10.53
C ALA C 92 -9.46 17.42 12.00
N MET C 93 -10.73 17.72 12.22
CA MET C 93 -11.31 17.66 13.56
C MET C 93 -11.94 16.29 13.72
N PHE C 94 -11.72 15.68 14.88
CA PHE C 94 -12.21 14.32 15.11
C PHE C 94 -13.27 14.27 16.20
N PHE C 95 -14.52 14.13 15.79
CA PHE C 95 -15.66 14.16 16.70
C PHE C 95 -16.01 12.77 17.23
N CYS C 96 -16.61 12.76 18.43
CA CYS C 96 -17.11 11.55 19.05
C CYS C 96 -18.63 11.70 19.16
N ALA C 97 -19.37 10.79 18.54
CA ALA C 97 -20.82 10.92 18.46
C ALA C 97 -21.56 9.63 18.83
N ARG C 98 -22.47 9.74 19.81
CA ARG C 98 -23.31 8.62 20.21
C ARG C 98 -24.39 8.35 19.15
N GLU C 99 -24.65 7.07 18.90
CA GLU C 99 -25.71 6.64 18.00
C GLU C 99 -27.02 6.45 18.76
N ALA C 100 -27.99 7.34 18.53
CA ALA C 100 -29.28 7.26 19.20
C ALA C 100 -29.87 5.86 19.10
N GLY C 101 -30.65 5.49 20.12
CA GLY C 101 -31.24 4.17 20.18
C GLY C 101 -32.12 3.99 21.39
N GLY C 102 -32.84 2.87 21.42
CA GLY C 102 -33.75 2.58 22.51
C GLY C 102 -34.66 1.43 22.12
N PRO C 103 -35.58 1.06 23.02
CA PRO C 103 -36.54 -0.01 22.75
C PRO C 103 -37.35 0.33 21.50
N ILE C 104 -37.80 -0.68 20.75
CA ILE C 104 -38.75 -0.43 19.68
C ILE C 104 -40.13 -0.97 20.07
N TRP C 105 -41.10 -0.06 20.18
CA TRP C 105 -42.46 -0.43 20.53
C TRP C 105 -43.55 0.04 19.58
N HIS C 106 -44.63 -0.73 19.60
CA HIS C 106 -45.88 -0.38 18.97
C HIS C 106 -46.95 -1.03 19.85
N ASP C 107 -48.22 -0.70 19.62
CA ASP C 107 -49.26 -1.13 20.55
C ASP C 107 -48.97 -0.55 21.93
N ASP C 108 -48.70 -1.43 22.89
CA ASP C 108 -48.47 -1.02 24.27
C ASP C 108 -47.21 -1.61 24.92
N VAL C 109 -46.53 -2.51 24.21
CA VAL C 109 -45.33 -3.16 24.77
C VAL C 109 -44.09 -2.86 23.96
N LYS C 110 -42.93 -2.93 24.61
CA LYS C 110 -41.66 -2.62 23.96
C LYS C 110 -40.76 -3.85 23.88
N TYR C 111 -40.09 -4.02 22.74
CA TYR C 111 -39.15 -5.11 22.53
C TYR C 111 -37.73 -4.60 22.32
N TYR C 112 -36.80 -5.13 23.09
CA TYR C 112 -35.39 -4.79 22.97
C TYR C 112 -34.73 -5.59 21.84
N ASP C 113 -33.67 -5.06 21.25
CA ASP C 113 -32.96 -5.79 20.19
C ASP C 113 -32.48 -7.14 20.71
N PHE C 114 -32.16 -8.05 19.79
CA PHE C 114 -31.70 -9.37 20.19
C PHE C 114 -30.56 -9.23 21.21
N ASN C 115 -30.60 -10.04 22.25
CA ASN C 115 -29.68 -9.94 23.38
C ASN C 115 -30.08 -8.84 24.37
N ASP C 116 -31.21 -8.20 24.08
CA ASP C 116 -31.82 -7.21 24.97
C ASP C 116 -31.21 -5.80 24.88
N GLY C 117 -30.28 -5.60 23.94
CA GLY C 117 -29.71 -4.28 23.71
C GLY C 117 -30.67 -3.38 22.95
N TYR C 118 -30.40 -2.08 22.92
CA TYR C 118 -31.27 -1.15 22.20
C TYR C 118 -31.04 -1.22 20.71
N TYR C 119 -32.11 -1.26 19.93
CA TYR C 119 -32.00 -1.21 18.47
C TYR C 119 -31.40 0.14 18.07
N ASN C 120 -30.66 0.15 16.98
CA ASN C 120 -30.13 1.41 16.44
C ASN C 120 -31.24 2.29 15.87
N TYR C 121 -30.97 3.59 15.79
CA TYR C 121 -32.01 4.57 15.48
C TYR C 121 -31.78 5.38 14.20
N HIS C 122 -30.52 5.60 13.88
CA HIS C 122 -30.11 6.26 12.63
C HIS C 122 -29.97 7.79 12.73
N TYR C 123 -29.45 8.27 13.86
CA TYR C 123 -29.12 9.69 14.03
C TYR C 123 -28.30 9.92 15.31
N MET C 124 -27.21 10.68 15.17
CA MET C 124 -26.31 10.96 16.28
C MET C 124 -26.85 12.10 17.14
N ASP C 125 -27.16 11.78 18.38
CA ASP C 125 -27.86 12.71 19.25
C ASP C 125 -26.94 13.47 20.21
N VAL C 126 -25.79 12.89 20.53
CA VAL C 126 -24.85 13.51 21.46
C VAL C 126 -23.46 13.67 20.85
N TRP C 127 -22.89 14.87 20.95
CA TRP C 127 -21.56 15.14 20.40
C TRP C 127 -20.56 15.59 21.46
N GLY C 128 -19.28 15.45 21.13
CA GLY C 128 -18.22 16.06 21.92
C GLY C 128 -17.61 17.12 21.06
N LYS C 129 -16.91 18.09 21.65
CA LYS C 129 -16.23 19.10 20.86
C LYS C 129 -14.92 18.54 20.30
N GLY C 130 -14.96 18.15 19.03
CA GLY C 130 -13.84 17.50 18.38
C GLY C 130 -12.46 17.89 18.85
N THR C 131 -11.58 16.90 19.04
CA THR C 131 -10.18 17.18 19.30
C THR C 131 -9.48 17.28 17.95
N THR C 132 -8.42 18.10 17.87
CA THR C 132 -7.79 18.39 16.58
C THR C 132 -6.50 17.64 16.31
N VAL C 133 -6.35 17.18 15.06
CA VAL C 133 -5.18 16.42 14.64
C VAL C 133 -4.56 17.01 13.39
N THR C 134 -3.32 17.48 13.53
CA THR C 134 -2.60 18.06 12.41
C THR C 134 -1.41 17.21 12.01
N VAL C 135 -1.36 16.81 10.75
CA VAL C 135 -0.26 15.97 10.27
C VAL C 135 0.71 16.76 9.40
N SER C 136 1.95 16.85 9.86
CA SER C 136 3.01 17.52 9.10
C SER C 136 4.39 17.16 9.63
N SER C 137 5.35 17.05 8.71
CA SER C 137 6.70 16.64 9.06
C SER C 137 7.58 17.83 9.46
N ALA C 138 7.10 19.03 9.17
CA ALA C 138 7.86 20.25 9.36
C ALA C 138 8.40 20.46 10.79
N SER C 139 9.63 20.93 10.87
CA SER C 139 10.22 21.38 12.13
C SER C 139 10.11 22.91 12.17
N THR C 140 10.11 23.49 13.36
CA THR C 140 9.93 24.94 13.51
C THR C 140 10.70 25.69 12.42
N LYS C 141 9.99 26.56 11.68
CA LYS C 141 10.60 27.29 10.57
C LYS C 141 10.06 28.72 10.48
N GLY C 142 10.98 29.68 10.33
CA GLY C 142 10.62 31.07 10.21
C GLY C 142 10.04 31.37 8.85
N PRO C 143 9.19 32.42 8.78
CA PRO C 143 8.52 32.75 7.52
C PRO C 143 9.45 33.38 6.50
N SER C 144 9.05 33.34 5.23
CA SER C 144 9.68 34.11 4.18
C SER C 144 8.74 35.24 3.78
N VAL C 145 9.27 36.45 3.61
CA VAL C 145 8.42 37.61 3.31
C VAL C 145 8.73 38.20 1.95
N PHE C 146 7.71 38.19 1.08
CA PHE C 146 7.81 38.78 -0.26
C PHE C 146 6.74 39.86 -0.40
N PRO C 147 7.04 40.92 -1.16
CA PRO C 147 6.12 42.05 -1.28
C PRO C 147 5.06 41.84 -2.35
N LEU C 148 3.85 42.35 -2.10
CA LEU C 148 2.77 42.34 -3.08
C LEU C 148 2.62 43.76 -3.62
N ALA C 149 3.53 44.13 -4.52
CA ALA C 149 3.60 45.51 -4.98
C ALA C 149 2.30 45.95 -5.64
N PRO C 150 1.94 47.22 -5.45
CA PRO C 150 0.71 47.79 -6.03
C PRO C 150 0.67 47.57 -7.54
N SER C 151 -0.37 46.92 -8.04
CA SER C 151 -0.55 46.71 -9.47
C SER C 151 -0.41 48.03 -10.22
N SER C 152 0.05 47.96 -11.46
CA SER C 152 0.21 49.16 -12.29
C SER C 152 -1.14 49.67 -12.75
N LYS C 153 -2.17 48.85 -12.56
CA LYS C 153 -3.53 49.21 -12.96
C LYS C 153 -3.99 50.44 -12.21
N SER C 154 -3.73 50.48 -10.91
CA SER C 154 -4.13 51.61 -10.08
C SER C 154 -2.96 52.55 -9.79
N GLY C 157 -4.62 56.38 -10.25
CA GLY C 157 -5.82 56.98 -9.71
C GLY C 157 -6.70 55.96 -8.99
N GLY C 158 -7.49 56.43 -8.04
CA GLY C 158 -8.40 55.57 -7.30
C GLY C 158 -7.80 55.07 -5.98
N THR C 159 -7.94 53.78 -5.73
CA THR C 159 -7.39 53.19 -4.51
C THR C 159 -6.55 51.95 -4.84
N ALA C 160 -5.32 51.93 -4.34
CA ALA C 160 -4.41 50.82 -4.61
C ALA C 160 -4.40 49.78 -3.48
N ALA C 161 -4.03 48.56 -3.83
CA ALA C 161 -3.95 47.47 -2.87
C ALA C 161 -2.56 46.82 -2.90
N LEU C 162 -1.95 46.75 -1.72
CA LEU C 162 -0.60 46.21 -1.57
C LEU C 162 -0.50 45.46 -0.25
N GLY C 163 0.33 44.42 -0.21
CA GLY C 163 0.46 43.61 0.99
C GLY C 163 1.76 42.84 1.04
N CYS C 164 1.87 41.94 2.01
CA CYS C 164 3.06 41.11 2.19
C CYS C 164 2.69 39.63 2.11
N LEU C 165 3.55 38.81 1.51
CA LEU C 165 3.28 37.38 1.44
C LEU C 165 4.15 36.58 2.41
N VAL C 166 3.64 36.42 3.62
CA VAL C 166 4.34 35.66 4.66
C VAL C 166 4.09 34.18 4.43
N LYS C 167 5.02 33.53 3.75
CA LYS C 167 4.82 32.13 3.37
C LYS C 167 5.85 31.17 3.94
N ASP C 168 5.45 29.92 4.08
CA ASP C 168 6.35 28.85 4.48
C ASP C 168 6.92 29.02 5.89
N TYR C 169 6.03 29.00 6.87
CA TYR C 169 6.45 29.04 8.28
C TYR C 169 5.78 27.91 9.05
N PHE C 170 6.20 27.72 10.29
CA PHE C 170 5.72 26.61 11.12
C PHE C 170 6.35 26.72 12.51
N PRO C 171 5.53 26.63 13.56
CA PRO C 171 4.06 26.55 13.49
C PRO C 171 3.43 27.92 13.64
N GLU C 172 2.10 27.97 13.70
CA GLU C 172 1.40 29.20 14.00
C GLU C 172 1.74 29.64 15.43
N PRO C 173 1.46 30.91 15.77
CA PRO C 173 0.84 31.91 14.91
C PRO C 173 1.86 32.93 14.42
N VAL C 174 1.53 33.66 13.37
CA VAL C 174 2.32 34.80 12.92
C VAL C 174 1.53 36.07 13.15
N THR C 175 2.20 37.10 13.65
CA THR C 175 1.55 38.39 13.85
C THR C 175 2.06 39.38 12.81
N VAL C 176 1.15 40.16 12.23
CA VAL C 176 1.53 41.12 11.20
C VAL C 176 0.94 42.51 11.45
N SER C 177 1.79 43.52 11.36
CA SER C 177 1.35 44.91 11.49
C SER C 177 1.84 45.73 10.29
N TRP C 178 1.50 47.01 10.27
CA TRP C 178 1.91 47.88 9.17
C TRP C 178 2.45 49.21 9.66
N ASN C 179 3.64 49.56 9.18
CA ASN C 179 4.33 50.78 9.60
C ASN C 179 4.50 50.85 11.12
N SER C 180 4.51 49.68 11.76
CA SER C 180 4.74 49.55 13.20
C SER C 180 3.51 49.87 14.06
N GLY C 181 2.32 49.70 13.48
CA GLY C 181 1.08 49.93 14.22
C GLY C 181 0.39 51.24 13.88
N ALA C 182 1.10 52.10 13.16
CA ALA C 182 0.55 53.39 12.78
C ALA C 182 -0.51 53.26 11.70
N LEU C 183 -0.42 52.20 10.91
CA LEU C 183 -1.39 51.96 9.84
C LEU C 183 -2.38 50.87 10.24
N THR C 184 -3.65 51.25 10.35
CA THR C 184 -4.69 50.34 10.84
C THR C 184 -5.91 50.25 9.91
N SER C 185 -6.42 51.39 9.47
CA SER C 185 -7.60 51.41 8.58
C SER C 185 -7.28 50.84 7.21
N GLY C 186 -8.24 50.12 6.63
CA GLY C 186 -8.05 49.50 5.34
C GLY C 186 -7.04 48.36 5.36
N VAL C 187 -6.90 47.74 6.53
CA VAL C 187 -5.97 46.63 6.72
C VAL C 187 -6.70 45.30 6.84
N HIS C 188 -6.33 44.32 6.01
CA HIS C 188 -6.93 43.00 6.06
C HIS C 188 -5.86 41.92 6.21
N THR C 189 -5.92 41.17 7.31
CA THR C 189 -4.99 40.08 7.55
C THR C 189 -5.71 38.73 7.51
N PHE C 190 -5.52 38.01 6.40
CA PHE C 190 -6.19 36.73 6.18
C PHE C 190 -5.71 35.67 7.16
N PRO C 191 -6.47 34.56 7.28
CA PRO C 191 -6.02 33.40 8.05
C PRO C 191 -5.00 32.59 7.26
N ALA C 192 -4.13 31.88 7.95
CA ALA C 192 -3.05 31.15 7.27
C ALA C 192 -3.50 29.80 6.74
N VAL C 193 -3.04 29.46 5.55
CA VAL C 193 -3.32 28.16 4.94
C VAL C 193 -2.15 27.21 5.15
N LEU C 194 -2.46 25.94 5.39
CA LEU C 194 -1.43 24.91 5.38
C LEU C 194 -1.33 24.31 3.98
N GLN C 195 -0.18 24.50 3.34
CA GLN C 195 0.06 23.98 1.99
C GLN C 195 0.57 22.54 2.02
N SER C 196 0.60 21.89 0.85
CA SER C 196 1.09 20.52 0.73
C SER C 196 2.41 20.32 1.45
N SER C 197 3.28 21.32 1.34
CA SER C 197 4.60 21.30 1.96
C SER C 197 4.57 20.98 3.45
N GLY C 198 3.44 21.27 4.10
CA GLY C 198 3.33 21.07 5.54
C GLY C 198 3.78 22.33 6.25
N LEU C 199 3.80 23.41 5.49
CA LEU C 199 4.17 24.72 6.02
C LEU C 199 3.03 25.70 5.78
N TYR C 200 2.97 26.73 6.61
CA TYR C 200 1.88 27.70 6.56
C TYR C 200 2.23 28.92 5.74
N SER C 201 1.23 29.45 5.03
CA SER C 201 1.39 30.71 4.34
C SER C 201 0.23 31.62 4.71
N LEU C 202 0.46 32.93 4.67
CA LEU C 202 -0.61 33.89 4.92
C LEU C 202 -0.27 35.24 4.29
N SER C 203 -1.30 36.06 4.12
CA SER C 203 -1.11 37.38 3.53
C SER C 203 -1.78 38.47 4.36
N SER C 204 -1.22 39.68 4.28
CA SER C 204 -1.82 40.86 4.90
C SER C 204 -1.70 42.03 3.94
N VAL C 205 -2.84 42.59 3.55
CA VAL C 205 -2.84 43.69 2.59
C VAL C 205 -3.48 44.95 3.15
N VAL C 206 -3.30 46.06 2.45
CA VAL C 206 -3.87 47.35 2.85
C VAL C 206 -4.41 48.11 1.65
N THR C 207 -5.59 48.70 1.81
CA THR C 207 -6.15 49.57 0.78
C THR C 207 -5.82 51.02 1.08
N VAL C 208 -5.20 51.68 0.10
CA VAL C 208 -4.72 53.04 0.27
C VAL C 208 -5.08 53.91 -0.94
N PRO C 209 -4.93 55.24 -0.80
CA PRO C 209 -5.08 56.17 -1.92
C PRO C 209 -3.89 56.07 -2.86
N SER C 210 -4.14 55.94 -4.17
CA SER C 210 -3.08 55.79 -5.16
C SER C 210 -2.16 57.00 -5.24
N SER C 211 -2.62 58.14 -4.74
CA SER C 211 -1.84 59.37 -4.75
C SER C 211 -0.73 59.34 -3.69
N SER C 212 -0.94 58.55 -2.64
CA SER C 212 0.03 58.48 -1.55
C SER C 212 1.25 57.63 -1.91
N LEU C 213 1.07 56.70 -2.85
CA LEU C 213 2.19 55.87 -3.29
C LEU C 213 3.34 56.75 -3.76
N GLY C 214 4.56 56.40 -3.35
CA GLY C 214 5.74 57.18 -3.69
C GLY C 214 6.07 58.26 -2.67
N THR C 215 5.06 58.68 -1.92
CA THR C 215 5.24 59.69 -0.89
C THR C 215 5.19 59.03 0.48
N GLN C 216 4.27 58.08 0.64
CA GLN C 216 4.15 57.30 1.87
C GLN C 216 4.91 55.99 1.76
N THR C 217 5.64 55.65 2.81
CA THR C 217 6.40 54.40 2.86
C THR C 217 5.66 53.35 3.66
N TYR C 218 5.31 52.25 3.00
CA TYR C 218 4.55 51.19 3.64
C TYR C 218 5.45 50.02 3.99
N ILE C 219 5.56 49.74 5.29
CA ILE C 219 6.40 48.67 5.80
C ILE C 219 5.57 47.73 6.66
N CYS C 220 5.48 46.46 6.27
CA CYS C 220 4.79 45.47 7.06
C CYS C 220 5.77 44.81 8.03
N ASN C 221 5.36 44.70 9.29
CA ASN C 221 6.22 44.14 10.32
C ASN C 221 5.73 42.77 10.78
N VAL C 222 6.44 41.73 10.37
CA VAL C 222 6.03 40.36 10.67
C VAL C 222 6.75 39.78 11.88
N ASN C 223 5.99 39.15 12.77
CA ASN C 223 6.57 38.53 13.96
C ASN C 223 6.17 37.07 14.08
N HIS C 224 7.17 36.18 14.03
CA HIS C 224 6.91 34.76 14.19
C HIS C 224 7.56 34.28 15.48
N LYS C 225 6.91 34.58 16.61
CA LYS C 225 7.43 34.28 17.93
C LYS C 225 8.01 32.87 18.06
N PRO C 226 7.32 31.85 17.50
CA PRO C 226 7.84 30.48 17.59
C PRO C 226 9.31 30.35 17.21
N SER C 227 9.71 30.89 16.07
CA SER C 227 11.10 30.84 15.63
C SER C 227 11.83 32.12 16.02
N ASN C 228 11.19 32.93 16.85
CA ASN C 228 11.79 34.17 17.33
C ASN C 228 12.39 35.00 16.21
N THR C 229 11.58 35.28 15.19
CA THR C 229 12.03 36.09 14.07
C THR C 229 11.09 37.26 13.82
N LYS C 230 11.66 38.45 13.67
CA LYS C 230 10.90 39.63 13.31
C LYS C 230 11.44 40.19 12.01
N VAL C 231 10.55 40.51 11.07
CA VAL C 231 10.96 41.00 9.76
C VAL C 231 10.19 42.25 9.31
N ASP C 232 10.88 43.13 8.58
CA ASP C 232 10.27 44.34 8.05
C ASP C 232 10.59 44.48 6.57
N LYS C 233 9.56 44.73 5.77
CA LYS C 233 9.72 44.80 4.32
C LYS C 233 8.96 45.99 3.73
N ARG C 234 9.67 46.84 2.99
CA ARG C 234 9.05 47.96 2.32
C ARG C 234 8.41 47.50 1.02
N VAL C 235 7.09 47.66 0.91
CA VAL C 235 6.39 47.32 -0.31
C VAL C 235 6.22 48.54 -1.20
N GLU C 236 6.74 48.48 -2.43
CA GLU C 236 6.74 49.66 -3.30
C GLU C 236 6.53 49.32 -4.77
N PRO C 237 5.93 50.25 -5.53
CA PRO C 237 5.59 50.04 -6.94
C PRO C 237 6.80 49.61 -7.76
N ALA D 3 -20.67 11.51 -1.91
CA ALA D 3 -21.17 12.46 -0.93
C ALA D 3 -22.53 13.02 -1.32
N LEU D 4 -23.38 13.26 -0.32
CA LEU D 4 -24.67 13.88 -0.55
C LEU D 4 -24.47 15.33 -1.00
N THR D 5 -25.38 15.81 -1.84
CA THR D 5 -25.20 17.09 -2.49
C THR D 5 -26.13 18.19 -1.97
N GLN D 6 -25.54 19.19 -1.32
CA GLN D 6 -26.30 20.34 -0.82
C GLN D 6 -25.79 21.60 -1.51
N PRO D 7 -26.65 22.63 -1.61
CA PRO D 7 -26.17 23.93 -2.09
C PRO D 7 -25.11 24.49 -1.15
N ALA D 8 -24.22 25.32 -1.67
CA ALA D 8 -23.13 25.90 -0.87
C ALA D 8 -23.65 26.87 0.19
N SER D 9 -24.63 27.69 -0.18
CA SER D 9 -25.15 28.70 0.75
C SER D 9 -26.60 29.08 0.46
N VAL D 10 -27.39 29.24 1.52
CA VAL D 10 -28.74 29.78 1.41
C VAL D 10 -28.91 30.96 2.36
N SER D 11 -29.57 32.02 1.88
CA SER D 11 -29.68 33.24 2.67
C SER D 11 -31.12 33.76 2.68
N GLY D 12 -31.54 34.30 3.82
CA GLY D 12 -32.87 34.83 3.98
C GLY D 12 -32.97 35.85 5.09
N SER D 13 -33.95 36.73 4.99
CA SER D 13 -34.19 37.73 6.02
C SER D 13 -34.99 37.14 7.16
N PRO D 14 -34.84 37.71 8.37
CA PRO D 14 -35.56 37.24 9.55
C PRO D 14 -37.07 37.17 9.30
N GLY D 15 -37.70 36.09 9.74
CA GLY D 15 -39.13 35.91 9.56
C GLY D 15 -39.46 35.22 8.25
N GLN D 16 -38.50 35.23 7.33
CA GLN D 16 -38.70 34.64 6.01
C GLN D 16 -38.48 33.14 6.04
N THR D 17 -39.19 32.43 5.17
CA THR D 17 -39.09 30.98 5.12
C THR D 17 -38.05 30.54 4.08
N ILE D 18 -37.33 29.46 4.37
CA ILE D 18 -36.22 29.01 3.54
C ILE D 18 -36.17 27.48 3.42
N THR D 19 -35.41 26.99 2.44
CA THR D 19 -35.31 25.55 2.20
C THR D 19 -33.93 25.12 1.68
N ILE D 20 -33.34 24.14 2.36
CA ILE D 20 -32.08 23.53 1.92
C ILE D 20 -32.36 22.16 1.31
N SER D 21 -31.82 21.92 0.12
CA SER D 21 -32.01 20.63 -0.55
C SER D 21 -30.89 19.65 -0.20
N CYS D 22 -31.11 18.37 -0.49
CA CYS D 22 -30.12 17.35 -0.18
C CYS D 22 -30.16 16.25 -1.22
N ASN D 23 -29.66 16.54 -2.42
CA ASN D 23 -29.70 15.59 -3.53
C ASN D 23 -28.87 14.35 -3.24
N GLY D 24 -29.52 13.19 -3.21
CA GLY D 24 -28.86 11.93 -2.97
C GLY D 24 -29.17 10.91 -4.06
N THR D 25 -28.91 9.64 -3.77
CA THR D 25 -29.17 8.56 -4.72
C THR D 25 -30.10 7.48 -4.14
N SER D 26 -30.33 6.41 -4.90
CA SER D 26 -31.24 5.33 -4.52
C SER D 26 -30.62 4.38 -3.50
N SER D 27 -29.39 4.69 -3.08
CA SER D 27 -28.66 3.83 -2.15
C SER D 27 -28.65 4.42 -0.75
N ASP D 28 -29.21 5.62 -0.61
CA ASP D 28 -29.25 6.30 0.69
C ASP D 28 -30.57 7.00 0.96
N VAL D 29 -30.62 8.30 0.68
CA VAL D 29 -31.81 9.12 0.90
C VAL D 29 -33.04 8.53 0.23
N GLY D 30 -32.84 7.83 -0.89
CA GLY D 30 -33.93 7.27 -1.66
C GLY D 30 -34.30 5.85 -1.29
N GLY D 31 -33.36 5.15 -0.65
CA GLY D 31 -33.58 3.76 -0.26
C GLY D 31 -34.08 3.60 1.16
N PHE D 32 -33.95 4.65 1.97
CA PHE D 32 -34.43 4.62 3.35
C PHE D 32 -35.10 5.93 3.75
N ASP D 33 -35.79 5.92 4.88
CA ASP D 33 -36.30 7.14 5.48
C ASP D 33 -35.53 7.39 6.77
N SER D 34 -34.22 7.38 6.64
CA SER D 34 -33.34 7.58 7.79
C SER D 34 -32.46 8.81 7.58
N VAL D 35 -33.07 9.91 7.14
CA VAL D 35 -32.35 11.15 6.89
C VAL D 35 -32.39 12.11 8.08
N SER D 36 -31.23 12.53 8.55
CA SER D 36 -31.13 13.45 9.68
C SER D 36 -30.47 14.77 9.28
N TRP D 37 -30.66 15.78 10.11
CA TRP D 37 -30.09 17.10 9.89
C TRP D 37 -29.37 17.61 11.13
N TYR D 38 -28.18 18.16 10.95
CA TYR D 38 -27.39 18.65 12.07
C TYR D 38 -26.96 20.11 11.86
N GLN D 39 -27.33 20.97 12.80
CA GLN D 39 -26.91 22.38 12.77
C GLN D 39 -25.56 22.56 13.44
N GLN D 40 -24.64 23.24 12.76
CA GLN D 40 -23.32 23.50 13.31
C GLN D 40 -23.06 24.99 13.45
N SER D 41 -23.44 25.53 14.60
CA SER D 41 -23.16 26.93 14.90
C SER D 41 -21.65 27.13 15.02
N PRO D 42 -21.18 28.34 14.67
CA PRO D 42 -19.74 28.63 14.63
C PRO D 42 -19.02 28.12 15.87
N GLY D 43 -17.91 27.43 15.67
CA GLY D 43 -17.07 26.98 16.77
C GLY D 43 -17.79 26.15 17.82
N LYS D 44 -18.77 25.36 17.39
CA LYS D 44 -19.48 24.49 18.31
C LYS D 44 -19.49 23.06 17.77
N ALA D 45 -20.19 22.19 18.50
CA ALA D 45 -20.39 20.81 18.06
C ALA D 45 -21.75 20.69 17.41
N PRO D 46 -21.85 19.79 16.41
CA PRO D 46 -23.11 19.61 15.69
C PRO D 46 -24.28 19.34 16.64
N LYS D 47 -25.50 19.49 16.13
CA LYS D 47 -26.71 19.34 16.94
C LYS D 47 -27.85 18.82 16.08
N VAL D 48 -28.47 17.72 16.51
CA VAL D 48 -29.58 17.13 15.76
C VAL D 48 -30.77 18.06 15.73
N MET D 49 -31.27 18.35 14.53
CA MET D 49 -32.42 19.23 14.35
C MET D 49 -33.62 18.44 13.83
N VAL D 50 -33.34 17.44 13.00
CA VAL D 50 -34.35 16.57 12.42
C VAL D 50 -33.76 15.17 12.18
N PHE D 51 -34.56 14.14 12.37
CA PHE D 51 -34.15 12.76 12.09
C PHE D 51 -35.29 11.96 11.43
N ASP D 52 -34.96 10.81 10.87
CA ASP D 52 -35.93 10.02 10.11
C ASP D 52 -36.75 10.88 9.15
N VAL D 53 -36.08 11.87 8.55
CA VAL D 53 -36.65 12.72 7.51
C VAL D 53 -37.43 13.94 8.03
N SER D 54 -38.36 13.72 8.95
CA SER D 54 -39.28 14.79 9.34
C SER D 54 -39.47 15.00 10.84
N HIS D 55 -39.03 14.04 11.64
CA HIS D 55 -39.25 14.11 13.08
C HIS D 55 -38.26 15.02 13.80
N ARG D 56 -38.75 15.68 14.85
CA ARG D 56 -37.95 16.63 15.63
C ARG D 56 -37.68 16.09 17.03
N PRO D 57 -36.40 16.03 17.43
CA PRO D 57 -36.04 15.63 18.79
C PRO D 57 -36.69 16.58 19.80
N SER D 58 -36.95 16.07 21.00
CA SER D 58 -37.62 16.86 22.03
C SER D 58 -36.91 18.17 22.32
N GLY D 59 -37.67 19.24 22.49
CA GLY D 59 -37.12 20.54 22.81
C GLY D 59 -36.55 21.28 21.61
N ILE D 60 -36.99 20.91 20.42
CA ILE D 60 -36.55 21.59 19.21
C ILE D 60 -37.69 22.33 18.52
N SER D 61 -37.45 23.61 18.25
CA SER D 61 -38.47 24.52 17.75
C SER D 61 -39.33 23.92 16.64
N ASN D 62 -40.57 24.39 16.55
CA ASN D 62 -41.52 23.95 15.54
C ASN D 62 -41.17 24.50 14.17
N ARG D 63 -40.24 25.45 14.15
CA ARG D 63 -39.88 26.14 12.90
C ARG D 63 -39.07 25.27 11.96
N PHE D 64 -38.40 24.26 12.52
CA PHE D 64 -37.62 23.34 11.70
C PHE D 64 -38.49 22.19 11.21
N SER D 65 -38.49 21.99 9.90
CA SER D 65 -39.31 20.97 9.27
C SER D 65 -38.56 20.22 8.19
N GLY D 66 -38.85 18.92 8.06
CA GLY D 66 -38.17 18.08 7.10
C GLY D 66 -39.12 17.29 6.22
N SER D 67 -38.71 17.07 4.97
CA SER D 67 -39.51 16.31 4.01
C SER D 67 -38.61 15.49 3.10
N LYS D 68 -39.21 14.74 2.18
CA LYS D 68 -38.43 13.95 1.23
C LYS D 68 -39.25 13.60 0.00
N SER D 69 -38.57 13.48 -1.14
CA SER D 69 -39.22 13.14 -2.40
C SER D 69 -38.23 12.51 -3.37
N GLY D 70 -38.35 11.21 -3.59
CA GLY D 70 -37.43 10.49 -4.44
C GLY D 70 -36.05 10.36 -3.82
N ASN D 71 -35.04 10.85 -4.53
CA ASN D 71 -33.67 10.81 -4.06
C ASN D 71 -33.22 12.17 -3.54
N THR D 72 -34.20 12.95 -3.06
CA THR D 72 -33.92 14.31 -2.59
C THR D 72 -34.73 14.63 -1.35
N ALA D 73 -34.03 14.96 -0.27
CA ALA D 73 -34.67 15.38 0.97
C ALA D 73 -34.52 16.89 1.10
N SER D 74 -35.33 17.51 1.94
CA SER D 74 -35.27 18.96 2.08
C SER D 74 -35.58 19.42 3.50
N LEU D 75 -34.84 20.44 3.95
CA LEU D 75 -35.05 21.03 5.26
C LEU D 75 -35.57 22.46 5.13
N THR D 76 -36.65 22.75 5.83
CA THR D 76 -37.30 24.06 5.75
C THR D 76 -37.43 24.73 7.10
N ILE D 77 -36.97 25.99 7.17
CA ILE D 77 -37.05 26.79 8.38
C ILE D 77 -37.93 28.02 8.16
N SER D 78 -39.15 27.97 8.70
CA SER D 78 -40.09 29.09 8.58
C SER D 78 -39.82 30.14 9.65
N GLY D 79 -39.77 31.40 9.24
CA GLY D 79 -39.52 32.49 10.16
C GLY D 79 -38.12 32.45 10.75
N LEU D 80 -37.12 32.66 9.90
CA LEU D 80 -35.72 32.64 10.33
C LEU D 80 -35.46 33.62 11.47
N HIS D 81 -34.65 33.20 12.44
CA HIS D 81 -34.13 34.11 13.45
C HIS D 81 -32.60 34.09 13.33
N ILE D 82 -31.93 35.03 13.99
CA ILE D 82 -30.47 35.08 13.93
C ILE D 82 -29.84 33.80 14.49
N GLU D 83 -30.47 33.25 15.52
CA GLU D 83 -29.99 32.04 16.17
C GLU D 83 -29.83 30.86 15.22
N ASP D 84 -30.40 30.98 14.01
CA ASP D 84 -30.38 29.90 13.04
C ASP D 84 -29.09 29.85 12.23
N GLU D 85 -28.44 31.00 12.08
CA GLU D 85 -27.22 31.09 11.29
C GLU D 85 -26.22 29.97 11.63
N GLY D 86 -25.55 29.46 10.60
CA GLY D 86 -24.56 28.41 10.77
C GLY D 86 -24.53 27.44 9.60
N ASP D 87 -23.90 26.29 9.81
CA ASP D 87 -23.78 25.27 8.76
C ASP D 87 -24.70 24.10 9.06
N TYR D 88 -25.36 23.61 8.01
CA TYR D 88 -26.32 22.51 8.16
C TYR D 88 -25.97 21.30 7.30
N PHE D 89 -25.85 20.16 7.95
CA PHE D 89 -25.48 18.93 7.27
C PHE D 89 -26.65 17.95 7.27
N CYS D 90 -26.93 17.38 6.10
CA CYS D 90 -27.87 16.28 6.01
C CYS D 90 -27.07 14.98 6.00
N SER D 91 -27.66 13.92 6.54
CA SER D 91 -27.01 12.62 6.55
C SER D 91 -28.07 11.53 6.45
N SER D 92 -27.68 10.38 5.92
CA SER D 92 -28.63 9.30 5.73
C SER D 92 -27.99 7.95 5.93
N LEU D 93 -28.82 6.94 6.15
CA LEU D 93 -28.35 5.56 6.21
C LEU D 93 -28.04 5.13 4.79
N THR D 94 -27.20 4.11 4.63
CA THR D 94 -26.83 3.62 3.30
C THR D 94 -27.00 2.11 3.18
N ASP D 95 -27.08 1.63 1.94
CA ASP D 95 -27.34 0.22 1.67
C ASP D 95 -26.16 -0.68 2.02
N ARG D 96 -25.17 -0.09 2.69
CA ARG D 96 -24.00 -0.80 3.17
C ARG D 96 -23.93 -0.65 4.69
N SER D 97 -25.00 -0.12 5.25
CA SER D 97 -25.10 0.15 6.69
C SER D 97 -24.15 1.25 7.16
N HIS D 98 -23.71 2.10 6.23
CA HIS D 98 -22.83 3.20 6.58
C HIS D 98 -23.63 4.49 6.79
N ARG D 99 -22.95 5.52 7.27
CA ARG D 99 -23.53 6.85 7.33
C ARG D 99 -22.87 7.71 6.27
N ILE D 100 -23.56 8.76 5.82
CA ILE D 100 -23.03 9.61 4.77
C ILE D 100 -23.52 11.04 4.93
N PHE D 101 -22.61 11.99 4.80
CA PHE D 101 -22.96 13.40 4.96
C PHE D 101 -22.97 14.15 3.64
N GLY D 102 -23.76 15.22 3.58
CA GLY D 102 -23.73 16.11 2.44
C GLY D 102 -22.59 17.07 2.58
N GLY D 103 -22.30 17.83 1.53
CA GLY D 103 -21.22 18.81 1.56
C GLY D 103 -21.35 19.77 2.73
N GLY D 104 -22.55 20.30 2.92
CA GLY D 104 -22.83 21.26 3.97
C GLY D 104 -23.37 22.56 3.41
N THR D 105 -24.17 23.27 4.21
CA THR D 105 -24.73 24.54 3.74
C THR D 105 -24.59 25.63 4.81
N LYS D 106 -24.05 26.78 4.41
CA LYS D 106 -24.01 27.94 5.30
C LYS D 106 -25.29 28.76 5.20
N VAL D 107 -26.15 28.62 6.20
CA VAL D 107 -27.38 29.40 6.29
C VAL D 107 -27.11 30.78 6.84
N THR D 108 -27.51 31.81 6.10
CA THR D 108 -27.29 33.19 6.51
C THR D 108 -28.59 33.96 6.65
N VAL D 109 -28.76 34.60 7.81
CA VAL D 109 -29.89 35.48 8.06
C VAL D 109 -29.47 36.92 7.81
N LEU D 110 -29.71 37.37 6.58
CA LEU D 110 -29.25 38.68 6.13
C LEU D 110 -29.38 39.78 7.19
N GLY D 111 -28.25 40.42 7.51
CA GLY D 111 -28.23 41.53 8.45
C GLY D 111 -27.81 42.81 7.74
N GLN D 112 -27.36 42.66 6.50
CA GLN D 112 -26.96 43.80 5.68
C GLN D 112 -27.43 43.55 4.24
N PRO D 113 -27.35 44.56 3.39
CA PRO D 113 -27.61 44.32 1.97
C PRO D 113 -26.52 43.44 1.38
N LYS D 114 -26.86 42.62 0.37
CA LYS D 114 -25.86 41.78 -0.28
C LYS D 114 -24.68 42.61 -0.75
N ALA D 115 -23.50 42.02 -0.76
CA ALA D 115 -22.31 42.75 -1.18
C ALA D 115 -21.43 41.93 -2.12
N ALA D 116 -21.16 42.48 -3.30
CA ALA D 116 -20.26 41.85 -4.27
C ALA D 116 -18.82 42.01 -3.82
N PRO D 117 -17.99 40.98 -4.05
CA PRO D 117 -16.62 40.98 -3.55
C PRO D 117 -15.67 41.83 -4.39
N SER D 118 -14.73 42.50 -3.73
CA SER D 118 -13.67 43.22 -4.41
C SER D 118 -12.42 42.36 -4.43
N VAL D 119 -12.04 41.89 -5.61
CA VAL D 119 -10.91 40.97 -5.72
C VAL D 119 -9.71 41.59 -6.42
N THR D 120 -8.52 41.17 -6.00
CA THR D 120 -7.29 41.62 -6.61
C THR D 120 -6.33 40.44 -6.80
N LEU D 121 -5.74 40.32 -7.97
CA LEU D 121 -4.84 39.21 -8.27
C LEU D 121 -3.40 39.68 -8.43
N PHE D 122 -2.53 39.16 -7.56
CA PHE D 122 -1.11 39.48 -7.60
C PHE D 122 -0.34 38.36 -8.31
N PRO D 123 0.70 38.74 -9.07
CA PRO D 123 1.61 37.82 -9.76
C PRO D 123 2.78 37.48 -8.83
N PRO D 124 3.64 36.55 -9.23
CA PRO D 124 4.85 36.27 -8.43
C PRO D 124 5.81 37.45 -8.48
N SER D 125 6.24 37.93 -7.33
CA SER D 125 7.23 39.01 -7.26
C SER D 125 8.51 38.62 -7.98
N SER D 126 9.39 39.59 -8.20
CA SER D 126 10.70 39.30 -8.79
C SER D 126 11.51 38.46 -7.81
N GLU D 127 11.45 38.86 -6.54
CA GLU D 127 12.19 38.19 -5.48
C GLU D 127 11.84 36.71 -5.36
N GLU D 128 10.56 36.39 -5.54
CA GLU D 128 10.12 35.01 -5.44
C GLU D 128 10.67 34.15 -6.58
N LEU D 129 10.67 34.71 -7.79
CA LEU D 129 11.13 34.00 -8.98
C LEU D 129 12.64 33.80 -8.98
N GLN D 130 13.35 34.65 -8.24
CA GLN D 130 14.79 34.51 -8.12
C GLN D 130 15.12 33.46 -7.07
N ALA D 131 14.11 33.10 -6.27
CA ALA D 131 14.25 32.02 -5.29
C ALA D 131 13.74 30.70 -5.87
N ASN D 132 13.41 30.72 -7.16
CA ASN D 132 12.98 29.53 -7.88
C ASN D 132 11.60 29.02 -7.47
N LYS D 133 10.67 29.95 -7.21
CA LYS D 133 9.29 29.61 -6.88
C LYS D 133 8.34 30.65 -7.48
N ALA D 134 7.07 30.29 -7.60
CA ALA D 134 6.06 31.22 -8.10
C ALA D 134 4.71 31.00 -7.42
N THR D 135 4.19 32.06 -6.82
CA THR D 135 2.92 31.97 -6.10
C THR D 135 1.98 33.12 -6.46
N LEU D 136 0.90 32.79 -7.17
CA LEU D 136 -0.15 33.75 -7.48
C LEU D 136 -1.03 33.97 -6.24
N VAL D 137 -1.27 35.24 -5.91
CA VAL D 137 -2.08 35.56 -4.74
C VAL D 137 -3.36 36.28 -5.16
N CYS D 138 -4.51 35.66 -4.89
CA CYS D 138 -5.80 36.27 -5.22
C CYS D 138 -6.56 36.60 -3.94
N LEU D 139 -6.71 37.89 -3.66
CA LEU D 139 -7.33 38.33 -2.41
C LEU D 139 -8.72 38.92 -2.66
N ILE D 140 -9.69 38.39 -1.93
CA ILE D 140 -11.09 38.77 -2.09
C ILE D 140 -11.59 39.38 -0.79
N SER D 141 -12.32 40.50 -0.90
CA SER D 141 -12.79 41.22 0.28
C SER D 141 -14.11 41.96 0.06
N ASP D 142 -14.78 42.28 1.15
CA ASP D 142 -15.99 43.12 1.14
C ASP D 142 -17.24 42.47 0.54
N PHE D 143 -17.43 41.18 0.83
CA PHE D 143 -18.60 40.48 0.32
C PHE D 143 -19.48 39.90 1.43
N TYR D 144 -20.79 39.83 1.14
CA TYR D 144 -21.76 39.31 2.08
C TYR D 144 -22.99 38.87 1.29
N PRO D 145 -23.53 37.68 1.60
CA PRO D 145 -23.07 36.79 2.67
C PRO D 145 -21.69 36.17 2.40
N GLY D 146 -21.08 35.59 3.42
CA GLY D 146 -19.75 35.04 3.32
C GLY D 146 -19.69 33.64 2.73
N ALA D 147 -19.97 33.53 1.44
CA ALA D 147 -19.82 32.27 0.72
C ALA D 147 -19.35 32.51 -0.71
N VAL D 148 -18.13 32.10 -1.01
CA VAL D 148 -17.54 32.32 -2.33
C VAL D 148 -16.90 31.06 -2.92
N THR D 149 -17.06 30.89 -4.23
CA THR D 149 -16.44 29.78 -4.95
C THR D 149 -15.27 30.29 -5.78
N VAL D 150 -14.07 29.82 -5.44
CA VAL D 150 -12.85 30.31 -6.07
C VAL D 150 -12.31 29.36 -7.12
N ALA D 151 -12.24 29.85 -8.36
CA ALA D 151 -11.75 29.03 -9.46
C ALA D 151 -10.54 29.68 -10.13
N TRP D 152 -9.61 28.82 -10.57
CA TRP D 152 -8.43 29.28 -11.28
C TRP D 152 -8.44 28.75 -12.71
N LYS D 153 -7.88 29.53 -13.63
CA LYS D 153 -7.85 29.14 -15.03
C LYS D 153 -6.54 29.56 -15.69
N ALA D 154 -5.83 28.57 -16.23
CA ALA D 154 -4.61 28.82 -16.99
C ALA D 154 -4.95 29.01 -18.46
N ASP D 155 -4.72 30.20 -18.97
CA ASP D 155 -5.12 30.55 -20.34
C ASP D 155 -6.63 30.46 -20.49
N SER D 156 -7.10 29.29 -20.88
CA SER D 156 -8.53 29.06 -21.05
C SER D 156 -8.96 27.85 -20.23
N SER D 157 -7.99 27.02 -19.87
CA SER D 157 -8.28 25.77 -19.17
C SER D 157 -8.34 25.93 -17.65
N PRO D 158 -9.16 25.10 -16.99
CA PRO D 158 -9.28 25.03 -15.53
C PRO D 158 -8.05 24.41 -14.88
N VAL D 159 -7.84 24.72 -13.61
CA VAL D 159 -6.70 24.17 -12.88
C VAL D 159 -7.10 23.81 -11.45
N LYS D 160 -6.73 22.62 -11.01
CA LYS D 160 -7.15 22.13 -9.70
C LYS D 160 -6.00 21.63 -8.83
N ALA D 161 -4.79 21.67 -9.36
CA ALA D 161 -3.62 21.17 -8.62
C ALA D 161 -2.71 22.29 -8.12
N GLY D 162 -2.63 22.44 -6.80
CA GLY D 162 -1.75 23.41 -6.18
C GLY D 162 -2.52 24.61 -5.63
N VAL D 163 -3.84 24.53 -5.70
CA VAL D 163 -4.70 25.62 -5.23
C VAL D 163 -5.11 25.44 -3.78
N GLU D 164 -4.91 26.49 -2.99
CA GLU D 164 -5.30 26.49 -1.59
C GLU D 164 -6.14 27.74 -1.28
N THR D 165 -7.34 27.55 -0.76
CA THR D 165 -8.22 28.68 -0.44
C THR D 165 -8.63 28.69 1.03
N THR D 166 -8.67 29.88 1.62
CA THR D 166 -9.00 30.03 3.04
C THR D 166 -10.51 30.13 3.24
N THR D 167 -10.97 29.95 4.47
CA THR D 167 -12.38 30.07 4.80
C THR D 167 -12.75 31.52 5.12
N PRO D 168 -13.78 32.04 4.44
CA PRO D 168 -14.24 33.42 4.62
C PRO D 168 -14.25 33.87 6.08
N SER D 169 -13.60 34.99 6.37
CA SER D 169 -13.52 35.49 7.72
C SER D 169 -14.18 36.87 7.82
N LYS D 170 -14.56 37.27 9.03
CA LYS D 170 -15.29 38.51 9.22
C LYS D 170 -14.35 39.70 9.35
N GLN D 171 -14.53 40.71 8.49
CA GLN D 171 -13.70 41.90 8.55
C GLN D 171 -14.13 42.82 9.68
N SER D 172 -13.47 43.96 9.78
CA SER D 172 -13.81 44.95 10.80
C SER D 172 -15.12 45.66 10.46
N ASN D 173 -15.48 45.65 9.18
CA ASN D 173 -16.72 46.27 8.72
C ASN D 173 -17.84 45.27 8.47
N ASN D 174 -17.68 44.07 9.03
CA ASN D 174 -18.71 43.05 9.01
C ASN D 174 -18.95 42.38 7.65
N LYS D 175 -18.09 42.67 6.68
CA LYS D 175 -18.09 41.94 5.41
C LYS D 175 -17.17 40.72 5.55
N TYR D 176 -17.08 39.89 4.53
CA TYR D 176 -16.20 38.74 4.57
C TYR D 176 -15.04 38.85 3.57
N ALA D 177 -13.88 38.36 3.97
CA ALA D 177 -12.69 38.40 3.13
C ALA D 177 -12.06 37.01 3.06
N ALA D 178 -11.69 36.60 1.86
CA ALA D 178 -11.08 35.29 1.67
C ALA D 178 -9.89 35.39 0.72
N SER D 179 -8.87 34.57 0.95
CA SER D 179 -7.71 34.55 0.08
C SER D 179 -7.58 33.22 -0.63
N SER D 180 -6.90 33.23 -1.78
CA SER D 180 -6.69 32.02 -2.56
C SER D 180 -5.30 32.03 -3.21
N TYR D 181 -4.57 30.94 -3.02
CA TYR D 181 -3.21 30.83 -3.56
C TYR D 181 -3.07 29.75 -4.63
N LEU D 182 -2.11 29.95 -5.53
CA LEU D 182 -1.75 28.97 -6.56
C LEU D 182 -0.23 28.90 -6.72
N SER D 183 0.39 27.91 -6.08
CA SER D 183 1.84 27.73 -6.14
C SER D 183 2.28 27.12 -7.48
N LEU D 184 3.29 27.71 -8.10
CA LEU D 184 3.75 27.27 -9.40
C LEU D 184 5.26 27.13 -9.45
N THR D 185 5.73 26.48 -10.52
CA THR D 185 7.15 26.45 -10.82
C THR D 185 7.43 27.56 -11.82
N PRO D 186 8.56 28.26 -11.66
CA PRO D 186 8.94 29.38 -12.54
C PRO D 186 8.78 29.02 -14.01
N GLU D 187 8.96 27.75 -14.35
CA GLU D 187 8.79 27.30 -15.72
C GLU D 187 7.34 27.45 -16.17
N GLN D 188 6.43 26.79 -15.46
CA GLN D 188 5.00 26.84 -15.78
C GLN D 188 4.49 28.29 -15.85
N TRP D 189 4.93 29.10 -14.89
CA TRP D 189 4.49 30.49 -14.81
C TRP D 189 4.78 31.26 -16.10
N LYS D 190 5.83 30.84 -16.80
CA LYS D 190 6.26 31.52 -18.01
C LYS D 190 5.58 30.98 -19.27
N SER D 191 5.35 29.67 -19.29
CA SER D 191 4.88 28.99 -20.49
C SER D 191 3.50 29.44 -20.96
N HIS D 192 2.65 29.83 -20.02
CA HIS D 192 1.26 30.14 -20.34
C HIS D 192 1.00 31.62 -20.62
N LYS D 193 0.08 31.90 -21.55
CA LYS D 193 -0.28 33.25 -21.93
C LYS D 193 -0.74 34.10 -20.75
N SER D 194 -1.80 33.66 -20.08
CA SER D 194 -2.36 34.40 -18.96
C SER D 194 -3.02 33.49 -17.93
N TYR D 195 -3.15 33.98 -16.70
CA TYR D 195 -3.81 33.24 -15.63
C TYR D 195 -5.07 33.95 -15.14
N SER D 196 -6.15 33.20 -14.96
CA SER D 196 -7.44 33.79 -14.61
C SER D 196 -7.88 33.40 -13.19
N CYS D 197 -8.18 34.41 -12.38
CA CYS D 197 -8.71 34.20 -11.04
C CYS D 197 -10.19 34.58 -11.00
N GLN D 198 -11.04 33.57 -10.90
CA GLN D 198 -12.49 33.79 -10.92
C GLN D 198 -13.10 33.47 -9.57
N VAL D 199 -13.71 34.47 -8.95
CA VAL D 199 -14.47 34.23 -7.72
C VAL D 199 -15.96 34.30 -8.05
N THR D 200 -16.72 33.28 -7.63
CA THR D 200 -18.15 33.26 -7.84
C THR D 200 -18.90 33.44 -6.53
N HIS D 201 -19.74 34.46 -6.47
CA HIS D 201 -20.48 34.80 -5.26
C HIS D 201 -21.92 35.20 -5.59
N GLU D 202 -22.88 34.37 -5.19
CA GLU D 202 -24.29 34.67 -5.39
C GLU D 202 -24.67 34.83 -6.86
N GLY D 203 -24.28 33.85 -7.68
CA GLY D 203 -24.63 33.84 -9.09
C GLY D 203 -23.74 34.68 -9.98
N SER D 204 -23.21 35.77 -9.43
CA SER D 204 -22.38 36.69 -10.21
C SER D 204 -20.89 36.38 -10.04
N THR D 205 -20.16 36.35 -11.16
CA THR D 205 -18.73 36.03 -11.13
C THR D 205 -17.84 37.22 -11.48
N VAL D 206 -16.80 37.44 -10.67
CA VAL D 206 -15.79 38.45 -10.99
C VAL D 206 -14.53 37.73 -11.45
N GLU D 207 -13.65 38.44 -12.15
CA GLU D 207 -12.44 37.81 -12.68
C GLU D 207 -11.29 38.79 -12.90
N LYS D 208 -10.14 38.48 -12.33
CA LYS D 208 -8.93 39.24 -12.61
C LYS D 208 -7.87 38.34 -13.26
N THR D 209 -6.95 38.95 -14.00
CA THR D 209 -5.99 38.20 -14.80
C THR D 209 -4.58 38.78 -14.72
N VAL D 210 -3.59 37.90 -14.90
CA VAL D 210 -2.19 38.31 -14.86
C VAL D 210 -1.36 37.60 -15.94
N ALA D 211 -0.33 38.29 -16.44
CA ALA D 211 0.53 37.75 -17.50
C ALA D 211 2.01 37.78 -17.10
N PRO D 212 2.78 36.80 -17.60
CA PRO D 212 4.19 36.54 -17.26
C PRO D 212 5.17 37.69 -17.53
N THR D 213 5.36 38.03 -18.81
CA THR D 213 6.38 39.01 -19.20
C THR D 213 6.37 40.29 -18.36
N GLN E 1 1.73 15.44 -50.05
CA GLN E 1 0.60 16.18 -49.49
C GLN E 1 0.83 16.49 -48.02
N GLU E 2 -0.20 16.36 -47.21
CA GLU E 2 -0.14 16.65 -45.79
C GLU E 2 0.89 15.74 -45.10
N GLN E 3 2.00 16.33 -44.66
CA GLN E 3 3.12 15.56 -44.14
C GLN E 3 3.77 16.23 -42.91
N LEU E 4 4.34 15.41 -42.04
CA LEU E 4 5.06 15.90 -40.87
C LEU E 4 6.33 15.09 -40.66
N VAL E 5 7.46 15.78 -40.57
CA VAL E 5 8.73 15.10 -40.33
C VAL E 5 9.43 15.63 -39.08
N GLU E 6 9.71 14.75 -38.13
CA GLU E 6 10.45 15.14 -36.94
C GLU E 6 11.95 15.04 -37.18
N SER E 7 12.73 15.78 -36.39
CA SER E 7 14.18 15.76 -36.48
C SER E 7 14.81 16.41 -35.26
N GLY E 8 16.04 16.03 -34.95
CA GLY E 8 16.72 16.52 -33.77
C GLY E 8 16.77 15.45 -32.69
N GLY E 9 16.41 14.23 -33.06
CA GLY E 9 16.46 13.11 -32.16
C GLY E 9 17.86 12.53 -32.10
N GLY E 10 18.08 11.60 -31.19
CA GLY E 10 19.38 10.95 -31.04
C GLY E 10 19.76 10.73 -29.60
N VAL E 11 21.02 10.43 -29.35
CA VAL E 11 21.49 10.19 -27.98
C VAL E 11 21.89 11.48 -27.28
N VAL E 12 21.40 11.67 -26.06
CA VAL E 12 21.73 12.85 -25.27
C VAL E 12 22.04 12.51 -23.81
N GLN E 13 22.61 13.47 -23.09
CA GLN E 13 23.05 13.24 -21.71
C GLN E 13 22.01 13.74 -20.71
N PRO E 14 21.84 12.99 -19.60
CA PRO E 14 20.94 13.37 -18.51
C PRO E 14 21.29 14.74 -17.95
N GLY E 15 20.28 15.56 -17.70
CA GLY E 15 20.49 16.90 -17.21
C GLY E 15 20.76 17.89 -18.34
N GLY E 16 21.20 17.37 -19.48
CA GLY E 16 21.45 18.21 -20.63
C GLY E 16 20.17 18.74 -21.25
N SER E 17 20.28 19.78 -22.08
CA SER E 17 19.11 20.32 -22.76
C SER E 17 19.01 19.79 -24.19
N LEU E 18 17.78 19.71 -24.71
CA LEU E 18 17.53 19.23 -26.06
C LEU E 18 16.41 20.02 -26.73
N ARG E 19 16.39 20.01 -28.06
CA ARG E 19 15.37 20.72 -28.83
C ARG E 19 15.04 19.97 -30.11
N LEU E 20 13.81 19.47 -30.19
CA LEU E 20 13.31 18.76 -31.37
C LEU E 20 12.63 19.74 -32.31
N SER E 21 12.40 19.30 -33.54
CA SER E 21 11.75 20.16 -34.53
C SER E 21 10.91 19.35 -35.51
N CYS E 22 9.74 19.88 -35.85
CA CYS E 22 8.83 19.20 -36.77
C CYS E 22 8.53 20.12 -37.96
N LEU E 23 8.74 19.59 -39.17
CA LEU E 23 8.52 20.37 -40.39
C LEU E 23 7.26 19.94 -41.14
N ALA E 24 6.40 20.91 -41.42
CA ALA E 24 5.10 20.65 -42.06
C ALA E 24 5.10 20.98 -43.55
N SER E 25 4.16 20.39 -44.27
CA SER E 25 4.00 20.60 -45.71
C SER E 25 2.73 19.92 -46.22
N GLY E 26 2.09 20.50 -47.23
CA GLY E 26 0.88 19.94 -47.80
C GLY E 26 -0.38 20.56 -47.24
N PHE E 27 -0.24 21.49 -46.31
CA PHE E 27 -1.38 22.18 -45.73
C PHE E 27 -1.01 23.54 -45.13
N THR E 28 -2.01 24.38 -44.89
CA THR E 28 -1.77 25.71 -44.35
C THR E 28 -1.43 25.64 -42.86
N PHE E 29 -0.14 25.69 -42.57
CA PHE E 29 0.38 25.48 -41.22
C PHE E 29 -0.29 26.33 -40.12
N HIS E 30 -0.37 27.63 -40.34
CA HIS E 30 -0.81 28.55 -39.31
C HIS E 30 -2.31 28.50 -38.98
N LYS E 31 -3.04 27.58 -39.61
CA LYS E 31 -4.47 27.44 -39.35
C LYS E 31 -4.81 26.35 -38.33
N TYR E 32 -3.87 25.43 -38.10
CA TYR E 32 -4.13 24.33 -37.17
C TYR E 32 -3.28 24.41 -35.91
N GLY E 33 -3.74 23.74 -34.87
CA GLY E 33 -2.95 23.57 -33.66
C GLY E 33 -2.06 22.36 -33.85
N MET E 34 -1.04 22.22 -33.00
CA MET E 34 -0.08 21.13 -33.15
C MET E 34 0.26 20.44 -31.83
N HIS E 35 0.47 19.12 -31.90
CA HIS E 35 0.75 18.32 -30.73
C HIS E 35 2.16 17.75 -30.73
N TRP E 36 2.62 17.35 -29.54
CA TRP E 36 3.74 16.43 -29.40
C TRP E 36 3.25 15.25 -28.59
N VAL E 37 3.42 14.05 -29.12
CA VAL E 37 3.00 12.83 -28.42
C VAL E 37 4.13 11.81 -28.39
N ARG E 38 4.56 11.41 -27.20
CA ARG E 38 5.67 10.49 -27.07
C ARG E 38 5.22 9.06 -26.80
N GLN E 39 6.12 8.12 -27.07
CA GLN E 39 5.85 6.72 -26.81
C GLN E 39 7.12 5.99 -26.43
N ALA E 40 7.29 5.75 -25.13
CA ALA E 40 8.43 5.02 -24.61
C ALA E 40 8.52 3.65 -25.27
N PRO E 41 9.73 3.10 -25.36
CA PRO E 41 9.94 1.80 -26.01
C PRO E 41 9.01 0.73 -25.44
N GLY E 42 8.23 0.11 -26.32
CA GLY E 42 7.34 -0.96 -25.94
C GLY E 42 6.17 -0.50 -25.07
N LYS E 43 6.05 0.82 -24.90
CA LYS E 43 4.96 1.38 -24.11
C LYS E 43 3.92 2.04 -25.00
N GLY E 44 2.88 2.60 -24.40
CA GLY E 44 1.78 3.17 -25.15
C GLY E 44 1.96 4.62 -25.56
N LEU E 45 0.93 5.18 -26.17
CA LEU E 45 0.95 6.58 -26.60
C LEU E 45 0.64 7.50 -25.43
N GLU E 46 1.43 8.56 -25.28
CA GLU E 46 1.29 9.49 -24.17
C GLU E 46 1.30 10.95 -24.63
N TRP E 47 0.27 11.69 -24.25
CA TRP E 47 0.15 13.09 -24.63
C TRP E 47 1.22 13.93 -23.94
N VAL E 48 1.81 14.86 -24.69
CA VAL E 48 2.87 15.72 -24.16
C VAL E 48 2.46 17.19 -24.08
N ALA E 49 2.04 17.75 -25.22
CA ALA E 49 1.69 19.17 -25.26
C ALA E 49 0.87 19.57 -26.48
N LEU E 50 0.26 20.75 -26.40
CA LEU E 50 -0.51 21.31 -27.49
C LEU E 50 -0.32 22.83 -27.55
N ILE E 51 -0.11 23.36 -28.74
CA ILE E 51 0.02 24.79 -28.93
C ILE E 51 -1.02 25.28 -29.95
N SER E 52 -1.67 26.40 -29.62
CA SER E 52 -2.72 26.94 -30.47
C SER E 52 -2.18 27.39 -31.82
N ASP E 53 -3.09 27.63 -32.77
CA ASP E 53 -2.75 28.01 -34.13
C ASP E 53 -1.77 29.19 -34.22
N ASP E 54 -1.96 30.19 -33.36
CA ASP E 54 -1.11 31.38 -33.40
C ASP E 54 0.01 31.31 -32.37
N GLY E 55 0.10 30.18 -31.66
CA GLY E 55 1.17 29.97 -30.71
C GLY E 55 1.09 30.81 -29.44
N MET E 56 0.01 31.59 -29.30
CA MET E 56 -0.20 32.38 -28.10
C MET E 56 -0.57 31.53 -26.88
N ARG E 57 -1.35 30.49 -27.10
CA ARG E 57 -1.83 29.67 -25.98
C ARG E 57 -1.20 28.27 -25.97
N LYS E 58 -0.67 27.87 -24.81
CA LYS E 58 0.01 26.59 -24.68
C LYS E 58 -0.58 25.75 -23.56
N TYR E 59 -0.74 24.45 -23.83
CA TYR E 59 -1.24 23.51 -22.84
C TYR E 59 -0.26 22.36 -22.63
N HIS E 60 0.19 22.17 -21.39
CA HIS E 60 1.15 21.13 -21.08
C HIS E 60 0.52 19.98 -20.30
N SER E 61 1.18 18.83 -20.34
CA SER E 61 0.76 17.68 -19.54
C SER E 61 1.19 17.85 -18.10
N ASP E 62 0.26 17.61 -17.17
CA ASP E 62 0.53 17.78 -15.75
C ASP E 62 1.69 16.91 -15.28
N SER E 63 1.99 15.85 -16.03
CA SER E 63 3.03 14.90 -15.63
C SER E 63 4.41 15.24 -16.20
N MET E 64 4.51 16.34 -16.95
CA MET E 64 5.80 16.79 -17.46
C MET E 64 6.48 17.68 -16.42
N TRP E 65 5.71 18.04 -15.39
CA TRP E 65 6.21 18.82 -14.27
C TRP E 65 6.85 20.13 -14.74
N GLY E 66 6.43 20.59 -15.92
CA GLY E 66 6.87 21.85 -16.48
C GLY E 66 8.29 21.82 -17.02
N ARG E 67 8.82 20.62 -17.26
CA ARG E 67 10.18 20.48 -17.80
C ARG E 67 10.21 20.76 -19.30
N VAL E 68 9.06 20.64 -19.96
CA VAL E 68 8.97 20.85 -21.39
C VAL E 68 8.30 22.18 -21.74
N THR E 69 8.60 22.69 -22.93
CA THR E 69 7.97 23.92 -23.42
C THR E 69 7.79 23.86 -24.95
N ILE E 70 6.55 24.01 -25.41
CA ILE E 70 6.24 23.90 -26.83
C ILE E 70 6.23 25.28 -27.50
N SER E 71 6.81 25.35 -28.70
CA SER E 71 6.86 26.59 -29.46
C SER E 71 6.76 26.31 -30.95
N ARG E 72 6.60 27.37 -31.75
CA ARG E 72 6.48 27.20 -33.18
C ARG E 72 6.79 28.47 -33.95
N ASP E 73 7.26 28.30 -35.18
CA ASP E 73 7.58 29.42 -36.04
C ASP E 73 6.73 29.32 -37.30
N ASN E 74 5.62 30.05 -37.32
CA ASN E 74 4.65 29.95 -38.41
C ASN E 74 5.22 30.34 -39.77
N SER E 75 6.19 31.24 -39.77
CA SER E 75 6.85 31.66 -41.00
C SER E 75 7.75 30.55 -41.54
N LYS E 76 8.07 29.58 -40.68
CA LYS E 76 8.93 28.47 -41.06
C LYS E 76 8.15 27.16 -41.16
N ASN E 77 6.84 27.21 -40.94
CA ASN E 77 6.04 26.00 -40.90
C ASN E 77 6.73 24.91 -40.08
N THR E 78 7.24 25.30 -38.92
CA THR E 78 8.00 24.38 -38.08
C THR E 78 7.59 24.43 -36.61
N LEU E 79 7.29 23.26 -36.04
CA LEU E 79 6.97 23.13 -34.63
C LEU E 79 8.21 22.72 -33.85
N TYR E 80 8.32 23.18 -32.60
CA TYR E 80 9.47 22.87 -31.77
C TYR E 80 9.08 22.30 -30.40
N LEU E 81 10.00 21.53 -29.82
CA LEU E 81 9.88 21.06 -28.44
C LEU E 81 11.24 21.19 -27.79
N GLN E 82 11.29 21.75 -26.59
CA GLN E 82 12.55 21.95 -25.89
C GLN E 82 12.55 21.36 -24.49
N PHE E 83 13.69 20.83 -24.06
CA PHE E 83 13.79 20.15 -22.77
C PHE E 83 14.78 20.82 -21.80
N SER E 84 15.01 20.14 -20.67
CA SER E 84 15.90 20.60 -19.62
C SER E 84 15.91 19.58 -18.49
N SER E 85 17.08 19.34 -17.91
CA SER E 85 17.24 18.30 -16.89
C SER E 85 16.63 16.98 -17.37
N LEU E 86 17.12 16.46 -18.48
CA LEU E 86 16.63 15.21 -19.04
C LEU E 86 16.85 14.05 -18.06
N LYS E 87 15.98 13.05 -18.12
CA LYS E 87 16.11 11.86 -17.29
C LYS E 87 16.06 10.61 -18.17
N VAL E 88 16.62 9.51 -17.67
CA VAL E 88 16.65 8.27 -18.43
C VAL E 88 15.24 7.82 -18.80
N GLU E 89 14.29 8.10 -17.92
CA GLU E 89 12.90 7.68 -18.11
C GLU E 89 12.21 8.49 -19.20
N ASP E 90 12.95 9.42 -19.81
CA ASP E 90 12.41 10.26 -20.87
C ASP E 90 12.66 9.66 -22.25
N THR E 91 13.47 8.61 -22.30
CA THR E 91 13.73 7.91 -23.56
C THR E 91 12.42 7.47 -24.21
N ALA E 92 12.22 7.84 -25.46
CA ALA E 92 11.00 7.48 -26.17
C ALA E 92 11.01 7.89 -27.64
N MET E 93 9.93 7.55 -28.33
CA MET E 93 9.71 8.02 -29.69
C MET E 93 8.82 9.25 -29.61
N PHE E 94 9.19 10.31 -30.32
CA PHE E 94 8.44 11.56 -30.23
C PHE E 94 7.71 11.90 -31.54
N PHE E 95 6.39 11.82 -31.48
CA PHE E 95 5.56 12.09 -32.66
C PHE E 95 5.10 13.54 -32.76
N CYS E 96 4.98 14.00 -34.00
CA CYS E 96 4.42 15.31 -34.32
C CYS E 96 3.03 15.09 -34.92
N ALA E 97 2.01 15.71 -34.32
CA ALA E 97 0.64 15.45 -34.73
C ALA E 97 -0.21 16.71 -34.86
N ARG E 98 -0.94 16.81 -35.97
CA ARG E 98 -1.78 17.97 -36.25
C ARG E 98 -3.15 17.87 -35.56
N GLU E 99 -3.69 19.03 -35.17
CA GLU E 99 -5.01 19.09 -34.56
C GLU E 99 -6.06 19.41 -35.62
N ALA E 100 -6.86 18.41 -35.99
CA ALA E 100 -7.88 18.59 -37.02
C ALA E 100 -8.73 19.82 -36.72
N GLY E 101 -9.13 20.54 -37.77
CA GLY E 101 -9.92 21.74 -37.57
C GLY E 101 -10.59 22.28 -38.83
N GLY E 102 -11.30 23.39 -38.67
CA GLY E 102 -11.99 24.02 -39.77
C GLY E 102 -12.91 25.13 -39.30
N PRO E 103 -13.49 25.88 -40.24
CA PRO E 103 -14.39 26.99 -39.91
C PRO E 103 -15.50 26.56 -38.95
N TYR E 118 -10.23 29.08 -37.23
CA TYR E 118 -10.48 27.64 -37.25
C TYR E 118 -10.88 27.11 -35.88
N TYR E 119 -11.77 26.13 -35.86
CA TYR E 119 -12.15 25.45 -34.63
C TYR E 119 -11.41 24.13 -34.51
N ASN E 120 -10.79 23.88 -33.37
CA ASN E 120 -10.18 22.59 -33.12
C ASN E 120 -11.25 21.50 -33.05
N TYR E 121 -11.01 20.37 -33.71
CA TYR E 121 -12.01 19.31 -33.79
C TYR E 121 -11.74 18.15 -32.83
N HIS E 122 -10.72 18.31 -31.98
CA HIS E 122 -10.47 17.36 -30.90
C HIS E 122 -10.08 15.95 -31.37
N TYR E 123 -9.13 15.88 -32.29
CA TYR E 123 -8.49 14.62 -32.67
C TYR E 123 -7.33 14.87 -33.64
N MET E 124 -6.28 14.06 -33.53
CA MET E 124 -5.07 14.27 -34.32
C MET E 124 -5.13 13.53 -35.66
N ASP E 125 -5.35 14.27 -36.74
CA ASP E 125 -5.58 13.67 -38.06
C ASP E 125 -4.31 13.43 -38.89
N VAL E 126 -3.24 14.15 -38.58
CA VAL E 126 -1.98 13.99 -39.31
C VAL E 126 -0.81 13.67 -38.40
N TRP E 127 -0.14 12.55 -38.68
CA TRP E 127 0.97 12.10 -37.87
C TRP E 127 2.27 12.03 -38.69
N GLY E 128 3.40 12.22 -38.03
CA GLY E 128 4.69 12.03 -38.66
C GLY E 128 5.31 10.73 -38.16
N LYS E 129 6.51 10.43 -38.64
CA LYS E 129 7.22 9.24 -38.16
C LYS E 129 8.19 9.61 -37.04
N GLY E 130 7.78 9.34 -35.82
CA GLY E 130 8.52 9.74 -34.63
C GLY E 130 10.02 9.68 -34.75
N THR E 131 10.69 10.76 -34.35
CA THR E 131 12.15 10.75 -34.22
C THR E 131 12.48 10.02 -32.93
N THR E 132 13.63 9.35 -32.91
CA THR E 132 14.02 8.59 -31.73
C THR E 132 14.95 9.37 -30.79
N VAL E 133 14.61 9.38 -29.50
CA VAL E 133 15.43 10.05 -28.49
C VAL E 133 15.89 9.09 -27.40
N THR E 134 17.20 8.87 -27.33
CA THR E 134 17.78 7.99 -26.32
C THR E 134 18.64 8.79 -25.36
N VAL E 135 18.48 8.53 -24.07
CA VAL E 135 19.27 9.21 -23.05
C VAL E 135 19.99 8.20 -22.15
N SER E 136 21.27 8.44 -21.89
CA SER E 136 22.06 7.53 -21.08
C SER E 136 23.45 8.05 -20.76
N SER E 137 24.00 7.56 -19.65
CA SER E 137 25.36 7.89 -19.24
C SER E 137 26.11 6.59 -18.91
N ALA E 138 27.38 6.55 -19.29
CA ALA E 138 28.02 7.70 -19.90
C ALA E 138 28.63 7.34 -21.26
N SER E 139 29.46 6.30 -21.31
CA SER E 139 30.15 5.94 -22.54
C SER E 139 30.36 4.43 -22.72
N THR E 140 31.18 4.09 -23.72
CA THR E 140 31.46 2.70 -24.11
C THR E 140 31.59 1.76 -22.93
N LYS E 141 31.17 0.52 -23.12
CA LYS E 141 31.25 -0.49 -22.07
C LYS E 141 31.12 -1.90 -22.63
N GLY E 142 32.11 -2.75 -22.34
CA GLY E 142 32.07 -4.14 -22.76
C GLY E 142 31.09 -4.92 -21.91
N PRO E 143 30.30 -5.80 -22.54
CA PRO E 143 29.25 -6.56 -21.84
C PRO E 143 29.79 -7.59 -20.87
N SER E 144 29.03 -7.84 -19.80
CA SER E 144 29.29 -8.97 -18.92
C SER E 144 28.44 -10.13 -19.43
N VAL E 145 28.99 -11.34 -19.39
CA VAL E 145 28.27 -12.50 -19.90
C VAL E 145 28.13 -13.60 -18.85
N PHE E 146 26.91 -13.78 -18.36
CA PHE E 146 26.66 -14.77 -17.32
C PHE E 146 25.90 -15.98 -17.87
N PRO E 147 26.30 -17.19 -17.47
CA PRO E 147 25.69 -18.44 -17.95
C PRO E 147 24.31 -18.67 -17.34
N LEU E 148 23.32 -18.90 -18.19
CA LEU E 148 21.98 -19.25 -17.73
C LEU E 148 21.82 -20.77 -17.74
N ALA E 149 22.38 -21.43 -16.73
CA ALA E 149 22.44 -22.89 -16.66
C ALA E 149 21.05 -23.54 -16.69
N PRO E 150 20.96 -24.74 -17.29
CA PRO E 150 19.69 -25.47 -17.43
C PRO E 150 19.03 -25.79 -16.09
N SER E 151 17.72 -25.56 -15.99
CA SER E 151 16.98 -25.84 -14.76
C SER E 151 17.02 -27.32 -14.42
N SER E 152 17.03 -27.64 -13.13
CA SER E 152 17.04 -29.02 -12.67
C SER E 152 15.68 -29.67 -12.89
N LYS E 153 14.70 -28.85 -13.26
CA LYS E 153 13.36 -29.36 -13.51
C LYS E 153 13.34 -30.28 -14.71
N SER E 154 14.07 -29.90 -15.76
CA SER E 154 14.14 -30.69 -16.98
C SER E 154 15.44 -31.50 -17.05
N GLY E 157 14.48 -34.83 -18.33
CA GLY E 157 13.61 -35.31 -19.40
C GLY E 157 12.87 -34.19 -20.10
N GLY E 158 12.48 -34.44 -21.34
CA GLY E 158 11.78 -33.45 -22.14
C GLY E 158 12.72 -32.57 -22.93
N THR E 159 12.48 -31.27 -22.91
CA THR E 159 13.35 -30.31 -23.57
C THR E 159 13.86 -29.29 -22.56
N ALA E 160 15.16 -29.02 -22.60
CA ALA E 160 15.77 -28.11 -21.65
C ALA E 160 16.11 -26.77 -22.29
N ALA E 161 16.05 -25.71 -21.49
CA ALA E 161 16.32 -24.36 -21.96
C ALA E 161 17.51 -23.75 -21.21
N LEU E 162 18.45 -23.22 -21.97
CA LEU E 162 19.63 -22.56 -21.40
C LEU E 162 20.00 -21.38 -22.31
N GLY E 163 20.84 -20.49 -21.80
CA GLY E 163 21.25 -19.34 -22.60
C GLY E 163 22.26 -18.43 -21.94
N CYS E 164 22.38 -17.22 -22.48
CA CYS E 164 23.34 -16.25 -21.98
C CYS E 164 22.66 -14.94 -21.58
N LEU E 165 23.10 -14.37 -20.47
CA LEU E 165 22.65 -13.05 -20.03
C LEU E 165 23.74 -12.01 -20.30
N VAL E 166 23.55 -11.21 -21.34
CA VAL E 166 24.51 -10.19 -21.72
C VAL E 166 24.06 -8.81 -21.25
N LYS E 167 24.56 -8.37 -20.10
CA LYS E 167 24.10 -7.12 -19.49
C LYS E 167 25.21 -6.10 -19.29
N ASP E 168 24.82 -4.83 -19.15
CA ASP E 168 25.77 -3.74 -18.90
C ASP E 168 26.75 -3.52 -20.06
N TYR E 169 26.20 -3.16 -21.21
CA TYR E 169 27.02 -2.79 -22.37
C TYR E 169 26.36 -1.58 -23.02
N PHE E 170 27.04 -0.95 -23.97
CA PHE E 170 26.69 0.40 -24.44
C PHE E 170 27.81 0.90 -25.35
N PRO E 171 27.45 1.46 -26.52
CA PRO E 171 26.08 1.54 -27.03
C PRO E 171 25.69 0.22 -27.68
N GLU E 172 24.56 0.18 -28.41
CA GLU E 172 24.20 -1.00 -29.20
C GLU E 172 24.99 -0.95 -30.50
N PRO E 173 25.05 -2.09 -31.22
CA PRO E 173 24.41 -3.35 -30.86
C PRO E 173 25.40 -4.40 -30.35
N VAL E 174 24.91 -5.61 -30.17
CA VAL E 174 25.76 -6.76 -29.86
C VAL E 174 25.19 -7.98 -30.57
N THR E 175 26.06 -8.77 -31.17
CA THR E 175 25.63 -9.98 -31.87
C THR E 175 25.84 -11.21 -31.00
N VAL E 176 24.92 -12.17 -31.11
CA VAL E 176 25.02 -13.40 -30.32
C VAL E 176 24.79 -14.64 -31.17
N SER E 177 25.74 -15.56 -31.13
CA SER E 177 25.63 -16.82 -31.85
C SER E 177 25.77 -18.00 -30.89
N TRP E 178 25.76 -19.21 -31.42
CA TRP E 178 25.84 -20.41 -30.61
C TRP E 178 26.71 -21.47 -31.27
N ASN E 179 27.66 -22.01 -30.49
CA ASN E 179 28.66 -22.93 -31.03
C ASN E 179 29.32 -22.36 -32.29
N SER E 180 29.48 -21.04 -32.31
CA SER E 180 30.07 -20.35 -33.46
C SER E 180 29.17 -20.41 -34.68
N GLY E 181 27.87 -20.22 -34.45
CA GLY E 181 26.89 -20.21 -35.52
C GLY E 181 26.42 -21.59 -35.91
N ALA E 182 27.23 -22.59 -35.61
CA ALA E 182 26.91 -23.98 -35.93
C ALA E 182 25.52 -24.36 -35.42
N LEU E 183 25.15 -23.82 -34.27
CA LEU E 183 23.84 -24.06 -33.68
C LEU E 183 22.88 -22.94 -34.07
N THR E 184 21.69 -23.31 -34.56
CA THR E 184 20.75 -22.32 -35.08
C THR E 184 19.30 -22.62 -34.71
N SER E 185 18.93 -23.89 -34.70
CA SER E 185 17.55 -24.27 -34.41
C SER E 185 17.22 -24.17 -32.93
N GLY E 186 16.11 -23.49 -32.63
CA GLY E 186 15.65 -23.34 -31.26
C GLY E 186 16.28 -22.15 -30.56
N VAL E 187 16.91 -21.28 -31.34
CA VAL E 187 17.62 -20.14 -30.78
C VAL E 187 16.76 -18.88 -30.77
N HIS E 188 16.51 -18.33 -29.59
CA HIS E 188 15.75 -17.11 -29.44
C HIS E 188 16.60 -16.01 -28.80
N THR E 189 16.98 -15.04 -29.61
CA THR E 189 17.73 -13.89 -29.11
C THR E 189 16.84 -12.65 -29.04
N PHE E 190 16.54 -12.23 -27.81
CA PHE E 190 15.61 -11.13 -27.58
C PHE E 190 16.24 -9.78 -27.81
N PRO E 191 15.40 -8.76 -28.06
CA PRO E 191 15.84 -7.36 -28.13
C PRO E 191 16.43 -6.91 -26.80
N ALA E 192 17.30 -5.90 -26.82
CA ALA E 192 17.96 -5.43 -25.60
C ALA E 192 17.16 -4.34 -24.89
N VAL E 193 17.24 -4.35 -23.56
CA VAL E 193 16.56 -3.36 -22.73
C VAL E 193 17.54 -2.40 -22.10
N LEU E 194 17.18 -1.12 -22.07
CA LEU E 194 17.96 -0.13 -21.33
C LEU E 194 17.43 -0.02 -19.92
N GLN E 195 18.25 -0.43 -18.96
CA GLN E 195 17.86 -0.40 -17.55
C GLN E 195 18.13 0.97 -16.94
N SER E 196 17.72 1.14 -15.69
CA SER E 196 17.94 2.39 -14.98
C SER E 196 19.42 2.82 -15.02
N SER E 197 20.31 1.85 -14.86
CA SER E 197 21.75 2.09 -14.86
C SER E 197 22.21 2.93 -16.04
N GLY E 198 21.54 2.77 -17.19
CA GLY E 198 21.93 3.46 -18.40
C GLY E 198 22.71 2.53 -19.31
N LEU E 199 22.74 1.27 -18.93
CA LEU E 199 23.42 0.25 -19.71
C LEU E 199 22.41 -0.72 -20.29
N TYR E 200 22.77 -1.39 -21.37
CA TYR E 200 21.87 -2.30 -22.04
C TYR E 200 21.99 -3.73 -21.52
N SER E 201 20.91 -4.49 -21.67
CA SER E 201 20.91 -5.89 -21.26
C SER E 201 19.98 -6.69 -22.16
N LEU E 202 20.44 -7.86 -22.60
CA LEU E 202 19.62 -8.76 -23.40
C LEU E 202 19.98 -10.21 -23.12
N SER E 203 19.15 -11.13 -23.62
CA SER E 203 19.42 -12.55 -23.45
C SER E 203 19.36 -13.30 -24.77
N SER E 204 20.17 -14.35 -24.88
CA SER E 204 20.08 -15.27 -26.01
C SER E 204 19.89 -16.68 -25.45
N VAL E 205 18.80 -17.32 -25.83
CA VAL E 205 18.48 -18.63 -25.28
C VAL E 205 18.20 -19.64 -26.38
N VAL E 206 18.61 -20.89 -26.15
CA VAL E 206 18.41 -21.95 -27.12
C VAL E 206 17.67 -23.13 -26.51
N THR E 207 16.84 -23.79 -27.33
CA THR E 207 16.11 -24.98 -26.90
C THR E 207 16.77 -26.25 -27.42
N VAL E 208 17.12 -27.15 -26.49
CA VAL E 208 17.81 -28.39 -26.83
C VAL E 208 17.24 -29.57 -26.07
N PRO E 209 17.46 -30.80 -26.57
CA PRO E 209 17.05 -32.03 -25.87
C PRO E 209 17.81 -32.20 -24.55
N SER E 210 17.10 -32.57 -23.49
CA SER E 210 17.71 -32.72 -22.17
C SER E 210 18.63 -33.94 -22.12
N SER E 211 18.56 -34.76 -23.16
CA SER E 211 19.37 -35.98 -23.24
C SER E 211 20.78 -35.69 -23.73
N SER E 212 20.98 -34.51 -24.32
CA SER E 212 22.27 -34.12 -24.87
C SER E 212 23.14 -33.33 -23.89
N LEU E 213 22.57 -33.00 -22.74
CA LEU E 213 23.30 -32.25 -21.72
C LEU E 213 24.45 -33.06 -21.14
N GLY E 214 25.66 -32.50 -21.20
CA GLY E 214 26.83 -33.17 -20.65
C GLY E 214 27.65 -33.89 -21.71
N THR E 215 27.05 -34.09 -22.88
CA THR E 215 27.75 -34.70 -24.01
C THR E 215 28.09 -33.63 -25.04
N GLN E 216 27.06 -32.93 -25.51
CA GLN E 216 27.23 -31.75 -26.33
C GLN E 216 27.68 -30.63 -25.41
N THR E 217 28.38 -29.64 -25.95
CA THR E 217 28.79 -28.50 -25.15
C THR E 217 28.33 -27.20 -25.79
N TYR E 218 27.61 -26.39 -25.02
CA TYR E 218 27.03 -25.17 -25.55
C TYR E 218 27.82 -23.93 -25.18
N ILE E 219 28.26 -23.20 -26.20
CA ILE E 219 29.00 -21.96 -26.01
C ILE E 219 28.33 -20.83 -26.77
N CYS E 220 27.94 -19.77 -26.06
CA CYS E 220 27.34 -18.60 -26.70
C CYS E 220 28.42 -17.58 -27.05
N ASN E 221 28.41 -17.13 -28.30
CA ASN E 221 29.43 -16.19 -28.77
C ASN E 221 28.90 -14.76 -28.86
N VAL E 222 29.33 -13.92 -27.92
CA VAL E 222 28.86 -12.55 -27.83
C VAL E 222 29.89 -11.57 -28.42
N ASN E 223 29.45 -10.72 -29.33
CA ASN E 223 30.34 -9.77 -29.98
C ASN E 223 29.82 -8.33 -29.87
N HIS E 224 30.59 -7.50 -29.18
CA HIS E 224 30.23 -6.10 -29.02
C HIS E 224 31.21 -5.21 -29.78
N LYS E 225 30.85 -4.88 -31.02
CA LYS E 225 31.73 -4.14 -31.92
C LYS E 225 32.20 -2.79 -31.37
N PRO E 226 31.28 -2.02 -30.75
CA PRO E 226 31.63 -0.72 -30.20
C PRO E 226 32.91 -0.75 -29.37
N SER E 227 32.88 -1.46 -28.25
CA SER E 227 34.06 -1.57 -27.39
C SER E 227 34.97 -2.70 -27.85
N ASN E 228 34.77 -3.16 -29.08
CA ASN E 228 35.58 -4.23 -29.65
C ASN E 228 35.85 -5.35 -28.65
N THR E 229 34.78 -5.95 -28.14
CA THR E 229 34.89 -7.03 -27.16
C THR E 229 34.18 -8.29 -27.62
N LYS E 230 34.94 -9.36 -27.79
CA LYS E 230 34.37 -10.66 -28.12
C LYS E 230 34.53 -11.65 -26.97
N VAL E 231 33.44 -12.34 -26.62
CA VAL E 231 33.45 -13.25 -25.48
C VAL E 231 32.78 -14.59 -25.78
N ASP E 232 33.29 -15.66 -25.17
CA ASP E 232 32.71 -16.99 -25.30
C ASP E 232 32.48 -17.59 -23.92
N LYS E 233 31.29 -18.14 -23.69
CA LYS E 233 30.95 -18.69 -22.38
C LYS E 233 30.27 -20.06 -22.49
N ARG E 234 30.81 -21.06 -21.79
CA ARG E 234 30.20 -22.38 -21.77
C ARG E 234 29.05 -22.43 -20.77
N VAL E 235 27.87 -22.77 -21.24
CA VAL E 235 26.72 -22.92 -20.34
C VAL E 235 26.51 -24.39 -19.97
N GLU E 236 26.76 -24.71 -18.71
CA GLU E 236 26.71 -26.10 -18.25
C GLU E 236 26.38 -26.26 -16.78
N PRO E 237 25.74 -27.39 -16.43
CA PRO E 237 25.51 -27.81 -15.04
C PRO E 237 26.86 -28.09 -14.37
N LYS E 238 26.89 -28.23 -13.04
CA LYS E 238 25.75 -27.99 -12.18
C LYS E 238 26.01 -26.85 -11.16
N ALA F 3 -5.12 6.83 -16.85
CA ALA F 3 -5.16 6.25 -18.18
C ALA F 3 -6.48 5.53 -18.43
N LEU F 4 -6.94 5.55 -19.67
CA LEU F 4 -8.14 4.84 -20.06
C LEU F 4 -7.86 3.35 -20.13
N THR F 5 -8.81 2.55 -19.67
CA THR F 5 -8.61 1.11 -19.57
C THR F 5 -9.06 0.35 -20.81
N GLN F 6 -8.10 -0.24 -21.51
CA GLN F 6 -8.40 -1.10 -22.66
C GLN F 6 -7.94 -2.51 -22.37
N PRO F 7 -8.61 -3.49 -22.98
CA PRO F 7 -8.12 -4.87 -22.91
C PRO F 7 -6.73 -4.94 -23.54
N ALA F 8 -5.89 -5.82 -23.01
CA ALA F 8 -4.52 -5.95 -23.50
C ALA F 8 -4.51 -6.51 -24.92
N SER F 9 -5.44 -7.42 -25.20
CA SER F 9 -5.49 -8.07 -26.51
C SER F 9 -6.85 -8.65 -26.84
N VAL F 10 -7.29 -8.43 -28.09
CA VAL F 10 -8.50 -9.05 -28.59
C VAL F 10 -8.19 -9.75 -29.92
N SER F 11 -8.74 -10.94 -30.11
CA SER F 11 -8.45 -11.73 -31.31
C SER F 11 -9.72 -12.24 -31.98
N GLY F 12 -9.65 -12.42 -33.30
CA GLY F 12 -10.80 -12.90 -34.05
C GLY F 12 -10.40 -13.49 -35.38
N SER F 13 -11.34 -14.16 -36.04
CA SER F 13 -11.08 -14.74 -37.34
C SER F 13 -11.50 -13.80 -38.45
N PRO F 14 -10.90 -13.95 -39.64
CA PRO F 14 -11.25 -13.13 -40.80
C PRO F 14 -12.75 -13.20 -41.09
N GLY F 15 -13.37 -12.04 -41.28
CA GLY F 15 -14.80 -11.96 -41.52
C GLY F 15 -15.60 -11.81 -40.24
N GLN F 16 -15.02 -12.28 -39.14
CA GLN F 16 -15.69 -12.22 -37.84
C GLN F 16 -15.79 -10.78 -37.35
N THR F 17 -16.76 -10.52 -36.48
CA THR F 17 -16.93 -9.17 -35.92
C THR F 17 -16.34 -9.08 -34.52
N ILE F 18 -15.71 -7.96 -34.21
CA ILE F 18 -14.98 -7.80 -32.96
C ILE F 18 -15.19 -6.43 -32.30
N THR F 19 -15.06 -6.38 -30.98
CA THR F 19 -15.23 -5.15 -30.24
C THR F 19 -14.15 -4.93 -29.17
N ILE F 20 -13.61 -3.71 -29.12
CA ILE F 20 -12.63 -3.34 -28.11
C ILE F 20 -13.24 -2.34 -27.13
N SER F 21 -13.24 -2.67 -25.84
CA SER F 21 -13.81 -1.79 -24.83
C SER F 21 -12.79 -0.73 -24.39
N CYS F 22 -13.30 0.40 -23.91
CA CYS F 22 -12.47 1.48 -23.39
C CYS F 22 -13.13 2.09 -22.17
N ASN F 23 -12.72 1.62 -20.99
CA ASN F 23 -13.35 2.09 -19.75
C ASN F 23 -12.66 3.30 -19.12
N GLY F 24 -13.45 4.33 -18.82
CA GLY F 24 -12.94 5.54 -18.19
C GLY F 24 -13.82 6.04 -17.06
N THR F 25 -13.78 7.34 -16.82
CA THR F 25 -14.55 7.97 -15.75
C THR F 25 -15.41 9.12 -16.29
N SER F 26 -16.15 9.77 -15.38
CA SER F 26 -17.04 10.87 -15.76
C SER F 26 -16.26 12.15 -15.98
N SER F 27 -14.94 12.03 -15.92
CA SER F 27 -14.05 13.18 -16.10
C SER F 27 -13.60 13.25 -17.55
N ASP F 28 -13.99 12.26 -18.35
CA ASP F 28 -13.56 12.18 -19.74
C ASP F 28 -14.62 11.55 -20.65
N VAL F 29 -14.51 10.24 -20.85
CA VAL F 29 -15.43 9.51 -21.72
C VAL F 29 -16.87 9.89 -21.48
N GLY F 30 -17.35 9.65 -20.25
CA GLY F 30 -18.72 9.96 -19.91
C GLY F 30 -19.01 11.44 -19.80
N GLY F 31 -17.95 12.24 -19.71
CA GLY F 31 -18.10 13.68 -19.54
C GLY F 31 -18.27 14.40 -20.87
N PHE F 32 -17.76 13.79 -21.94
CA PHE F 32 -17.81 14.41 -23.24
C PHE F 32 -18.16 13.40 -24.32
N ASP F 33 -18.45 13.90 -25.51
CA ASP F 33 -18.66 13.06 -26.67
C ASP F 33 -17.55 13.36 -27.66
N SER F 34 -16.31 13.31 -27.18
CA SER F 34 -15.16 13.63 -28.01
C SER F 34 -14.13 12.51 -27.97
N VAL F 35 -14.59 11.28 -28.15
CA VAL F 35 -13.71 10.12 -28.16
C VAL F 35 -13.24 9.78 -29.57
N SER F 36 -11.96 9.43 -29.68
CA SER F 36 -11.38 9.06 -30.96
C SER F 36 -10.56 7.77 -30.85
N TRP F 37 -10.35 7.11 -31.97
CA TRP F 37 -9.61 5.86 -32.01
C TRP F 37 -8.46 5.92 -33.01
N TYR F 38 -7.34 5.29 -32.67
CA TYR F 38 -6.16 5.39 -33.51
C TYR F 38 -5.48 4.04 -33.76
N GLN F 39 -5.31 3.72 -35.03
CA GLN F 39 -4.66 2.48 -35.45
C GLN F 39 -3.18 2.70 -35.74
N GLN F 40 -2.33 1.94 -35.05
CA GLN F 40 -0.89 2.01 -35.28
C GLN F 40 -0.34 0.68 -35.77
N SER F 41 -0.11 0.61 -37.08
CA SER F 41 0.48 -0.56 -37.71
C SER F 41 1.96 -0.64 -37.38
N PRO F 42 2.50 -1.87 -37.30
CA PRO F 42 3.90 -2.11 -36.94
C PRO F 42 4.86 -1.18 -37.68
N GLY F 43 5.80 -0.58 -36.96
CA GLY F 43 6.77 0.32 -37.56
C GLY F 43 6.13 1.41 -38.41
N LYS F 44 5.05 1.97 -37.90
CA LYS F 44 4.36 3.06 -38.60
C LYS F 44 3.82 4.09 -37.62
N ALA F 45 3.29 5.19 -38.15
CA ALA F 45 2.67 6.23 -37.33
C ALA F 45 1.19 5.93 -37.18
N PRO F 46 0.62 6.30 -36.02
CA PRO F 46 -0.81 6.06 -35.77
C PRO F 46 -1.70 6.64 -36.87
N LYS F 47 -2.98 6.30 -36.82
CA LYS F 47 -3.94 6.72 -37.83
C LYS F 47 -5.34 6.80 -37.27
N VAL F 48 -5.96 7.97 -37.37
CA VAL F 48 -7.32 8.16 -36.88
C VAL F 48 -8.27 7.24 -37.65
N MET F 49 -9.10 6.51 -36.92
CA MET F 49 -10.09 5.64 -37.54
C MET F 49 -11.49 6.12 -37.19
N VAL F 50 -11.62 6.70 -36.00
CA VAL F 50 -12.89 7.21 -35.52
C VAL F 50 -12.66 8.46 -34.67
N PHE F 51 -13.62 9.39 -34.70
CA PHE F 51 -13.59 10.55 -33.82
C PHE F 51 -15.01 10.97 -33.44
N ASP F 52 -15.13 11.77 -32.40
CA ASP F 52 -16.43 12.16 -31.87
C ASP F 52 -17.32 10.93 -31.64
N VAL F 53 -16.69 9.86 -31.17
CA VAL F 53 -17.39 8.62 -30.80
C VAL F 53 -17.74 7.71 -31.97
N SER F 54 -18.48 8.23 -32.95
CA SER F 54 -19.03 7.39 -34.01
C SER F 54 -18.73 7.84 -35.44
N HIS F 55 -18.05 8.98 -35.58
CA HIS F 55 -17.77 9.52 -36.92
C HIS F 55 -16.49 8.97 -37.54
N ARG F 56 -16.54 8.74 -38.85
CA ARG F 56 -15.39 8.21 -39.58
C ARG F 56 -14.81 9.24 -40.54
N PRO F 57 -13.49 9.46 -40.46
CA PRO F 57 -12.80 10.39 -41.35
C PRO F 57 -13.01 9.98 -42.81
N SER F 58 -13.01 10.95 -43.72
CA SER F 58 -13.21 10.67 -45.13
C SER F 58 -12.18 9.66 -45.65
N GLY F 59 -12.68 8.57 -46.24
CA GLY F 59 -11.82 7.56 -46.80
C GLY F 59 -11.40 6.48 -45.82
N ILE F 60 -12.28 6.16 -44.88
CA ILE F 60 -12.01 5.08 -43.92
C ILE F 60 -13.10 4.01 -43.93
N SER F 61 -12.68 2.76 -44.08
CA SER F 61 -13.58 1.64 -44.28
C SER F 61 -14.84 1.70 -43.41
N ASN F 62 -15.97 1.33 -44.01
CA ASN F 62 -17.24 1.30 -43.31
C ASN F 62 -17.20 0.26 -42.19
N ARG F 63 -16.28 -0.69 -42.32
CA ARG F 63 -16.18 -1.80 -41.38
C ARG F 63 -15.88 -1.34 -39.96
N PHE F 64 -15.41 -0.11 -39.82
CA PHE F 64 -15.08 0.44 -38.52
C PHE F 64 -16.24 1.25 -37.96
N SER F 65 -16.69 0.91 -36.75
CA SER F 65 -17.80 1.60 -36.10
C SER F 65 -17.51 1.88 -34.63
N GLY F 66 -18.05 2.99 -34.13
CA GLY F 66 -17.80 3.39 -32.75
C GLY F 66 -19.07 3.71 -31.97
N SER F 67 -19.04 3.47 -30.66
CA SER F 67 -20.18 3.74 -29.79
C SER F 67 -19.74 4.23 -28.43
N LYS F 68 -20.71 4.55 -27.57
CA LYS F 68 -20.42 4.99 -26.20
C LYS F 68 -21.61 4.81 -25.28
N SER F 69 -21.32 4.46 -24.03
CA SER F 69 -22.35 4.29 -23.01
C SER F 69 -21.79 4.58 -21.63
N GLY F 70 -22.30 5.61 -20.98
CA GLY F 70 -21.84 5.99 -19.66
C GLY F 70 -20.39 6.41 -19.66
N ASN F 71 -19.53 5.67 -18.96
CA ASN F 71 -18.11 5.97 -18.90
C ASN F 71 -17.27 5.07 -19.79
N THR F 72 -17.92 4.17 -20.51
CA THR F 72 -17.21 3.20 -21.33
C THR F 72 -17.59 3.29 -22.80
N ALA F 73 -16.59 3.39 -23.66
CA ALA F 73 -16.80 3.44 -25.10
C ALA F 73 -16.26 2.18 -25.75
N SER F 74 -16.55 1.99 -27.03
CA SER F 74 -16.15 0.77 -27.73
C SER F 74 -15.96 0.95 -29.24
N LEU F 75 -14.97 0.25 -29.78
CA LEU F 75 -14.72 0.25 -31.22
C LEU F 75 -15.09 -1.12 -31.80
N THR F 76 -15.95 -1.12 -32.82
CA THR F 76 -16.42 -2.35 -33.43
C THR F 76 -15.93 -2.53 -34.87
N ILE F 77 -15.11 -3.57 -35.08
CA ILE F 77 -14.61 -3.91 -36.41
C ILE F 77 -15.35 -5.11 -36.99
N SER F 78 -16.29 -4.84 -37.90
CA SER F 78 -17.04 -5.90 -38.56
C SER F 78 -16.31 -6.45 -39.78
N GLY F 79 -16.19 -7.77 -39.85
CA GLY F 79 -15.52 -8.41 -40.97
C GLY F 79 -14.03 -8.14 -40.97
N LEU F 80 -13.32 -8.80 -40.06
CA LEU F 80 -11.89 -8.57 -39.90
C LEU F 80 -11.10 -8.99 -41.13
N HIS F 81 -10.25 -8.10 -41.60
CA HIS F 81 -9.26 -8.44 -42.61
C HIS F 81 -7.90 -8.41 -41.92
N ILE F 82 -6.90 -9.01 -42.55
CA ILE F 82 -5.56 -9.01 -42.00
C ILE F 82 -4.99 -7.59 -41.88
N GLU F 83 -5.47 -6.69 -42.72
CA GLU F 83 -5.01 -5.31 -42.73
C GLU F 83 -5.42 -4.53 -41.48
N ASP F 84 -6.29 -5.12 -40.67
CA ASP F 84 -6.72 -4.47 -39.43
C ASP F 84 -5.76 -4.75 -38.27
N GLU F 85 -4.91 -5.75 -38.43
CA GLU F 85 -3.97 -6.12 -37.38
C GLU F 85 -3.12 -4.94 -36.93
N GLY F 86 -2.74 -4.93 -35.65
CA GLY F 86 -1.92 -3.86 -35.11
C GLY F 86 -2.34 -3.43 -33.71
N ASP F 87 -2.05 -2.17 -33.37
CA ASP F 87 -2.41 -1.63 -32.07
C ASP F 87 -3.45 -0.52 -32.19
N TYR F 88 -4.39 -0.49 -31.24
CA TYR F 88 -5.45 0.50 -31.26
C TYR F 88 -5.55 1.26 -29.93
N PHE F 89 -5.51 2.59 -30.03
CA PHE F 89 -5.57 3.44 -28.85
C PHE F 89 -6.80 4.33 -28.85
N CYS F 90 -7.53 4.33 -27.74
CA CYS F 90 -8.63 5.27 -27.54
C CYS F 90 -8.10 6.49 -26.79
N SER F 91 -8.64 7.66 -27.14
CA SER F 91 -8.25 8.90 -26.49
C SER F 91 -9.47 9.83 -26.34
N SER F 92 -9.53 10.52 -25.21
CA SER F 92 -10.68 11.37 -24.90
C SER F 92 -10.27 12.77 -24.46
N LEU F 93 -11.17 13.72 -24.64
CA LEU F 93 -11.01 15.05 -24.09
C LEU F 93 -11.34 14.97 -22.60
N THR F 94 -10.66 15.78 -21.79
CA THR F 94 -10.84 15.74 -20.34
C THR F 94 -11.38 17.07 -19.80
N ASP F 95 -11.85 17.06 -18.54
CA ASP F 95 -12.47 18.23 -17.95
C ASP F 95 -11.44 19.23 -17.40
N ARG F 96 -10.18 18.98 -17.72
CA ARG F 96 -9.10 19.90 -17.43
C ARG F 96 -8.55 20.39 -18.76
N SER F 97 -9.21 19.96 -19.83
CA SER F 97 -8.82 20.29 -21.19
C SER F 97 -7.47 19.68 -21.57
N HIS F 98 -7.25 18.43 -21.16
CA HIS F 98 -6.06 17.69 -21.56
C HIS F 98 -6.46 16.57 -22.51
N ARG F 99 -5.47 15.86 -23.03
CA ARG F 99 -5.71 14.68 -23.85
C ARG F 99 -5.20 13.46 -23.11
N ILE F 100 -5.99 12.38 -23.12
CA ILE F 100 -5.62 11.17 -22.40
C ILE F 100 -5.79 9.94 -23.27
N PHE F 101 -4.84 9.01 -23.16
CA PHE F 101 -4.87 7.80 -23.96
C PHE F 101 -5.13 6.56 -23.11
N GLY F 102 -5.59 5.50 -23.77
CA GLY F 102 -5.77 4.23 -23.10
C GLY F 102 -4.50 3.41 -23.19
N GLY F 103 -4.47 2.27 -22.48
CA GLY F 103 -3.30 1.42 -22.48
C GLY F 103 -2.96 0.90 -23.86
N GLY F 104 -3.99 0.66 -24.67
CA GLY F 104 -3.79 0.16 -26.02
C GLY F 104 -4.28 -1.26 -26.17
N THR F 105 -4.46 -1.71 -27.40
CA THR F 105 -4.96 -3.06 -27.64
C THR F 105 -4.36 -3.67 -28.91
N LYS F 106 -3.77 -4.85 -28.77
CA LYS F 106 -3.27 -5.59 -29.93
C LYS F 106 -4.35 -6.46 -30.53
N VAL F 107 -4.81 -6.08 -31.71
CA VAL F 107 -5.83 -6.85 -32.42
C VAL F 107 -5.18 -7.86 -33.34
N THR F 108 -5.54 -9.13 -33.14
CA THR F 108 -4.96 -10.20 -33.93
C THR F 108 -6.00 -10.88 -34.82
N VAL F 109 -5.71 -10.97 -36.11
CA VAL F 109 -6.57 -11.68 -37.04
C VAL F 109 -6.09 -13.12 -37.18
N LEU F 110 -6.65 -14.00 -36.35
CA LEU F 110 -6.23 -15.39 -36.26
C LEU F 110 -5.95 -16.05 -37.61
N GLY F 111 -4.74 -16.58 -37.75
CA GLY F 111 -4.37 -17.37 -38.92
C GLY F 111 -3.95 -18.74 -38.43
N GLN F 112 -3.89 -18.89 -37.12
CA GLN F 112 -3.52 -20.15 -36.49
C GLN F 112 -3.99 -20.17 -35.05
N PRO F 113 -4.49 -21.33 -34.61
CA PRO F 113 -5.03 -21.60 -33.28
C PRO F 113 -4.08 -21.25 -32.13
N LYS F 114 -4.54 -21.54 -30.93
CA LYS F 114 -3.96 -21.00 -29.71
C LYS F 114 -2.86 -21.89 -29.13
N ALA F 115 -2.08 -21.32 -28.23
CA ALA F 115 -1.04 -22.06 -27.53
C ALA F 115 -0.62 -21.35 -26.26
N ALA F 116 -0.52 -22.11 -25.18
CA ALA F 116 -0.15 -21.55 -23.87
C ALA F 116 1.36 -21.33 -23.80
N PRO F 117 1.80 -20.43 -22.91
CA PRO F 117 3.23 -20.09 -22.88
C PRO F 117 4.08 -21.06 -22.07
N SER F 118 5.26 -21.36 -22.58
CA SER F 118 6.25 -22.15 -21.84
C SER F 118 7.24 -21.20 -21.15
N VAL F 119 7.17 -21.14 -19.83
CA VAL F 119 8.00 -20.19 -19.10
C VAL F 119 9.11 -20.85 -18.28
N THR F 120 10.28 -20.21 -18.28
CA THR F 120 11.42 -20.66 -17.50
C THR F 120 12.07 -19.49 -16.78
N LEU F 121 12.31 -19.67 -15.48
CA LEU F 121 12.87 -18.61 -14.66
C LEU F 121 14.23 -18.99 -14.08
N PHE F 122 15.23 -18.17 -14.36
CA PHE F 122 16.59 -18.42 -13.90
C PHE F 122 16.94 -17.58 -12.70
N PRO F 123 17.77 -18.13 -11.79
CA PRO F 123 18.35 -17.38 -10.68
C PRO F 123 19.57 -16.61 -11.17
N PRO F 124 20.08 -15.67 -10.39
CA PRO F 124 21.33 -15.00 -10.79
C PRO F 124 22.48 -16.01 -10.74
N SER F 125 23.38 -15.95 -11.71
CA SER F 125 24.53 -16.85 -11.71
C SER F 125 25.44 -16.54 -10.53
N SER F 126 26.22 -17.52 -10.10
CA SER F 126 27.18 -17.32 -9.02
C SER F 126 28.19 -16.26 -9.43
N GLU F 127 28.48 -16.22 -10.72
CA GLU F 127 29.47 -15.29 -11.27
C GLU F 127 28.97 -13.85 -11.22
N GLU F 128 27.67 -13.65 -11.35
CA GLU F 128 27.08 -12.32 -11.25
C GLU F 128 27.08 -11.83 -9.81
N LEU F 129 26.78 -12.75 -8.89
CA LEU F 129 26.76 -12.40 -7.47
C LEU F 129 28.17 -12.09 -6.97
N GLN F 130 29.17 -12.72 -7.58
CA GLN F 130 30.56 -12.41 -7.27
C GLN F 130 30.94 -11.07 -7.88
N ALA F 131 30.21 -10.70 -8.93
CA ALA F 131 30.36 -9.38 -9.54
C ALA F 131 29.53 -8.37 -8.76
N ASN F 132 28.94 -8.85 -7.66
CA ASN F 132 28.14 -8.01 -6.78
C ASN F 132 26.89 -7.46 -7.44
N LYS F 133 26.20 -8.31 -8.20
CA LYS F 133 24.94 -7.93 -8.81
C LYS F 133 23.97 -9.12 -8.81
N ALA F 134 22.74 -8.89 -9.23
CA ALA F 134 21.73 -9.95 -9.27
C ALA F 134 20.58 -9.62 -10.21
N THR F 135 20.35 -10.47 -11.20
CA THR F 135 19.24 -10.29 -12.12
C THR F 135 18.49 -11.58 -12.39
N LEU F 136 17.18 -11.56 -12.16
CA LEU F 136 16.34 -12.71 -12.46
C LEU F 136 15.87 -12.66 -13.91
N VAL F 137 15.86 -13.82 -14.57
CA VAL F 137 15.51 -13.87 -15.98
C VAL F 137 14.34 -14.81 -16.24
N CYS F 138 13.20 -14.23 -16.59
CA CYS F 138 12.00 -15.01 -16.91
C CYS F 138 11.80 -15.05 -18.42
N LEU F 139 11.95 -16.23 -19.00
CA LEU F 139 11.82 -16.37 -20.45
C LEU F 139 10.53 -17.07 -20.85
N ILE F 140 9.87 -16.51 -21.85
CA ILE F 140 8.54 -16.96 -22.26
C ILE F 140 8.50 -17.26 -23.75
N SER F 141 7.91 -18.40 -24.12
CA SER F 141 7.91 -18.85 -25.52
C SER F 141 6.70 -19.72 -25.91
N ASP F 142 6.45 -19.80 -27.22
CA ASP F 142 5.47 -20.71 -27.81
C ASP F 142 4.00 -20.36 -27.58
N PHE F 143 3.73 -19.08 -27.31
CA PHE F 143 2.37 -18.67 -27.01
C PHE F 143 1.69 -17.93 -28.16
N TYR F 144 0.35 -17.94 -28.14
CA TYR F 144 -0.42 -17.23 -29.15
C TYR F 144 -1.87 -17.09 -28.65
N PRO F 145 -2.46 -15.90 -28.85
CA PRO F 145 -1.85 -14.73 -29.51
C PRO F 145 -0.68 -14.15 -28.73
N GLY F 146 0.04 -13.22 -29.36
CA GLY F 146 1.20 -12.61 -28.74
C GLY F 146 0.88 -11.48 -27.79
N ALA F 147 0.27 -11.81 -26.66
CA ALA F 147 -0.03 -10.83 -25.62
C ALA F 147 -0.06 -11.46 -24.23
N VAL F 148 0.96 -11.16 -23.43
CA VAL F 148 1.07 -11.72 -22.09
C VAL F 148 1.30 -10.63 -21.05
N THR F 149 0.96 -10.94 -19.81
CA THR F 149 1.17 -10.02 -18.70
C THR F 149 2.16 -10.62 -17.69
N VAL F 150 3.28 -9.94 -17.50
CA VAL F 150 4.31 -10.44 -16.60
C VAL F 150 4.24 -9.80 -15.22
N ALA F 151 4.07 -10.63 -14.20
CA ALA F 151 3.98 -10.15 -12.83
C ALA F 151 5.00 -10.83 -11.94
N TRP F 152 5.81 -10.03 -11.26
CA TRP F 152 6.82 -10.54 -10.34
C TRP F 152 6.32 -10.50 -8.91
N LYS F 153 6.86 -11.36 -8.07
CA LYS F 153 6.44 -11.46 -6.68
C LYS F 153 7.56 -11.87 -5.76
N ALA F 154 7.88 -11.01 -4.81
CA ALA F 154 8.82 -11.33 -3.75
C ALA F 154 8.09 -12.10 -2.66
N ASP F 155 8.31 -13.41 -2.60
CA ASP F 155 7.61 -14.28 -1.66
C ASP F 155 6.12 -14.27 -1.98
N SER F 156 5.35 -13.56 -1.15
CA SER F 156 3.92 -13.47 -1.36
C SER F 156 3.54 -12.07 -1.86
N SER F 157 4.44 -11.12 -1.67
CA SER F 157 4.19 -9.73 -2.05
C SER F 157 4.74 -9.38 -3.43
N PRO F 158 4.00 -8.54 -4.17
CA PRO F 158 4.34 -8.10 -5.53
C PRO F 158 5.55 -7.17 -5.57
N VAL F 159 6.10 -6.98 -6.76
CA VAL F 159 7.25 -6.10 -6.95
C VAL F 159 7.19 -5.45 -8.32
N LYS F 160 7.34 -4.13 -8.35
CA LYS F 160 7.28 -3.40 -9.60
C LYS F 160 8.60 -2.69 -9.93
N ALA F 161 9.43 -2.45 -8.92
CA ALA F 161 10.69 -1.76 -9.13
C ALA F 161 11.80 -2.71 -9.59
N GLY F 162 12.41 -2.37 -10.72
CA GLY F 162 13.50 -3.18 -11.27
C GLY F 162 13.02 -4.20 -12.28
N VAL F 163 11.83 -3.99 -12.83
CA VAL F 163 11.26 -4.92 -13.79
C VAL F 163 11.25 -4.37 -15.22
N GLU F 164 11.75 -5.17 -16.15
CA GLU F 164 11.77 -4.78 -17.56
C GLU F 164 11.29 -5.92 -18.43
N THR F 165 10.21 -5.70 -19.16
CA THR F 165 9.63 -6.72 -20.03
C THR F 165 9.60 -6.27 -21.49
N THR F 166 10.30 -7.02 -22.34
CA THR F 166 10.37 -6.71 -23.77
C THR F 166 8.99 -6.84 -24.42
N THR F 167 8.92 -6.47 -25.70
CA THR F 167 7.71 -6.68 -26.49
C THR F 167 7.79 -8.03 -27.18
N PRO F 168 6.72 -8.81 -27.09
CA PRO F 168 6.69 -10.15 -27.69
C PRO F 168 7.15 -10.12 -29.15
N SER F 169 7.90 -11.13 -29.55
CA SER F 169 8.40 -11.21 -30.92
C SER F 169 8.10 -12.58 -31.54
N LYS F 170 7.66 -12.57 -32.79
CA LYS F 170 7.28 -13.79 -33.48
C LYS F 170 8.45 -14.76 -33.56
N GLN F 171 8.17 -16.04 -33.41
CA GLN F 171 9.20 -17.06 -33.51
C GLN F 171 9.28 -17.64 -34.91
N SER F 172 10.15 -18.61 -35.09
CA SER F 172 10.30 -19.29 -36.38
C SER F 172 9.08 -20.17 -36.63
N ASN F 173 8.36 -20.50 -35.57
CA ASN F 173 7.16 -21.33 -35.66
C ASN F 173 5.88 -20.50 -35.54
N ASN F 174 6.00 -19.20 -35.80
CA ASN F 174 4.86 -18.29 -35.81
C ASN F 174 4.20 -18.04 -34.45
N LYS F 175 4.71 -18.70 -33.42
CA LYS F 175 4.29 -18.39 -32.05
C LYS F 175 5.00 -17.11 -31.62
N TYR F 176 4.91 -16.75 -30.35
CA TYR F 176 5.58 -15.55 -29.86
C TYR F 176 6.49 -15.84 -28.68
N ALA F 177 7.49 -14.98 -28.49
CA ALA F 177 8.43 -15.12 -27.39
C ALA F 177 8.74 -13.77 -26.76
N ALA F 178 8.81 -13.74 -25.44
CA ALA F 178 9.09 -12.51 -24.72
C ALA F 178 9.98 -12.77 -23.52
N SER F 179 10.79 -11.78 -23.16
CA SER F 179 11.69 -11.91 -22.02
C SER F 179 11.45 -10.84 -20.97
N SER F 180 11.61 -11.19 -19.70
CA SER F 180 11.38 -10.26 -18.60
C SER F 180 12.47 -10.39 -17.55
N TYR F 181 12.99 -9.26 -17.09
CA TYR F 181 14.06 -9.26 -16.09
C TYR F 181 13.66 -8.55 -14.81
N LEU F 182 14.25 -8.98 -13.70
CA LEU F 182 14.09 -8.29 -12.42
C LEU F 182 15.46 -8.00 -11.81
N SER F 183 15.92 -6.77 -11.99
CA SER F 183 17.20 -6.35 -11.43
C SER F 183 17.12 -6.28 -9.91
N LEU F 184 18.09 -6.89 -9.25
CA LEU F 184 18.16 -6.91 -7.79
C LEU F 184 19.57 -6.64 -7.28
N THR F 185 19.68 -6.34 -6.00
CA THR F 185 20.97 -6.25 -5.33
C THR F 185 21.22 -7.59 -4.66
N PRO F 186 22.50 -8.01 -4.60
CA PRO F 186 22.87 -9.31 -4.02
C PRO F 186 22.23 -9.54 -2.65
N GLU F 187 21.98 -8.46 -1.92
CA GLU F 187 21.41 -8.58 -0.58
C GLU F 187 19.89 -8.79 -0.63
N GLN F 188 19.21 -8.05 -1.50
CA GLN F 188 17.78 -8.18 -1.66
C GLN F 188 17.40 -9.61 -1.99
N TRP F 189 18.27 -10.26 -2.76
CA TRP F 189 18.02 -11.59 -3.27
C TRP F 189 18.15 -12.68 -2.19
N LYS F 190 19.07 -12.47 -1.26
CA LYS F 190 19.33 -13.44 -0.21
C LYS F 190 18.31 -13.36 0.93
N SER F 191 17.71 -12.19 1.10
CA SER F 191 16.83 -11.93 2.24
C SER F 191 15.47 -12.63 2.13
N HIS F 192 14.88 -12.62 0.93
CA HIS F 192 13.54 -13.16 0.73
C HIS F 192 13.52 -14.68 0.63
N LYS F 193 12.38 -15.28 0.95
CA LYS F 193 12.20 -16.72 0.84
C LYS F 193 12.31 -17.18 -0.61
N SER F 194 11.41 -16.67 -1.46
CA SER F 194 11.38 -17.07 -2.86
C SER F 194 10.92 -15.93 -3.77
N TYR F 195 11.22 -16.05 -5.05
CA TYR F 195 10.74 -15.10 -6.04
C TYR F 195 9.91 -15.82 -7.11
N SER F 196 8.78 -15.22 -7.48
CA SER F 196 7.88 -15.84 -8.44
C SER F 196 7.73 -15.01 -9.71
N CYS F 197 7.73 -15.69 -10.84
CA CYS F 197 7.49 -15.05 -12.13
C CYS F 197 6.14 -15.54 -12.66
N GLN F 198 5.19 -14.62 -12.79
CA GLN F 198 3.84 -15.00 -13.18
C GLN F 198 3.44 -14.38 -14.53
N VAL F 199 3.38 -15.21 -15.56
CA VAL F 199 2.90 -14.74 -16.86
C VAL F 199 1.45 -15.18 -17.05
N THR F 200 0.57 -14.22 -17.34
CA THR F 200 -0.82 -14.53 -17.58
C THR F 200 -1.14 -14.44 -19.06
N HIS F 201 -1.78 -15.47 -19.59
CA HIS F 201 -2.08 -15.52 -21.00
C HIS F 201 -3.50 -16.06 -21.24
N GLU F 202 -4.36 -15.18 -21.73
CA GLU F 202 -5.75 -15.53 -22.03
C GLU F 202 -6.46 -16.11 -20.81
N GLY F 203 -6.42 -15.37 -19.70
CA GLY F 203 -7.09 -15.77 -18.48
C GLY F 203 -6.34 -16.83 -17.70
N SER F 204 -5.46 -17.55 -18.40
CA SER F 204 -4.69 -18.61 -17.76
C SER F 204 -3.32 -18.10 -17.32
N THR F 205 -2.91 -18.50 -16.11
CA THR F 205 -1.63 -18.04 -15.56
C THR F 205 -0.65 -19.19 -15.34
N VAL F 206 0.59 -18.99 -15.78
CA VAL F 206 1.67 -19.95 -15.56
C VAL F 206 2.70 -19.33 -14.61
N GLU F 207 3.20 -20.13 -13.66
CA GLU F 207 4.13 -19.62 -12.66
C GLU F 207 5.31 -20.56 -12.41
N LYS F 208 6.50 -19.96 -12.32
CA LYS F 208 7.71 -20.67 -11.92
C LYS F 208 8.41 -19.88 -10.82
N THR F 209 9.09 -20.59 -9.91
CA THR F 209 9.67 -19.95 -8.73
C THR F 209 11.12 -20.37 -8.50
N VAL F 210 11.89 -19.50 -7.85
CA VAL F 210 13.29 -19.78 -7.55
C VAL F 210 13.65 -19.39 -6.12
N ALA F 211 14.66 -20.03 -5.55
CA ALA F 211 15.07 -19.76 -4.17
C ALA F 211 16.58 -19.51 -4.06
N PRO F 212 16.99 -18.74 -3.03
CA PRO F 212 18.37 -18.29 -2.81
C PRO F 212 19.40 -19.42 -2.60
N THR F 213 19.37 -20.03 -1.42
CA THR F 213 20.39 -21.01 -1.02
C THR F 213 20.71 -22.05 -2.10
C1 NAG G . -1.63 -21.70 -1.77
C2 NAG G . -2.51 -21.51 -3.05
C3 NAG G . -2.83 -20.07 -3.47
C4 NAG G . -2.63 -19.00 -2.42
C5 NAG G . -1.44 -19.38 -1.55
C6 NAG G . -1.13 -18.32 -0.49
C7 NAG G . -2.19 -21.99 -5.49
C8 NAG G . -1.38 -22.78 -6.47
N2 NAG G . -1.93 -22.23 -4.19
O3 NAG G . -4.19 -20.09 -3.84
O4 NAG G . -2.31 -17.74 -2.98
O5 NAG G . -1.76 -20.58 -0.92
O6 NAG G . -0.31 -18.90 0.50
O7 NAG G . -3.03 -21.20 -5.91
C1 NAG G . -3.41 -16.98 -3.53
C2 NAG G . -2.82 -16.01 -4.55
C3 NAG G . -3.89 -15.10 -5.13
C4 NAG G . -4.92 -16.00 -5.81
C5 NAG G . -5.46 -17.03 -4.81
C6 NAG G . -6.36 -18.05 -5.51
C7 NAG G . -0.46 -15.63 -4.27
C8 NAG G . -0.29 -16.32 -5.60
N2 NAG G . -1.71 -15.27 -3.97
O3 NAG G . -3.33 -14.23 -6.09
O4 NAG G . -5.99 -15.30 -6.43
O5 NAG G . -4.44 -17.75 -4.13
O6 NAG G . -5.75 -18.50 -6.70
O7 NAG G . 0.50 -15.44 -3.54
C1 BMA G . -6.97 -14.63 -5.55
C2 BMA G . -6.40 -13.27 -5.14
C3 BMA G . -7.33 -12.61 -4.13
C4 BMA G . -8.75 -12.55 -4.68
C5 BMA G . -9.19 -13.90 -5.25
C6 BMA G . -10.52 -13.74 -5.99
O2 BMA G . -6.25 -12.44 -6.26
O3 BMA G . -6.88 -11.31 -3.86
O4 BMA G . -9.62 -12.17 -3.65
O5 BMA G . -8.23 -14.40 -6.15
O6 BMA G . -10.85 -14.96 -6.63
C1 NAG H . -14.96 -2.32 -19.35
C2 NAG H . -14.84 -3.75 -19.91
C3 NAG H . -15.91 -4.76 -19.46
C4 NAG H . -16.60 -4.43 -18.14
C5 NAG H . -16.88 -2.93 -18.05
C6 NAG H . -17.52 -2.58 -16.71
C7 NAG H . -14.88 -4.81 -22.11
C8 NAG H . -16.19 -5.20 -22.71
N2 NAG H . -14.85 -3.70 -21.36
O3 NAG H . -15.28 -6.01 -19.35
O4 NAG H . -17.81 -5.15 -18.04
O5 NAG H . -15.65 -2.25 -18.12
O6 NAG H . -17.60 -1.18 -16.60
O7 NAG H . -13.87 -5.49 -22.30
C1 NAG H . -17.55 -6.49 -17.54
C2 NAG H . -18.41 -6.79 -16.32
C3 NAG H . -18.07 -8.16 -15.76
C4 NAG H . -18.15 -9.21 -16.85
C5 NAG H . -17.38 -8.78 -18.09
C6 NAG H . -17.62 -9.75 -19.25
C7 NAG H . -19.18 -4.86 -15.07
C8 NAG H . -20.26 -4.72 -16.10
N2 NAG H . -18.24 -5.76 -15.30
O3 NAG H . -18.95 -8.50 -14.71
O4 NAG H . -17.65 -10.44 -16.37
O5 NAG H . -17.75 -7.49 -18.52
O6 NAG H . -17.15 -9.15 -20.43
O7 NAG H . -19.18 -4.14 -14.06
C1 NAG I . -31.50 16.13 -7.79
C2 NAG I . -31.51 17.47 -8.53
C3 NAG I . -32.23 17.32 -9.86
C4 NAG I . -31.47 16.29 -10.68
C5 NAG I . -31.34 14.97 -9.91
C6 NAG I . -30.38 14.05 -10.67
C7 NAG I . -31.67 19.73 -7.75
C8 NAG I . -32.59 20.77 -8.34
N2 NAG I . -32.13 18.49 -7.72
O3 NAG I . -32.24 18.54 -10.54
O4 NAG I . -32.14 16.06 -11.89
O5 NAG I . -30.86 15.14 -8.59
O6 NAG I . -29.68 13.24 -9.75
O7 NAG I . -30.56 20.05 -7.32
#